data_5JA2
#
_entry.id   5JA2
#
_cell.length_a   159.270
_cell.length_b   57.690
_cell.length_c   182.424
_cell.angle_alpha   90.00
_cell.angle_beta   97.62
_cell.angle_gamma   90.00
#
_symmetry.space_group_name_H-M   'I 1 2 1'
#
loop_
_entity.id
_entity.type
_entity.pdbx_description
1 polymer 'Enterobactin synthase component F'
2 polymer 'MbtH-Like Protein PA2412'
3 non-polymer "5'-({[(2R,3S)-3-amino-4-hydroxy-2-{[2-({N-[(2R)-2-hydroxy-3,3-dimethyl-4-(phosphonooxy)butanoyl]-beta-alanyl}amino)ethyl]sulfanyl}butyl]sulfonyl}amino)-5'-deoxyadenosine"
4 non-polymer Meso-2,3-Butanediol
5 water water
#
loop_
_entity_poly.entity_id
_entity_poly.type
_entity_poly.pdbx_seq_one_letter_code
_entity_poly.pdbx_strand_id
1 'polypeptide(L)'
;GHMSQHLPLVAAQPGIWMAEKLSELPSAWSVAHYVELTGEVDSPLLARAVVAGLAQADTLRMRFTEDNGEVWQWVDDALT
FELPEIIDLRTNIDPHGTAQALMQADLQQDLRVDSGKPLVFHQLIQVADNRWYWYQRYHHLLVDGFSFPAITRQIANIYC
TWLRGEPTPASPFTPFADVVEEYQQYRESEAWQRDAAFWAEQRRQLPPPASLSPAPLPGRSASADILRLKLEFTDGEFRQ
LATQLSGVQRTDLALALAALWLGRLCNRMDYAAGFIFMRRLGSAALTATGPVLNVLPLGIHIAAQETLPELATRLAAQLK
KMRRHQRYDAEQIVRDSGRAAGDEPLFGPVLNIKVFDYQLDIPDVQAQTHTLATGPVNDLELALFPDVHGDLSIEILANK
QRYDEPTLIQHAERLKMLIAQFAADPALLCGDVDIMLPGEYAQLAQLNATQVEIPETTLSALVAEQAAKTPDAPALADAR
YLFSYREMREQVVALANLLRERGVKPGDSVAVALPRSVFLTLALHAIVEAGAAWLPLDTGYPDDRLKMMLEDARPSLLIT
TDDQLPRFSDVPNLTSLCYNAPLTPQGSAPLQLSQPHHTAYIIFTSGSTGRPKGVMVGQTAIVNRLLWMQNHYPLTGEDV
VAQKTPCSFDVSVWEFFWPFIAGAKLVMAEPEAHRDPLAMQQFFAEYGVTTTHFVPSMLAAFVASLTPQTARQSCATLKQ
VFCSGEALPADLCREWQQLTGAPLHNLYGPTEAAVDVSWYPAFGEELAQVRGSSVPIGYPVWNTGLRILDAMMHPVPPGV
AGDLYLTGIQLAQGYLGRPDLTASRFIADPFAPGERMYRTGDVARWLDNGAVEYLGRSDDQLKIRGQRIELGEIDRVMQA
LPDVEQAVTHACVINQAAATGGDARQLVGYLVSQSGLPLDTSALQAQLRETLPPHMVPVVLLQLPQLPLSANGKLDRKAL
PLPELKAQAPGRAPKAGSETIIAAAFSSLLGCDVQDADADFFALGGHSLLAMKLAAQLSRQVARQVTPGQVMVASTVAKL
ATIIDAEEDSTRRMGFETILPLREGNGPTLFCFHPASGFAWQFSVLSRYLDPQWSIIGIQSPRPNGPMQTAANLDEVCEA
HLATLLEQQPHGPYYLLGYSLGGTLAQGIAARLRARGEQVAFLGLLDTWPPETQNWQEKEANGLDPEVLAEINREREAFL
AAQQGSTSTELFTTIEGNYADAVRLLTTAHSVPFDGKATLFVAERTLQEGMSPERAWSPWIAELDIYRQDCAHVDIISPG
TFEKIGPIIRATLNR
;
A
2 'polypeptide(L)' GHMTSVFDRDDIQFQVVVNHEEQYSIWPEYKEIPQGWRAAGKSGLKKDCLAYIEEVWTDMRPLSLRQHMDKAAG B
#
loop_
_chem_comp.id
_chem_comp.type
_chem_comp.name
_chem_comp.formula
75C non-polymer 5'-({[(2R,3S)-3-amino-4-hydroxy-2-{[2-({N-[(2R)-2-hydroxy-3,3-dimethyl-4-(phosphonooxy)butanoyl]-beta-alanyl}amino)ethyl]sulfanyl}butyl]sulfonyl}amino)-5'-deoxyadenosine 'C25 H44 N9 O13 P S2'
BU9 non-polymer Meso-2,3-Butanediol 'C4 H10 O2'
#
# COMPACT_ATOMS: atom_id res chain seq x y z
N GLU A 20 54.51 -2.99 9.25
CA GLU A 20 53.64 -1.86 9.52
C GLU A 20 52.82 -1.52 8.28
N LYS A 21 52.21 -2.55 7.68
CA LYS A 21 51.44 -2.39 6.46
C LYS A 21 49.94 -2.54 6.64
N LEU A 22 49.49 -2.93 7.83
CA LEU A 22 48.08 -3.19 8.07
C LEU A 22 47.55 -2.32 9.20
N SER A 23 46.24 -2.06 9.16
CA SER A 23 45.55 -1.29 10.19
C SER A 23 44.70 -2.22 11.05
N GLU A 24 43.58 -2.69 10.50
CA GLU A 24 42.71 -3.60 11.25
C GLU A 24 43.34 -4.98 11.34
N LEU A 25 43.08 -5.67 12.44
CA LEU A 25 43.64 -7.00 12.65
C LEU A 25 42.85 -8.02 11.85
N PRO A 26 43.51 -8.91 11.11
CA PRO A 26 42.80 -9.91 10.30
C PRO A 26 41.94 -10.84 11.14
N SER A 27 40.99 -11.48 10.47
CA SER A 27 40.07 -12.39 11.15
C SER A 27 40.81 -13.65 11.61
N ALA A 28 40.08 -14.50 12.33
CA ALA A 28 40.67 -15.69 12.94
C ALA A 28 40.25 -16.99 12.27
N TRP A 29 39.46 -16.95 11.19
CA TRP A 29 39.01 -18.17 10.55
C TRP A 29 40.15 -18.83 9.80
N SER A 30 40.09 -20.16 9.69
CA SER A 30 41.19 -20.96 9.18
C SER A 30 40.69 -21.99 8.18
N VAL A 31 41.63 -22.52 7.39
CA VAL A 31 41.37 -23.56 6.40
C VAL A 31 41.88 -24.87 6.95
N ALA A 32 40.99 -25.87 7.03
CA ALA A 32 41.33 -27.16 7.61
C ALA A 32 40.83 -28.29 6.71
N HIS A 33 41.50 -29.44 6.81
CA HIS A 33 41.23 -30.61 5.98
C HIS A 33 42.03 -31.77 6.57
N TYR A 34 41.88 -32.96 5.97
CA TYR A 34 42.69 -34.10 6.38
C TYR A 34 42.80 -35.10 5.24
N VAL A 35 43.97 -35.72 5.13
CA VAL A 35 44.29 -36.68 4.08
C VAL A 35 44.20 -38.09 4.66
N GLU A 36 43.40 -38.94 4.02
CA GLU A 36 43.20 -40.31 4.47
C GLU A 36 44.17 -41.23 3.74
N LEU A 37 45.14 -41.78 4.47
CA LEU A 37 46.19 -42.63 3.91
C LEU A 37 45.88 -44.08 4.24
N THR A 38 45.48 -44.86 3.22
CA THR A 38 45.22 -46.29 3.38
C THR A 38 46.44 -47.06 2.89
N GLY A 39 47.25 -47.50 3.83
CA GLY A 39 48.46 -48.25 3.50
C GLY A 39 49.46 -48.18 4.63
N GLU A 40 50.62 -48.76 4.37
CA GLU A 40 51.70 -48.82 5.36
C GLU A 40 52.39 -47.45 5.42
N VAL A 41 52.30 -46.80 6.57
CA VAL A 41 52.83 -45.46 6.77
C VAL A 41 53.81 -45.49 7.93
N ASP A 42 54.99 -44.90 7.73
CA ASP A 42 55.98 -44.74 8.81
C ASP A 42 55.78 -43.37 9.42
N SER A 43 55.09 -43.33 10.56
CA SER A 43 54.62 -42.06 11.12
C SER A 43 55.73 -41.12 11.58
N PRO A 44 56.79 -41.55 12.27
CA PRO A 44 57.80 -40.55 12.69
C PRO A 44 58.50 -39.90 11.51
N LEU A 45 58.87 -40.69 10.50
CA LEU A 45 59.47 -40.13 9.30
C LEU A 45 58.53 -39.15 8.61
N LEU A 46 57.23 -39.47 8.60
CA LEU A 46 56.25 -38.57 8.00
C LEU A 46 56.15 -37.27 8.80
N ALA A 47 56.25 -37.35 10.12
CA ALA A 47 56.24 -36.14 10.94
C ALA A 47 57.45 -35.27 10.67
N ARG A 48 58.64 -35.88 10.62
CA ARG A 48 59.84 -35.13 10.28
C ARG A 48 59.73 -34.54 8.88
N ALA A 49 59.09 -35.25 7.96
CA ALA A 49 58.85 -34.71 6.62
C ALA A 49 57.90 -33.51 6.69
N VAL A 50 56.93 -33.55 7.60
CA VAL A 50 56.06 -32.40 7.80
C VAL A 50 56.87 -31.19 8.26
N VAL A 51 57.72 -31.40 9.28
CA VAL A 51 58.54 -30.31 9.80
C VAL A 51 59.42 -29.72 8.71
N ALA A 52 60.07 -30.59 7.94
CA ALA A 52 60.96 -30.12 6.89
C ALA A 52 60.21 -29.36 5.81
N GLY A 53 59.07 -29.91 5.36
CA GLY A 53 58.29 -29.25 4.32
C GLY A 53 57.76 -27.90 4.77
N LEU A 54 57.25 -27.82 6.00
CA LEU A 54 56.84 -26.54 6.54
C LEU A 54 58.01 -25.57 6.68
N ALA A 55 59.20 -26.11 6.97
CA ALA A 55 60.38 -25.25 7.12
C ALA A 55 60.82 -24.68 5.78
N GLN A 56 60.64 -25.44 4.70
CA GLN A 56 61.09 -24.99 3.39
C GLN A 56 60.36 -23.72 2.97
N ALA A 57 59.03 -23.73 3.10
CA ALA A 57 58.24 -22.55 2.75
C ALA A 57 58.43 -21.47 3.82
N ASP A 58 58.94 -20.32 3.41
CA ASP A 58 59.22 -19.23 4.34
C ASP A 58 58.01 -18.32 4.58
N THR A 59 56.93 -18.49 3.82
CA THR A 59 55.72 -17.73 4.05
C THR A 59 54.82 -18.35 5.12
N LEU A 60 54.99 -19.63 5.40
CA LEU A 60 54.21 -20.26 6.46
C LEU A 60 54.55 -19.70 7.83
N ARG A 61 55.79 -19.28 8.04
CA ARG A 61 56.20 -18.62 9.28
C ARG A 61 55.93 -17.13 9.12
N MET A 62 54.83 -16.65 9.71
CA MET A 62 54.43 -15.25 9.55
C MET A 62 53.56 -14.87 10.73
N ARG A 63 53.76 -13.65 11.25
CA ARG A 63 53.01 -13.18 12.40
C ARG A 63 52.62 -11.72 12.22
N PHE A 64 51.75 -11.26 13.13
CA PHE A 64 51.14 -9.94 13.09
C PHE A 64 51.29 -9.30 14.47
N THR A 65 51.85 -8.08 14.51
CA THR A 65 52.12 -7.40 15.77
C THR A 65 51.23 -6.16 15.88
N GLU A 66 50.40 -6.14 16.93
CA GLU A 66 49.53 -5.00 17.21
C GLU A 66 49.12 -4.97 18.67
N VAL A 71 49.21 -2.10 13.44
CA VAL A 71 49.35 -3.52 13.13
C VAL A 71 50.43 -3.72 12.07
N TRP A 72 51.15 -4.83 12.14
CA TRP A 72 52.23 -5.13 11.22
C TRP A 72 52.16 -6.59 10.80
N GLN A 73 51.96 -6.82 9.50
CA GLN A 73 51.92 -8.15 8.93
C GLN A 73 53.29 -8.46 8.33
N TRP A 74 54.02 -9.39 8.94
CA TRP A 74 55.41 -9.60 8.51
C TRP A 74 55.86 -11.03 8.82
N VAL A 75 56.94 -11.42 8.14
CA VAL A 75 57.50 -12.77 8.20
C VAL A 75 58.66 -12.77 9.18
N ASP A 76 58.60 -13.64 10.19
CA ASP A 76 59.70 -13.82 11.13
C ASP A 76 60.41 -15.13 10.77
N ASP A 77 61.63 -15.00 10.22
CA ASP A 77 62.41 -16.16 9.82
C ASP A 77 62.97 -16.95 11.01
N ALA A 78 62.79 -16.47 12.24
CA ALA A 78 63.29 -17.14 13.43
C ALA A 78 62.30 -18.13 14.03
N LEU A 79 61.10 -18.24 13.45
CA LEU A 79 60.10 -19.15 13.98
C LEU A 79 60.47 -20.60 13.70
N THR A 80 60.07 -21.50 14.61
CA THR A 80 60.37 -22.91 14.51
C THR A 80 59.07 -23.71 14.48
N PHE A 81 59.14 -24.91 13.90
CA PHE A 81 58.02 -25.82 13.80
C PHE A 81 58.28 -27.05 14.65
N GLU A 82 57.23 -27.59 15.25
CA GLU A 82 57.31 -28.74 16.13
C GLU A 82 56.73 -29.97 15.45
N LEU A 83 57.20 -31.14 15.87
CA LEU A 83 56.75 -32.39 15.28
C LEU A 83 55.26 -32.60 15.54
N PRO A 84 54.50 -33.02 14.53
CA PRO A 84 53.06 -33.24 14.74
C PRO A 84 52.81 -34.35 15.76
N GLU A 85 51.75 -34.18 16.54
CA GLU A 85 51.35 -35.20 17.52
C GLU A 85 50.83 -36.44 16.82
N ILE A 86 51.26 -37.60 17.27
CA ILE A 86 50.85 -38.89 16.72
C ILE A 86 49.94 -39.56 17.72
N ILE A 87 48.64 -39.59 17.41
CA ILE A 87 47.64 -40.22 18.27
C ILE A 87 47.29 -41.58 17.67
N ASP A 88 47.22 -42.60 18.53
CA ASP A 88 46.91 -43.97 18.12
C ASP A 88 45.54 -44.32 18.68
N LEU A 89 44.51 -44.25 17.84
CA LEU A 89 43.14 -44.53 18.24
C LEU A 89 42.68 -45.94 17.90
N ARG A 90 43.62 -46.83 17.54
CA ARG A 90 43.23 -48.19 17.16
C ARG A 90 42.59 -48.95 18.31
N THR A 91 42.96 -48.65 19.54
CA THR A 91 42.40 -49.31 20.71
C THR A 91 41.13 -48.62 21.22
N ASN A 92 40.67 -47.58 20.54
CA ASN A 92 39.45 -46.89 20.94
C ASN A 92 38.23 -47.64 20.44
N ILE A 93 37.11 -47.47 21.15
CA ILE A 93 35.87 -48.12 20.75
C ILE A 93 35.35 -47.55 19.43
N ASP A 94 35.70 -46.30 19.13
CA ASP A 94 35.29 -45.66 17.88
C ASP A 94 36.44 -44.78 17.40
N PRO A 95 37.45 -45.39 16.76
CA PRO A 95 38.62 -44.61 16.32
C PRO A 95 38.27 -43.52 15.34
N HIS A 96 37.38 -43.82 14.39
N HIS A 96 37.37 -43.82 14.40
CA HIS A 96 36.99 -42.84 13.38
CA HIS A 96 36.97 -42.86 13.38
C HIS A 96 36.29 -41.64 14.02
C HIS A 96 36.27 -41.65 14.00
N GLY A 97 35.23 -41.90 14.80
CA GLY A 97 34.50 -40.80 15.41
C GLY A 97 35.34 -40.00 16.39
N THR A 98 36.23 -40.67 17.11
CA THR A 98 37.11 -39.97 18.02
C THR A 98 38.11 -39.10 17.26
N ALA A 99 38.57 -39.57 16.10
CA ALA A 99 39.44 -38.76 15.26
C ALA A 99 38.71 -37.53 14.75
N GLN A 100 37.48 -37.72 14.23
CA GLN A 100 36.63 -36.59 13.86
C GLN A 100 36.47 -35.62 15.02
N ALA A 101 36.23 -36.15 16.23
CA ALA A 101 36.06 -35.30 17.40
C ALA A 101 37.34 -34.54 17.73
N LEU A 102 38.50 -35.15 17.50
CA LEU A 102 39.77 -34.45 17.70
C LEU A 102 39.93 -33.30 16.72
N MET A 103 39.81 -33.60 15.42
CA MET A 103 39.98 -32.56 14.40
C MET A 103 38.98 -31.42 14.60
N GLN A 104 37.74 -31.76 14.97
CA GLN A 104 36.77 -30.73 15.30
C GLN A 104 37.18 -29.96 16.55
N ALA A 105 37.72 -30.66 17.55
CA ALA A 105 38.12 -30.01 18.79
C ALA A 105 39.20 -28.96 18.55
N ASP A 106 40.12 -29.23 17.62
CA ASP A 106 41.08 -28.22 17.22
C ASP A 106 40.43 -27.15 16.34
N LEU A 107 39.45 -27.54 15.52
CA LEU A 107 38.85 -26.63 14.55
C LEU A 107 37.86 -25.66 15.18
N GLN A 108 37.17 -26.09 16.24
CA GLN A 108 36.16 -25.23 16.86
C GLN A 108 36.79 -24.03 17.56
N GLN A 109 38.06 -24.13 17.95
CA GLN A 109 38.71 -23.04 18.66
C GLN A 109 39.17 -21.97 17.68
N ASP A 110 38.88 -20.71 17.99
CA ASP A 110 39.40 -19.60 17.20
C ASP A 110 40.91 -19.51 17.37
N LEU A 111 41.58 -18.98 16.35
CA LEU A 111 43.04 -18.92 16.31
C LEU A 111 43.51 -17.51 16.65
N ARG A 112 44.36 -17.40 17.66
CA ARG A 112 44.92 -16.11 18.03
C ARG A 112 45.91 -15.66 16.97
N VAL A 113 45.64 -14.50 16.37
CA VAL A 113 46.44 -14.04 15.23
C VAL A 113 47.72 -13.34 15.68
N ASP A 114 47.69 -12.68 16.82
CA ASP A 114 48.82 -11.89 17.30
C ASP A 114 49.86 -12.71 18.05
N SER A 115 49.70 -14.03 18.10
CA SER A 115 50.65 -14.87 18.83
C SER A 115 52.00 -14.89 18.12
N GLY A 116 53.05 -15.09 18.90
CA GLY A 116 54.40 -15.13 18.36
C GLY A 116 54.80 -16.53 17.92
N LYS A 117 53.82 -17.36 17.57
CA LYS A 117 54.04 -18.74 17.17
C LYS A 117 53.44 -18.99 15.79
N PRO A 118 53.91 -20.00 15.07
CA PRO A 118 53.36 -20.30 13.75
C PRO A 118 51.86 -20.59 13.81
N LEU A 119 51.16 -20.21 12.73
CA LEU A 119 49.73 -20.39 12.61
C LEU A 119 49.36 -21.69 11.91
N VAL A 120 50.29 -22.64 11.81
CA VAL A 120 50.09 -23.91 11.14
C VAL A 120 49.95 -25.02 12.17
N PHE A 121 49.07 -25.99 11.90
CA PHE A 121 48.90 -27.12 12.81
C PHE A 121 48.63 -28.39 11.99
N HIS A 122 49.48 -29.40 12.19
CA HIS A 122 49.32 -30.72 11.60
C HIS A 122 49.25 -31.76 12.70
N GLN A 123 48.56 -32.87 12.42
CA GLN A 123 48.38 -33.91 13.42
C GLN A 123 48.15 -35.25 12.73
N LEU A 124 48.89 -36.27 13.17
CA LEU A 124 48.82 -37.62 12.61
C LEU A 124 47.98 -38.50 13.52
N ILE A 125 46.85 -38.98 13.00
CA ILE A 125 45.92 -39.82 13.73
C ILE A 125 45.88 -41.20 13.08
N GLN A 126 45.86 -42.24 13.90
CA GLN A 126 45.86 -43.62 13.43
C GLN A 126 44.57 -44.30 13.86
N VAL A 127 43.71 -44.60 12.89
CA VAL A 127 42.44 -45.27 13.17
C VAL A 127 42.50 -46.77 12.85
N ALA A 128 43.54 -47.23 12.18
CA ALA A 128 43.69 -48.65 11.85
C ALA A 128 45.16 -48.93 11.59
N ASP A 129 45.50 -50.21 11.48
CA ASP A 129 46.88 -50.59 11.22
C ASP A 129 47.38 -50.04 9.89
N ASN A 130 46.49 -49.90 8.91
CA ASN A 130 46.86 -49.44 7.58
C ASN A 130 46.20 -48.12 7.18
N ARG A 131 45.41 -47.50 8.06
CA ARG A 131 44.69 -46.28 7.73
C ARG A 131 45.10 -45.17 8.68
N TRP A 132 45.27 -43.96 8.12
CA TRP A 132 45.69 -42.79 8.88
C TRP A 132 44.87 -41.58 8.45
N TYR A 133 44.56 -40.71 9.41
CA TYR A 133 43.94 -39.41 9.15
C TYR A 133 44.99 -38.34 9.42
N TRP A 134 45.43 -37.66 8.36
CA TRP A 134 46.49 -36.66 8.43
C TRP A 134 45.84 -35.28 8.43
N TYR A 135 45.63 -34.72 9.63
CA TYR A 135 44.91 -33.46 9.78
C TYR A 135 45.82 -32.27 9.53
N GLN A 136 45.33 -31.31 8.74
CA GLN A 136 46.07 -30.10 8.41
C GLN A 136 45.20 -28.87 8.61
N ARG A 137 45.79 -27.80 9.16
CA ARG A 137 45.07 -26.55 9.37
C ARG A 137 46.03 -25.38 9.21
N TYR A 138 45.59 -24.35 8.50
CA TYR A 138 46.38 -23.15 8.26
C TYR A 138 45.50 -21.91 8.46
N HIS A 139 46.12 -20.80 8.84
CA HIS A 139 45.42 -19.53 8.81
C HIS A 139 45.14 -19.13 7.36
N HIS A 140 44.03 -18.44 7.15
CA HIS A 140 43.56 -18.17 5.80
C HIS A 140 44.47 -17.23 5.02
N LEU A 141 45.32 -16.46 5.71
CA LEU A 141 46.28 -15.61 5.04
C LEU A 141 47.55 -16.37 4.65
N LEU A 142 47.66 -17.63 5.03
CA LEU A 142 48.82 -18.46 4.69
C LEU A 142 48.59 -19.23 3.39
N VAL A 143 47.50 -19.99 3.30
CA VAL A 143 47.16 -20.77 2.12
C VAL A 143 45.68 -20.62 1.82
N ASP A 144 45.29 -21.05 0.62
CA ASP A 144 43.87 -21.14 0.26
C ASP A 144 43.57 -22.52 -0.30
N GLY A 145 42.37 -22.69 -0.88
CA GLY A 145 41.95 -24.01 -1.33
C GLY A 145 42.75 -24.56 -2.49
N PHE A 146 43.56 -23.73 -3.14
CA PHE A 146 44.33 -24.15 -4.30
C PHE A 146 45.79 -24.44 -3.98
N SER A 147 46.36 -23.81 -2.95
CA SER A 147 47.79 -23.81 -2.75
C SER A 147 48.27 -24.77 -1.67
N PHE A 148 47.40 -25.23 -0.77
CA PHE A 148 47.85 -26.13 0.28
C PHE A 148 48.23 -27.52 -0.23
N PRO A 149 47.61 -28.07 -1.30
CA PRO A 149 48.10 -29.37 -1.82
C PRO A 149 49.53 -29.30 -2.32
N ALA A 150 50.06 -28.11 -2.59
CA ALA A 150 51.49 -27.98 -2.91
C ALA A 150 52.34 -28.31 -1.70
N ILE A 151 51.98 -27.77 -0.53
CA ILE A 151 52.70 -28.08 0.70
C ILE A 151 52.57 -29.56 1.03
N THR A 152 51.33 -30.08 0.97
CA THR A 152 51.09 -31.50 1.21
C THR A 152 51.94 -32.36 0.28
N ARG A 153 51.97 -31.99 -1.01
CA ARG A 153 52.70 -32.79 -1.99
C ARG A 153 54.20 -32.72 -1.77
N GLN A 154 54.71 -31.58 -1.28
CA GLN A 154 56.14 -31.49 -1.01
C GLN A 154 56.52 -32.29 0.23
N ILE A 155 55.67 -32.26 1.27
CA ILE A 155 55.89 -33.12 2.43
C ILE A 155 55.92 -34.58 2.00
N ALA A 156 54.94 -34.99 1.19
CA ALA A 156 54.91 -36.36 0.70
C ALA A 156 56.16 -36.67 -0.13
N ASN A 157 56.63 -35.69 -0.90
CA ASN A 157 57.84 -35.89 -1.70
C ASN A 157 59.04 -36.13 -0.81
N ILE A 158 59.19 -35.35 0.26
CA ILE A 158 60.27 -35.55 1.21
C ILE A 158 60.16 -36.93 1.86
N TYR A 159 58.94 -37.31 2.24
CA TYR A 159 58.70 -38.62 2.84
C TYR A 159 59.17 -39.74 1.93
N CYS A 160 58.68 -39.76 0.69
CA CYS A 160 59.06 -40.82 -0.24
C CYS A 160 60.54 -40.77 -0.56
N THR A 161 61.10 -39.57 -0.73
CA THR A 161 62.52 -39.43 -1.04
C THR A 161 63.37 -40.03 0.07
N TRP A 162 63.00 -39.78 1.32
CA TRP A 162 63.70 -40.39 2.45
C TRP A 162 63.46 -41.89 2.51
N LEU A 163 62.29 -42.35 2.08
CA LEU A 163 62.02 -43.78 2.02
C LEU A 163 62.85 -44.48 0.96
N ARG A 164 63.38 -43.76 -0.01
CA ARG A 164 64.26 -44.34 -1.02
C ARG A 164 65.74 -44.15 -0.68
N GLY A 165 66.06 -43.48 0.42
CA GLY A 165 67.44 -43.31 0.83
C GLY A 165 68.15 -42.10 0.24
N GLU A 166 67.45 -41.27 -0.53
CA GLU A 166 68.04 -40.06 -1.06
C GLU A 166 67.98 -38.93 -0.03
N PRO A 167 68.84 -37.90 -0.19
CA PRO A 167 68.82 -36.79 0.78
C PRO A 167 67.57 -35.94 0.70
N THR A 168 67.52 -34.87 1.48
CA THR A 168 66.35 -34.01 1.50
C THR A 168 66.27 -33.18 0.23
N PRO A 169 65.17 -33.24 -0.52
CA PRO A 169 65.03 -32.41 -1.73
C PRO A 169 64.95 -30.93 -1.36
N ALA A 170 65.29 -30.09 -2.33
CA ALA A 170 65.33 -28.65 -2.11
C ALA A 170 63.92 -28.07 -2.08
N SER A 171 63.82 -26.77 -1.83
CA SER A 171 62.53 -26.10 -1.74
C SER A 171 62.10 -25.61 -3.11
N PRO A 172 61.00 -26.11 -3.67
CA PRO A 172 60.48 -25.54 -4.92
C PRO A 172 59.69 -24.26 -4.70
N PHE A 173 59.34 -23.95 -3.46
CA PHE A 173 58.46 -22.82 -3.18
C PHE A 173 59.20 -21.49 -3.37
N THR A 174 58.51 -20.53 -3.96
CA THR A 174 59.11 -19.21 -4.18
C THR A 174 59.23 -18.48 -2.85
N PRO A 175 60.41 -17.95 -2.52
CA PRO A 175 60.58 -17.24 -1.25
C PRO A 175 59.69 -16.00 -1.18
N PHE A 176 59.48 -15.52 0.06
CA PHE A 176 58.57 -14.41 0.30
C PHE A 176 59.09 -13.08 -0.27
N ALA A 177 60.40 -12.98 -0.53
CA ALA A 177 60.93 -11.74 -1.10
C ALA A 177 60.63 -11.64 -2.59
N ASP A 178 60.73 -12.75 -3.32
CA ASP A 178 60.51 -12.70 -4.76
C ASP A 178 59.05 -12.48 -5.11
N VAL A 179 58.12 -12.93 -4.27
CA VAL A 179 56.70 -12.75 -4.57
C VAL A 179 56.27 -11.31 -4.33
N VAL A 180 56.81 -10.64 -3.32
CA VAL A 180 56.50 -9.22 -3.12
C VAL A 180 57.29 -8.35 -4.08
N GLU A 181 58.44 -8.82 -4.56
CA GLU A 181 59.13 -8.12 -5.66
C GLU A 181 58.29 -8.19 -6.93
N GLU A 182 57.80 -9.38 -7.28
CA GLU A 182 56.96 -9.54 -8.45
C GLU A 182 55.66 -8.75 -8.29
N TYR A 183 55.04 -8.81 -7.10
CA TYR A 183 53.79 -8.09 -6.90
C TYR A 183 54.01 -6.58 -6.96
N GLN A 184 55.13 -6.09 -6.40
CA GLN A 184 55.43 -4.67 -6.50
C GLN A 184 55.69 -4.27 -7.95
N GLN A 185 56.33 -5.15 -8.73
CA GLN A 185 56.44 -4.93 -10.17
C GLN A 185 55.07 -4.74 -10.79
N TYR A 186 54.13 -5.64 -10.50
CA TYR A 186 52.78 -5.49 -11.03
C TYR A 186 52.10 -4.24 -10.52
N ARG A 187 52.42 -3.81 -9.30
CA ARG A 187 51.79 -2.62 -8.73
C ARG A 187 52.26 -1.35 -9.43
N GLU A 188 53.53 -1.30 -9.82
CA GLU A 188 54.08 -0.17 -10.56
C GLU A 188 54.06 -0.41 -12.06
N SER A 189 53.56 -1.56 -12.51
CA SER A 189 53.55 -1.89 -13.93
C SER A 189 52.56 -1.00 -14.69
N GLU A 190 52.76 -0.96 -16.01
CA GLU A 190 51.79 -0.33 -16.90
C GLU A 190 50.48 -1.11 -16.97
N ALA A 191 50.47 -2.37 -16.55
CA ALA A 191 49.25 -3.17 -16.50
C ALA A 191 48.37 -2.82 -15.30
N TRP A 192 48.94 -2.21 -14.27
CA TRP A 192 48.17 -1.84 -13.09
C TRP A 192 47.10 -0.81 -13.43
N GLN A 193 47.51 0.28 -14.09
CA GLN A 193 46.55 1.32 -14.48
C GLN A 193 45.53 0.77 -15.46
N ARG A 194 45.98 -0.07 -16.40
CA ARG A 194 45.07 -0.63 -17.40
C ARG A 194 44.01 -1.52 -16.75
N ASP A 195 44.45 -2.41 -15.84
CA ASP A 195 43.49 -3.27 -15.15
C ASP A 195 42.57 -2.46 -14.25
N ALA A 196 43.12 -1.46 -13.55
CA ALA A 196 42.29 -0.61 -12.69
C ALA A 196 41.21 0.10 -13.49
N ALA A 197 41.57 0.64 -14.66
CA ALA A 197 40.58 1.27 -15.52
C ALA A 197 39.55 0.26 -16.01
N PHE A 198 40.01 -0.95 -16.38
CA PHE A 198 39.11 -1.99 -16.84
C PHE A 198 38.06 -2.32 -15.79
N TRP A 199 38.49 -2.61 -14.56
CA TRP A 199 37.56 -2.96 -13.49
C TRP A 199 36.76 -1.76 -13.02
N ALA A 200 37.25 -0.54 -13.22
CA ALA A 200 36.43 0.64 -12.98
C ALA A 200 35.26 0.68 -13.95
N GLU A 201 35.52 0.50 -15.25
CA GLU A 201 34.45 0.40 -16.23
C GLU A 201 33.54 -0.79 -15.95
N GLN A 202 34.10 -1.86 -15.38
CA GLN A 202 33.31 -3.06 -15.08
C GLN A 202 32.32 -2.79 -13.95
N ARG A 203 32.79 -2.22 -12.84
CA ARG A 203 31.90 -1.89 -11.75
C ARG A 203 31.00 -0.70 -12.07
N ARG A 204 31.33 0.07 -13.10
CA ARG A 204 30.44 1.13 -13.55
C ARG A 204 29.19 0.56 -14.19
N GLN A 205 29.34 -0.46 -15.03
CA GLN A 205 28.22 -1.13 -15.67
C GLN A 205 27.78 -2.39 -14.91
N LEU A 206 28.24 -2.55 -13.67
CA LEU A 206 27.93 -3.75 -12.90
C LEU A 206 26.54 -3.67 -12.32
N PRO A 207 25.65 -4.61 -12.62
CA PRO A 207 24.29 -4.58 -12.05
C PRO A 207 24.33 -4.89 -10.56
N PRO A 208 23.22 -4.65 -9.84
CA PRO A 208 23.21 -4.96 -8.41
C PRO A 208 23.17 -6.46 -8.18
N PRO A 209 23.65 -6.92 -7.03
CA PRO A 209 23.71 -8.36 -6.76
C PRO A 209 22.33 -8.93 -6.46
N ALA A 210 22.22 -10.25 -6.63
CA ALA A 210 21.00 -11.00 -6.35
C ALA A 210 21.31 -12.09 -5.32
N SER A 211 20.25 -12.82 -4.92
CA SER A 211 20.42 -13.86 -3.92
C SER A 211 19.25 -14.83 -4.01
N LEU A 212 19.54 -16.11 -3.79
CA LEU A 212 18.51 -17.13 -3.73
C LEU A 212 17.74 -17.07 -2.42
N SER A 213 18.30 -16.41 -1.39
CA SER A 213 17.63 -16.23 -0.12
C SER A 213 16.95 -14.87 -0.09
N PRO A 214 15.66 -14.82 0.25
CA PRO A 214 14.95 -13.53 0.29
C PRO A 214 15.56 -12.55 1.27
N ALA A 215 16.35 -13.02 2.24
CA ALA A 215 16.91 -12.14 3.26
C ALA A 215 17.90 -11.16 2.64
N PRO A 216 18.04 -9.97 3.23
CA PRO A 216 18.99 -8.99 2.70
C PRO A 216 20.42 -9.50 2.71
N LEU A 217 21.23 -8.96 1.79
CA LEU A 217 22.63 -9.39 1.64
C LEU A 217 23.48 -8.74 2.72
N PRO A 218 24.04 -9.53 3.63
CA PRO A 218 24.70 -8.94 4.81
C PRO A 218 26.07 -8.37 4.52
N GLY A 219 26.78 -8.89 3.52
CA GLY A 219 28.17 -8.50 3.31
C GLY A 219 29.10 -9.44 4.04
N ARG A 220 30.10 -8.87 4.73
CA ARG A 220 31.06 -9.67 5.47
C ARG A 220 30.36 -10.51 6.52
N SER A 221 30.60 -11.82 6.49
CA SER A 221 29.96 -12.76 7.39
C SER A 221 30.97 -13.30 8.40
N ALA A 222 30.49 -13.56 9.62
CA ALA A 222 31.33 -14.08 10.69
C ALA A 222 31.29 -15.60 10.80
N SER A 223 30.18 -16.22 10.43
CA SER A 223 30.01 -17.66 10.63
C SER A 223 30.99 -18.44 9.75
N ALA A 224 31.89 -19.19 10.40
CA ALA A 224 32.75 -20.13 9.71
C ALA A 224 32.07 -21.48 9.50
N ASP A 225 30.94 -21.72 10.15
CA ASP A 225 30.19 -22.96 9.99
C ASP A 225 29.22 -22.81 8.82
N ILE A 226 29.48 -23.57 7.75
CA ILE A 226 28.68 -23.45 6.53
C ILE A 226 28.03 -24.79 6.22
N LEU A 227 27.25 -24.84 5.14
CA LEU A 227 26.53 -26.02 4.71
C LEU A 227 27.10 -26.48 3.38
N ARG A 228 27.60 -27.71 3.33
CA ARG A 228 28.17 -28.29 2.13
C ARG A 228 27.27 -29.38 1.58
N LEU A 229 27.11 -29.39 0.26
CA LEU A 229 26.19 -30.31 -0.42
C LEU A 229 26.81 -30.74 -1.74
N LYS A 230 27.07 -32.04 -1.87
CA LYS A 230 27.60 -32.63 -3.09
C LYS A 230 26.50 -33.43 -3.79
N LEU A 231 26.32 -33.18 -5.09
CA LEU A 231 25.23 -33.79 -5.84
C LEU A 231 25.70 -34.13 -7.25
N GLU A 232 25.58 -35.40 -7.61
CA GLU A 232 25.92 -35.90 -8.93
C GLU A 232 24.65 -36.22 -9.70
N PHE A 233 24.52 -35.67 -10.90
CA PHE A 233 23.36 -35.89 -11.75
C PHE A 233 23.58 -37.13 -12.59
N THR A 234 22.86 -38.20 -12.25
CA THR A 234 22.91 -39.47 -12.98
C THR A 234 21.82 -39.57 -14.03
N ASP A 235 21.06 -38.51 -14.26
CA ASP A 235 20.00 -38.55 -15.27
C ASP A 235 20.55 -38.67 -16.69
N GLY A 236 21.84 -38.39 -16.90
CA GLY A 236 22.40 -38.39 -18.23
C GLY A 236 21.91 -37.29 -19.14
N GLU A 237 21.15 -36.33 -18.61
CA GLU A 237 20.62 -35.25 -19.44
C GLU A 237 21.75 -34.33 -19.91
N PHE A 238 22.66 -33.95 -19.01
CA PHE A 238 23.74 -33.06 -19.39
C PHE A 238 24.64 -33.67 -20.44
N ARG A 239 24.83 -35.00 -20.41
CA ARG A 239 25.63 -35.66 -21.43
C ARG A 239 24.98 -35.54 -22.81
N GLN A 240 23.66 -35.66 -22.86
CA GLN A 240 22.95 -35.51 -24.12
C GLN A 240 22.96 -34.05 -24.59
N LEU A 241 22.74 -33.11 -23.69
CA LEU A 241 22.81 -31.70 -24.05
C LEU A 241 24.19 -31.32 -24.55
N ALA A 242 25.24 -31.88 -23.94
CA ALA A 242 26.60 -31.56 -24.36
C ALA A 242 26.95 -32.25 -25.68
N THR A 243 26.47 -33.47 -25.90
CA THR A 243 26.76 -34.16 -27.15
C THR A 243 25.95 -33.61 -28.32
N GLN A 244 24.86 -32.87 -28.04
CA GLN A 244 24.15 -32.17 -29.09
C GLN A 244 24.85 -30.86 -29.46
N LEU A 245 25.47 -30.20 -28.47
CA LEU A 245 26.22 -28.97 -28.69
C LEU A 245 27.71 -29.32 -28.66
N SER A 246 28.23 -29.75 -29.83
CA SER A 246 29.60 -30.25 -29.89
C SER A 246 30.61 -29.14 -29.70
N GLY A 247 30.39 -27.98 -30.34
CA GLY A 247 31.35 -26.90 -30.29
C GLY A 247 31.42 -26.17 -28.97
N VAL A 248 30.46 -26.39 -28.08
CA VAL A 248 30.40 -25.67 -26.81
C VAL A 248 31.25 -26.40 -25.80
N GLN A 249 32.22 -25.69 -25.21
CA GLN A 249 33.07 -26.26 -24.18
C GLN A 249 32.24 -26.55 -22.93
N ARG A 250 32.39 -27.78 -22.40
CA ARG A 250 31.52 -28.25 -21.33
C ARG A 250 31.53 -27.32 -20.13
N THR A 251 32.69 -26.75 -19.80
CA THR A 251 32.76 -25.80 -18.69
C THR A 251 31.88 -24.58 -18.95
N ASP A 252 31.99 -24.01 -20.16
CA ASP A 252 31.17 -22.85 -20.51
C ASP A 252 29.70 -23.20 -20.60
N LEU A 253 29.39 -24.43 -21.00
CA LEU A 253 28.00 -24.87 -21.07
C LEU A 253 27.40 -25.00 -19.67
N ALA A 254 28.09 -25.72 -18.78
CA ALA A 254 27.62 -25.83 -17.41
C ALA A 254 27.54 -24.48 -16.73
N LEU A 255 28.50 -23.60 -17.03
CA LEU A 255 28.48 -22.25 -16.46
C LEU A 255 27.30 -21.44 -16.97
N ALA A 256 26.97 -21.58 -18.26
CA ALA A 256 25.79 -20.92 -18.79
C ALA A 256 24.52 -21.46 -18.13
N LEU A 257 24.44 -22.78 -17.96
CA LEU A 257 23.32 -23.39 -17.24
C LEU A 257 23.20 -22.83 -15.83
N ALA A 258 24.33 -22.67 -15.14
CA ALA A 258 24.29 -22.13 -13.78
C ALA A 258 23.85 -20.68 -13.78
N ALA A 259 24.35 -19.88 -14.72
CA ALA A 259 23.99 -18.46 -14.78
C ALA A 259 22.50 -18.30 -15.05
N LEU A 260 21.98 -19.03 -16.04
CA LEU A 260 20.55 -18.98 -16.33
C LEU A 260 19.74 -19.49 -15.14
N TRP A 261 20.25 -20.52 -14.45
CA TRP A 261 19.57 -21.07 -13.28
C TRP A 261 19.44 -20.02 -12.18
N LEU A 262 20.56 -19.36 -11.85
CA LEU A 262 20.52 -18.30 -10.84
C LEU A 262 19.58 -17.17 -11.26
N GLY A 263 19.69 -16.71 -12.50
CA GLY A 263 18.86 -15.59 -12.93
C GLY A 263 17.39 -15.92 -12.96
N ARG A 264 17.06 -17.15 -13.32
CA ARG A 264 15.65 -17.55 -13.39
C ARG A 264 15.06 -17.80 -12.01
N LEU A 265 15.85 -18.35 -11.09
CA LEU A 265 15.35 -18.61 -9.74
C LEU A 265 15.14 -17.32 -8.96
N CYS A 266 15.98 -16.31 -9.19
CA CYS A 266 15.85 -15.01 -8.55
C CYS A 266 14.95 -14.06 -9.32
N ASN A 267 14.47 -14.49 -10.50
CA ASN A 267 13.65 -13.64 -11.38
C ASN A 267 14.35 -12.33 -11.68
N ARG A 268 15.60 -12.44 -12.15
CA ARG A 268 16.39 -11.26 -12.49
C ARG A 268 17.24 -11.57 -13.71
N MET A 269 17.10 -10.72 -14.74
CA MET A 269 17.86 -10.91 -15.97
C MET A 269 19.27 -10.32 -15.89
N ASP A 270 19.46 -9.31 -15.03
CA ASP A 270 20.76 -8.66 -14.85
C ASP A 270 21.12 -8.73 -13.37
N TYR A 271 22.21 -9.44 -13.06
CA TYR A 271 22.60 -9.62 -11.66
C TYR A 271 24.11 -9.84 -11.58
N ALA A 272 24.66 -9.43 -10.45
CA ALA A 272 26.10 -9.49 -10.20
C ALA A 272 26.42 -10.74 -9.38
N ALA A 273 27.00 -11.74 -10.04
CA ALA A 273 27.56 -12.89 -9.37
C ALA A 273 29.07 -12.70 -9.24
N GLY A 274 29.73 -13.68 -8.61
CA GLY A 274 31.17 -13.67 -8.46
C GLY A 274 31.79 -14.82 -9.23
N PHE A 275 33.03 -14.62 -9.69
CA PHE A 275 33.75 -15.65 -10.42
C PHE A 275 35.18 -15.75 -9.91
N ILE A 276 35.66 -16.98 -9.76
CA ILE A 276 36.96 -17.25 -9.18
C ILE A 276 38.02 -17.24 -10.27
N PHE A 277 38.96 -16.30 -10.17
CA PHE A 277 40.12 -16.22 -11.04
C PHE A 277 41.37 -16.55 -10.23
N MET A 278 42.54 -16.20 -10.78
CA MET A 278 43.82 -16.46 -10.13
C MET A 278 44.72 -15.24 -10.28
N ARG A 279 45.31 -14.80 -9.16
CA ARG A 279 46.25 -13.69 -9.21
C ARG A 279 47.61 -14.09 -9.76
N ARG A 280 47.99 -15.36 -9.61
CA ARG A 280 49.24 -15.89 -10.15
C ARG A 280 48.94 -17.04 -11.09
N LEU A 281 49.73 -17.15 -12.16
CA LEU A 281 49.47 -18.10 -13.22
C LEU A 281 50.73 -18.93 -13.49
N GLY A 282 50.54 -20.05 -14.16
CA GLY A 282 51.64 -20.92 -14.53
C GLY A 282 52.32 -21.53 -13.32
N SER A 283 53.62 -21.77 -13.46
CA SER A 283 54.40 -22.32 -12.35
C SER A 283 54.37 -21.41 -11.14
N ALA A 284 54.28 -20.09 -11.36
CA ALA A 284 54.19 -19.15 -10.26
C ALA A 284 52.97 -19.39 -9.37
N ALA A 285 51.97 -20.10 -9.87
CA ALA A 285 50.82 -20.52 -9.06
C ALA A 285 51.03 -21.89 -8.43
N LEU A 286 51.77 -22.78 -9.10
CA LEU A 286 52.01 -24.13 -8.59
C LEU A 286 53.13 -24.18 -7.55
N THR A 287 54.05 -23.22 -7.57
CA THR A 287 55.12 -23.14 -6.59
C THR A 287 54.82 -22.12 -5.49
N ALA A 288 53.62 -21.57 -5.47
CA ALA A 288 53.25 -20.56 -4.48
C ALA A 288 52.60 -21.22 -3.26
N THR A 289 52.84 -20.62 -2.10
CA THR A 289 52.17 -21.02 -0.87
C THR A 289 51.03 -20.08 -0.49
N GLY A 290 51.23 -18.78 -0.65
CA GLY A 290 50.26 -17.79 -0.25
C GLY A 290 48.98 -17.85 -1.06
N PRO A 291 47.99 -17.06 -0.66
CA PRO A 291 46.71 -17.05 -1.36
C PRO A 291 46.87 -16.69 -2.84
N VAL A 292 46.14 -17.43 -3.68
CA VAL A 292 46.18 -17.28 -5.13
C VAL A 292 44.81 -16.92 -5.70
N LEU A 293 43.77 -17.63 -5.28
CA LEU A 293 42.44 -17.45 -5.86
C LEU A 293 41.93 -16.02 -5.64
N ASN A 294 41.36 -15.44 -6.70
CA ASN A 294 40.93 -14.05 -6.70
C ASN A 294 39.49 -13.97 -7.22
N VAL A 295 38.54 -13.83 -6.31
CA VAL A 295 37.13 -13.77 -6.67
C VAL A 295 36.80 -12.36 -7.15
N LEU A 296 36.37 -12.24 -8.41
CA LEU A 296 36.17 -10.94 -9.02
C LEU A 296 34.72 -10.75 -9.47
N PRO A 297 34.22 -9.52 -9.47
CA PRO A 297 32.81 -9.28 -9.81
C PRO A 297 32.50 -9.64 -11.26
N LEU A 298 31.35 -10.29 -11.46
CA LEU A 298 30.90 -10.74 -12.77
C LEU A 298 29.46 -10.30 -12.99
N GLY A 299 29.25 -9.37 -13.92
CA GLY A 299 27.90 -8.96 -14.28
C GLY A 299 27.32 -9.93 -15.30
N ILE A 300 26.08 -10.33 -15.09
CA ILE A 300 25.43 -11.35 -15.90
C ILE A 300 24.12 -10.78 -16.45
N HIS A 301 23.97 -10.80 -17.76
CA HIS A 301 22.77 -10.35 -18.44
C HIS A 301 22.15 -11.54 -19.17
N ILE A 302 20.96 -11.95 -18.74
CA ILE A 302 20.20 -13.01 -19.41
C ILE A 302 19.30 -12.38 -20.45
N ALA A 303 19.31 -12.94 -21.66
CA ALA A 303 18.44 -12.50 -22.73
C ALA A 303 17.37 -13.56 -22.98
N ALA A 304 16.10 -13.13 -22.94
CA ALA A 304 14.99 -14.07 -23.07
C ALA A 304 14.85 -14.62 -24.49
N GLN A 305 15.42 -13.94 -25.48
CA GLN A 305 15.33 -14.39 -26.86
C GLN A 305 16.51 -15.26 -27.29
N GLU A 306 17.60 -15.27 -26.51
CA GLU A 306 18.78 -16.02 -26.87
C GLU A 306 18.60 -17.51 -26.59
N THR A 307 19.32 -18.32 -27.34
CA THR A 307 19.46 -19.74 -27.05
C THR A 307 20.62 -19.94 -26.06
N LEU A 308 20.79 -21.18 -25.62
CA LEU A 308 21.84 -21.51 -24.67
C LEU A 308 23.24 -21.34 -25.28
N PRO A 309 23.49 -21.75 -26.53
CA PRO A 309 24.82 -21.50 -27.11
C PRO A 309 25.20 -20.04 -27.19
N GLU A 310 24.23 -19.14 -27.43
CA GLU A 310 24.55 -17.71 -27.49
C GLU A 310 24.93 -17.18 -26.12
N LEU A 311 24.19 -17.57 -25.08
CA LEU A 311 24.55 -17.18 -23.72
C LEU A 311 25.93 -17.72 -23.35
N ALA A 312 26.18 -19.00 -23.63
CA ALA A 312 27.46 -19.59 -23.31
C ALA A 312 28.60 -18.92 -24.06
N THR A 313 28.36 -18.55 -25.32
CA THR A 313 29.40 -17.89 -26.12
C THR A 313 29.69 -16.50 -25.59
N ARG A 314 28.64 -15.69 -25.39
CA ARG A 314 28.83 -14.33 -24.88
C ARG A 314 29.49 -14.34 -23.51
N LEU A 315 29.08 -15.27 -22.66
CA LEU A 315 29.69 -15.38 -21.33
C LEU A 315 31.14 -15.85 -21.43
N ALA A 316 31.44 -16.77 -22.36
CA ALA A 316 32.81 -17.21 -22.55
C ALA A 316 33.70 -16.07 -23.02
N ALA A 317 33.20 -15.24 -23.93
CA ALA A 317 33.96 -14.07 -24.37
C ALA A 317 34.13 -13.07 -23.24
N GLN A 318 33.09 -12.91 -22.40
CA GLN A 318 33.17 -12.02 -21.25
C GLN A 318 34.28 -12.46 -20.30
N LEU A 319 34.28 -13.74 -19.91
CA LEU A 319 35.34 -14.25 -19.06
C LEU A 319 36.70 -14.17 -19.73
N LYS A 320 36.74 -14.42 -21.05
CA LYS A 320 38.00 -14.32 -21.78
C LYS A 320 38.58 -12.91 -21.70
N LYS A 321 37.71 -11.89 -21.74
CA LYS A 321 38.18 -10.52 -21.57
C LYS A 321 38.58 -10.24 -20.13
N MET A 322 37.88 -10.86 -19.17
CA MET A 322 38.19 -10.64 -17.76
C MET A 322 39.49 -11.32 -17.33
N ARG A 323 39.91 -12.37 -18.05
CA ARG A 323 41.09 -13.12 -17.64
C ARG A 323 42.39 -12.38 -17.90
N ARG A 324 42.41 -11.43 -18.83
CA ARG A 324 43.62 -10.66 -19.09
C ARG A 324 43.91 -9.62 -18.02
N HIS A 325 42.94 -9.30 -17.17
CA HIS A 325 43.11 -8.34 -16.09
C HIS A 325 42.93 -8.98 -14.72
N GLN A 326 42.90 -10.32 -14.64
CA GLN A 326 42.60 -11.01 -13.39
C GLN A 326 43.68 -10.88 -12.34
N ARG A 327 44.88 -10.43 -12.71
CA ARG A 327 45.93 -10.23 -11.72
C ARG A 327 45.62 -9.08 -10.76
N TYR A 328 44.62 -8.27 -11.09
CA TYR A 328 44.24 -7.13 -10.26
C TYR A 328 43.47 -7.61 -9.03
N ASP A 329 43.95 -7.23 -7.85
CA ASP A 329 43.36 -7.73 -6.60
C ASP A 329 41.95 -7.19 -6.41
N ALA A 330 41.09 -8.03 -5.79
CA ALA A 330 39.69 -7.67 -5.62
C ALA A 330 39.48 -6.69 -4.47
N GLU A 331 40.22 -6.87 -3.36
CA GLU A 331 40.15 -5.92 -2.26
C GLU A 331 40.55 -4.51 -2.69
N GLN A 332 41.30 -4.40 -3.79
CA GLN A 332 41.58 -3.09 -4.38
C GLN A 332 40.36 -2.53 -5.10
N ILE A 333 39.62 -3.39 -5.82
CA ILE A 333 38.36 -2.97 -6.41
C ILE A 333 37.39 -2.47 -5.35
N VAL A 334 37.37 -3.14 -4.20
CA VAL A 334 36.58 -2.65 -3.07
C VAL A 334 37.15 -1.34 -2.56
N ARG A 335 38.48 -1.21 -2.57
CA ARG A 335 39.13 -0.05 -1.96
C ARG A 335 38.78 1.23 -2.71
N ASP A 336 39.06 1.26 -4.02
CA ASP A 336 38.79 2.48 -4.79
C ASP A 336 37.30 2.68 -5.02
N SER A 337 36.57 1.59 -5.31
CA SER A 337 35.12 1.62 -5.50
C SER A 337 34.68 2.71 -6.47
N ALA A 340 32.74 2.06 -1.10
CA ALA A 340 33.71 1.33 -0.29
C ALA A 340 33.22 1.19 1.14
N ALA A 341 32.42 2.16 1.59
CA ALA A 341 31.87 2.14 2.94
C ALA A 341 30.79 1.08 3.12
N GLY A 342 30.31 0.48 2.04
CA GLY A 342 29.27 -0.54 2.13
C GLY A 342 27.88 0.05 2.09
N ASP A 343 26.92 -0.63 2.72
CA ASP A 343 27.22 -1.88 3.41
C ASP A 343 27.08 -3.08 2.47
N GLU A 344 26.26 -2.91 1.44
CA GLU A 344 25.96 -4.02 0.54
C GLU A 344 27.19 -4.39 -0.28
N PRO A 345 27.49 -5.67 -0.44
CA PRO A 345 28.65 -6.09 -1.23
C PRO A 345 28.35 -6.01 -2.73
N LEU A 346 29.36 -6.31 -3.53
CA LEU A 346 29.23 -6.22 -4.97
C LEU A 346 28.47 -7.40 -5.56
N PHE A 347 28.66 -8.60 -5.03
CA PHE A 347 28.04 -9.79 -5.57
C PHE A 347 27.66 -10.74 -4.43
N GLY A 348 26.51 -11.40 -4.58
CA GLY A 348 26.06 -12.37 -3.62
C GLY A 348 26.61 -13.76 -3.92
N PRO A 349 26.06 -14.41 -4.95
CA PRO A 349 26.55 -15.75 -5.32
C PRO A 349 27.84 -15.67 -6.11
N VAL A 350 28.58 -16.78 -6.09
CA VAL A 350 29.85 -16.87 -6.79
C VAL A 350 29.98 -18.27 -7.40
N LEU A 351 30.33 -18.31 -8.68
CA LEU A 351 30.41 -19.54 -9.46
C LEU A 351 31.85 -19.99 -9.61
N ASN A 352 32.10 -21.27 -9.40
CA ASN A 352 33.43 -21.85 -9.50
C ASN A 352 33.42 -22.95 -10.55
N ILE A 353 34.25 -22.80 -11.58
CA ILE A 353 34.43 -23.83 -12.59
C ILE A 353 35.75 -24.56 -12.44
N LYS A 354 36.63 -24.10 -11.55
CA LYS A 354 37.96 -24.68 -11.41
C LYS A 354 37.90 -26.03 -10.68
N VAL A 355 38.92 -26.84 -10.93
CA VAL A 355 39.09 -28.14 -10.26
C VAL A 355 40.45 -28.13 -9.59
N PHE A 356 40.48 -28.50 -8.31
CA PHE A 356 41.70 -28.51 -7.53
C PHE A 356 42.26 -29.92 -7.48
N ASP A 357 43.55 -30.06 -7.79
CA ASP A 357 44.19 -31.36 -7.86
C ASP A 357 44.72 -31.73 -6.47
N TYR A 358 44.06 -32.70 -5.83
CA TYR A 358 44.43 -33.14 -4.49
C TYR A 358 45.26 -34.42 -4.48
N GLN A 359 45.29 -35.16 -5.59
CA GLN A 359 45.92 -36.47 -5.60
C GLN A 359 47.43 -36.37 -5.50
N LEU A 360 48.03 -37.41 -4.92
CA LEU A 360 49.47 -37.52 -4.76
C LEU A 360 49.83 -38.99 -4.78
N ASP A 361 51.04 -39.30 -5.27
CA ASP A 361 51.44 -40.69 -5.51
C ASP A 361 52.49 -41.13 -4.50
N ILE A 362 52.07 -41.85 -3.48
CA ILE A 362 52.96 -42.49 -2.51
C ILE A 362 52.84 -44.00 -2.70
N PRO A 363 53.95 -44.72 -2.87
CA PRO A 363 53.87 -46.14 -3.25
C PRO A 363 53.05 -47.00 -2.29
N ASP A 364 52.11 -47.75 -2.86
CA ASP A 364 51.34 -48.77 -2.14
C ASP A 364 50.51 -48.17 -1.01
N VAL A 365 49.96 -46.97 -1.24
CA VAL A 365 49.04 -46.36 -0.28
C VAL A 365 48.17 -45.33 -0.99
N GLN A 366 46.85 -45.45 -0.83
CA GLN A 366 45.89 -44.57 -1.48
C GLN A 366 45.57 -43.37 -0.58
N ALA A 367 45.65 -42.17 -1.15
CA ALA A 367 45.44 -40.93 -0.42
C ALA A 367 44.17 -40.24 -0.90
N GLN A 368 43.33 -39.81 0.05
CA GLN A 368 42.07 -39.15 -0.24
C GLN A 368 41.93 -37.93 0.66
N THR A 369 41.90 -36.74 0.06
CA THR A 369 41.82 -35.50 0.81
C THR A 369 40.37 -35.16 1.10
N HIS A 370 40.02 -35.13 2.38
CA HIS A 370 38.69 -34.73 2.84
C HIS A 370 38.73 -33.29 3.33
N THR A 371 37.62 -32.58 3.10
CA THR A 371 37.53 -31.16 3.42
C THR A 371 36.78 -30.97 4.74
N LEU A 372 37.32 -30.11 5.60
CA LEU A 372 36.72 -29.77 6.87
C LEU A 372 36.26 -28.31 6.95
N ALA A 373 37.13 -27.37 6.59
CA ALA A 373 36.82 -25.96 6.69
C ALA A 373 37.46 -25.22 5.53
N THR A 374 36.63 -24.63 4.67
CA THR A 374 37.09 -23.74 3.60
C THR A 374 36.91 -22.27 3.94
N GLY A 375 36.26 -21.96 5.07
CA GLY A 375 36.05 -20.58 5.45
C GLY A 375 34.60 -20.17 5.31
N PRO A 376 34.30 -18.94 5.74
CA PRO A 376 32.92 -18.44 5.64
C PRO A 376 32.53 -18.16 4.20
N VAL A 377 31.24 -18.32 3.92
CA VAL A 377 30.65 -17.93 2.64
C VAL A 377 29.65 -16.82 2.90
N ASN A 378 29.75 -15.74 2.13
CA ASN A 378 28.85 -14.61 2.26
C ASN A 378 27.41 -15.06 2.00
N ASP A 379 27.13 -15.46 0.75
CA ASP A 379 25.81 -15.92 0.38
C ASP A 379 25.85 -17.35 -0.11
N LEU A 380 26.39 -17.62 -1.31
CA LEU A 380 26.30 -18.95 -1.91
C LEU A 380 27.45 -19.14 -2.88
N GLU A 381 28.11 -20.30 -2.77
CA GLU A 381 29.13 -20.73 -3.72
C GLU A 381 28.63 -21.95 -4.47
N LEU A 382 28.67 -21.90 -5.80
CA LEU A 382 28.22 -23.00 -6.66
C LEU A 382 29.37 -23.42 -7.56
N ALA A 383 29.89 -24.62 -7.34
CA ALA A 383 30.98 -25.18 -8.12
C ALA A 383 30.44 -26.27 -9.01
N LEU A 384 30.85 -26.26 -10.28
CA LEU A 384 30.36 -27.20 -11.29
C LEU A 384 31.51 -28.02 -11.82
N PHE A 385 31.33 -29.35 -11.85
CA PHE A 385 32.36 -30.28 -12.29
C PHE A 385 31.78 -31.23 -13.33
N PRO A 386 31.92 -30.92 -14.62
CA PRO A 386 31.62 -31.90 -15.66
C PRO A 386 32.79 -32.87 -15.82
N ASP A 387 32.48 -34.16 -15.76
CA ASP A 387 33.52 -35.19 -15.76
C ASP A 387 33.93 -35.53 -17.20
N VAL A 388 34.89 -36.45 -17.32
CA VAL A 388 35.31 -36.93 -18.63
C VAL A 388 34.30 -37.87 -19.26
N HIS A 389 33.42 -38.48 -18.46
CA HIS A 389 32.35 -39.31 -18.99
C HIS A 389 31.22 -38.48 -19.60
N GLY A 390 31.19 -37.17 -19.33
CA GLY A 390 30.18 -36.28 -19.87
C GLY A 390 29.10 -35.87 -18.91
N ASP A 391 28.99 -36.53 -17.75
CA ASP A 391 27.96 -36.22 -16.77
C ASP A 391 28.37 -34.98 -15.96
N LEU A 392 27.50 -34.57 -15.04
CA LEU A 392 27.66 -33.31 -14.32
C LEU A 392 27.50 -33.51 -12.83
N SER A 393 28.45 -33.01 -12.05
CA SER A 393 28.38 -32.95 -10.60
C SER A 393 28.46 -31.50 -10.15
N ILE A 394 27.89 -31.20 -8.98
CA ILE A 394 27.90 -29.85 -8.43
C ILE A 394 28.18 -29.91 -6.93
N GLU A 395 28.81 -28.85 -6.43
CA GLU A 395 29.12 -28.69 -5.02
C GLU A 395 28.59 -27.34 -4.56
N ILE A 396 27.69 -27.35 -3.58
CA ILE A 396 27.01 -26.15 -3.09
C ILE A 396 27.53 -25.83 -1.70
N LEU A 397 27.98 -24.59 -1.51
CA LEU A 397 28.42 -24.07 -0.21
C LEU A 397 27.51 -22.92 0.17
N ALA A 398 26.66 -23.12 1.18
CA ALA A 398 25.63 -22.16 1.54
C ALA A 398 25.82 -21.66 2.97
N ASN A 399 25.34 -20.45 3.22
CA ASN A 399 25.33 -19.88 4.56
C ASN A 399 24.24 -20.55 5.38
N LYS A 400 24.63 -21.18 6.49
CA LYS A 400 23.67 -21.90 7.33
C LYS A 400 22.59 -20.99 7.90
N GLN A 401 22.85 -19.68 7.97
CA GLN A 401 21.87 -18.73 8.47
C GLN A 401 20.92 -18.25 7.40
N ARG A 402 21.37 -18.15 6.15
CA ARG A 402 20.53 -17.73 5.04
C ARG A 402 19.88 -18.89 4.28
N TYR A 403 20.33 -20.12 4.51
CA TYR A 403 19.82 -21.27 3.77
C TYR A 403 19.68 -22.47 4.70
N ASP A 404 18.96 -23.48 4.20
CA ASP A 404 18.89 -24.78 4.83
C ASP A 404 18.93 -25.86 3.75
N GLU A 405 19.28 -27.08 4.15
CA GLU A 405 19.59 -28.12 3.19
C GLU A 405 18.42 -28.52 2.29
N PRO A 406 17.20 -28.74 2.80
CA PRO A 406 16.12 -29.17 1.89
C PRO A 406 15.81 -28.17 0.80
N THR A 407 15.85 -26.88 1.11
CA THR A 407 15.66 -25.86 0.08
C THR A 407 16.75 -25.96 -0.99
N LEU A 408 17.99 -26.26 -0.56
CA LEU A 408 19.07 -26.46 -1.53
C LEU A 408 18.80 -27.66 -2.42
N ILE A 409 18.34 -28.77 -1.84
CA ILE A 409 17.92 -29.92 -2.65
C ILE A 409 16.86 -29.50 -3.66
N GLN A 410 15.93 -28.66 -3.22
CA GLN A 410 14.84 -28.20 -4.09
C GLN A 410 15.38 -27.40 -5.26
N HIS A 411 16.23 -26.40 -4.98
CA HIS A 411 16.84 -25.63 -6.05
C HIS A 411 17.67 -26.51 -6.98
N ALA A 412 18.36 -27.50 -6.42
CA ALA A 412 19.12 -28.43 -7.24
C ALA A 412 18.19 -29.20 -8.19
N GLU A 413 17.01 -29.58 -7.69
CA GLU A 413 16.02 -30.21 -8.56
C GLU A 413 15.59 -29.26 -9.68
N ARG A 414 15.42 -27.98 -9.35
CA ARG A 414 15.13 -26.98 -10.37
C ARG A 414 16.20 -26.98 -11.46
N LEU A 415 17.47 -27.00 -11.04
CA LEU A 415 18.56 -27.07 -12.01
C LEU A 415 18.50 -28.35 -12.82
N LYS A 416 18.06 -29.45 -12.18
CA LYS A 416 18.00 -30.74 -12.88
C LYS A 416 17.02 -30.69 -14.03
N MET A 417 15.77 -30.28 -13.77
CA MET A 417 14.80 -30.14 -14.85
C MET A 417 15.17 -29.02 -15.81
N LEU A 418 15.83 -27.98 -15.31
CA LEU A 418 16.40 -26.94 -16.17
C LEU A 418 17.27 -27.57 -17.26
N ILE A 419 18.18 -28.45 -16.87
CA ILE A 419 19.05 -29.12 -17.82
C ILE A 419 18.26 -30.05 -18.72
N ALA A 420 17.33 -30.82 -18.14
CA ALA A 420 16.56 -31.78 -18.91
C ALA A 420 15.80 -31.10 -20.05
N GLN A 421 15.24 -29.92 -19.79
CA GLN A 421 14.45 -29.24 -20.82
C GLN A 421 15.32 -28.83 -22.01
N PHE A 422 16.52 -28.31 -21.75
CA PHE A 422 17.42 -27.97 -22.84
C PHE A 422 17.98 -29.22 -23.51
N ALA A 423 18.14 -30.31 -22.76
CA ALA A 423 18.60 -31.57 -23.36
C ALA A 423 17.57 -32.09 -24.36
N ALA A 424 16.28 -32.00 -24.03
CA ALA A 424 15.25 -32.46 -24.94
C ALA A 424 15.12 -31.52 -26.14
N ASP A 425 15.28 -30.22 -25.91
CA ASP A 425 15.14 -29.22 -26.99
C ASP A 425 16.25 -28.19 -26.87
N PRO A 426 17.38 -28.41 -27.56
CA PRO A 426 18.48 -27.45 -27.50
C PRO A 426 18.18 -26.13 -28.19
N ALA A 427 17.10 -26.04 -28.97
CA ALA A 427 16.67 -24.79 -29.57
C ALA A 427 15.79 -23.98 -28.63
N LEU A 428 15.63 -24.42 -27.39
CA LEU A 428 14.81 -23.71 -26.42
C LEU A 428 15.41 -22.36 -26.08
N LEU A 429 14.55 -21.35 -25.97
CA LEU A 429 15.00 -20.02 -25.60
C LEU A 429 15.19 -19.94 -24.08
N CYS A 430 16.10 -19.06 -23.66
CA CYS A 430 16.29 -18.82 -22.24
C CYS A 430 15.07 -18.20 -21.57
N GLY A 431 14.10 -17.72 -22.35
CA GLY A 431 12.91 -17.09 -21.81
C GLY A 431 11.75 -18.05 -21.60
N ASP A 432 11.71 -19.14 -22.36
CA ASP A 432 10.63 -20.10 -22.30
C ASP A 432 10.90 -21.26 -21.34
N VAL A 433 12.03 -21.22 -20.63
CA VAL A 433 12.40 -22.31 -19.74
C VAL A 433 11.60 -22.23 -18.45
N ASP A 434 11.16 -23.39 -17.96
CA ASP A 434 10.29 -23.47 -16.79
C ASP A 434 11.06 -24.06 -15.62
N ILE A 435 11.12 -23.33 -14.51
CA ILE A 435 11.89 -23.71 -13.34
C ILE A 435 10.99 -24.04 -12.15
N MET A 436 9.68 -24.18 -12.37
CA MET A 436 8.76 -24.46 -11.28
C MET A 436 8.51 -25.97 -11.16
N LEU A 437 8.45 -26.43 -9.92
CA LEU A 437 8.32 -27.86 -9.64
C LEU A 437 6.87 -28.32 -9.77
N PRO A 438 6.66 -29.63 -9.95
CA PRO A 438 5.28 -30.14 -10.11
C PRO A 438 4.36 -29.90 -8.92
N GLY A 439 4.89 -29.81 -7.71
CA GLY A 439 4.04 -29.63 -6.54
C GLY A 439 3.58 -28.20 -6.37
N GLU A 440 4.43 -27.25 -6.78
CA GLU A 440 4.08 -25.84 -6.64
C GLU A 440 2.92 -25.46 -7.57
N TYR A 441 2.89 -26.04 -8.77
CA TYR A 441 1.72 -25.87 -9.63
C TYR A 441 0.45 -26.38 -8.93
N ALA A 442 0.58 -27.46 -8.17
CA ALA A 442 -0.56 -27.96 -7.40
C ALA A 442 -0.95 -26.97 -6.30
N GLN A 443 0.03 -26.38 -5.62
CA GLN A 443 -0.26 -25.35 -4.62
C GLN A 443 -1.01 -24.18 -5.25
N LEU A 444 -0.51 -23.66 -6.37
CA LEU A 444 -1.19 -22.55 -7.04
C LEU A 444 -2.56 -22.95 -7.53
N ALA A 445 -2.74 -24.20 -7.96
CA ALA A 445 -4.06 -24.66 -8.35
C ALA A 445 -5.02 -24.68 -7.17
N GLN A 446 -4.51 -25.03 -5.99
CA GLN A 446 -5.35 -25.05 -4.78
C GLN A 446 -5.71 -23.63 -4.36
N LEU A 447 -4.72 -22.73 -4.34
CA LEU A 447 -4.94 -21.38 -3.81
C LEU A 447 -5.89 -20.58 -4.70
N ASN A 448 -5.81 -20.78 -6.02
CA ASN A 448 -6.61 -20.02 -6.96
C ASN A 448 -7.95 -20.69 -7.27
N ALA A 449 -8.26 -21.82 -6.64
CA ALA A 449 -9.52 -22.53 -6.86
C ALA A 449 -10.61 -21.88 -6.02
N THR A 450 -11.15 -20.78 -6.53
CA THR A 450 -12.14 -19.98 -5.81
C THR A 450 -13.53 -20.07 -6.45
N GLN A 451 -13.80 -21.13 -7.21
CA GLN A 451 -15.06 -21.25 -7.93
C GLN A 451 -16.25 -21.33 -6.98
N VAL A 452 -17.10 -20.30 -6.99
CA VAL A 452 -18.34 -20.28 -6.20
C VAL A 452 -19.46 -19.83 -7.13
N GLU A 453 -20.51 -20.63 -7.21
CA GLU A 453 -21.63 -20.34 -8.11
C GLU A 453 -22.49 -19.24 -7.51
N ILE A 454 -22.52 -18.08 -8.16
CA ILE A 454 -23.37 -16.97 -7.74
C ILE A 454 -24.52 -16.83 -8.73
N PRO A 455 -25.68 -16.33 -8.31
CA PRO A 455 -26.80 -16.18 -9.24
C PRO A 455 -26.60 -15.01 -10.18
N GLU A 456 -27.16 -15.14 -11.38
CA GLU A 456 -27.15 -14.05 -12.37
C GLU A 456 -28.12 -12.98 -11.89
N THR A 457 -27.60 -11.88 -11.34
CA THR A 457 -28.45 -10.88 -10.72
C THR A 457 -27.73 -9.53 -10.73
N THR A 458 -28.42 -8.51 -10.20
CA THR A 458 -27.92 -7.15 -10.16
C THR A 458 -28.04 -6.60 -8.73
N LEU A 459 -27.55 -5.38 -8.55
CA LEU A 459 -27.68 -4.69 -7.26
C LEU A 459 -29.14 -4.39 -6.93
N SER A 460 -29.90 -3.94 -7.92
CA SER A 460 -31.31 -3.59 -7.69
C SER A 460 -32.11 -4.79 -7.23
N ALA A 461 -31.80 -5.98 -7.76
CA ALA A 461 -32.53 -7.17 -7.37
C ALA A 461 -32.21 -7.58 -5.94
N LEU A 462 -30.93 -7.47 -5.54
CA LEU A 462 -30.54 -7.77 -4.17
C LEU A 462 -31.18 -6.79 -3.20
N VAL A 463 -31.07 -5.49 -3.48
CA VAL A 463 -31.68 -4.47 -2.61
C VAL A 463 -33.18 -4.67 -2.51
N ALA A 464 -33.83 -4.97 -3.64
CA ALA A 464 -35.28 -5.20 -3.61
C ALA A 464 -35.62 -6.45 -2.81
N GLU A 465 -34.79 -7.48 -2.90
CA GLU A 465 -35.01 -8.70 -2.12
C GLU A 465 -34.93 -8.41 -0.63
N GLN A 466 -33.85 -7.75 -0.20
CA GLN A 466 -33.68 -7.43 1.23
C GLN A 466 -34.78 -6.49 1.71
N ALA A 467 -35.19 -5.54 0.87
CA ALA A 467 -36.29 -4.66 1.24
C ALA A 467 -37.60 -5.44 1.39
N ALA A 468 -37.81 -6.44 0.53
CA ALA A 468 -38.97 -7.31 0.70
C ALA A 468 -38.87 -8.12 1.99
N LYS A 469 -37.66 -8.42 2.44
CA LYS A 469 -37.49 -9.14 3.70
C LYS A 469 -37.90 -8.28 4.89
N THR A 470 -37.28 -7.12 5.05
CA THR A 470 -37.47 -6.27 6.23
C THR A 470 -37.87 -4.86 5.80
N PRO A 471 -39.16 -4.61 5.60
CA PRO A 471 -39.58 -3.29 5.11
C PRO A 471 -39.55 -2.21 6.19
N ASP A 472 -39.88 -2.55 7.44
CA ASP A 472 -39.98 -1.57 8.50
C ASP A 472 -38.67 -1.36 9.25
N ALA A 473 -37.59 -2.00 8.81
CA ALA A 473 -36.30 -1.88 9.48
C ALA A 473 -35.58 -0.61 9.05
N PRO A 474 -34.78 -0.03 9.93
CA PRO A 474 -34.02 1.18 9.56
C PRO A 474 -32.97 0.87 8.50
N ALA A 475 -32.92 1.71 7.46
CA ALA A 475 -32.02 1.50 6.34
C ALA A 475 -31.05 2.66 6.13
N LEU A 476 -31.56 3.85 5.82
CA LEU A 476 -30.73 5.00 5.46
C LEU A 476 -31.05 6.17 6.39
N ALA A 477 -30.01 6.87 6.83
CA ALA A 477 -30.23 7.92 7.83
C ALA A 477 -29.08 8.92 7.79
N ASP A 478 -29.39 10.15 8.19
CA ASP A 478 -28.40 11.21 8.34
C ASP A 478 -28.86 12.14 9.45
N ALA A 479 -28.36 13.38 9.46
CA ALA A 479 -28.70 14.32 10.51
C ALA A 479 -30.15 14.80 10.43
N ARG A 480 -30.80 14.65 9.29
CA ARG A 480 -32.16 15.13 9.11
C ARG A 480 -33.16 14.01 8.81
N TYR A 481 -32.82 13.08 7.92
CA TYR A 481 -33.74 12.07 7.44
C TYR A 481 -33.41 10.70 8.02
N LEU A 482 -34.43 9.85 8.10
CA LEU A 482 -34.26 8.45 8.46
C LEU A 482 -35.29 7.64 7.70
N PHE A 483 -34.82 6.77 6.81
CA PHE A 483 -35.68 5.97 5.94
C PHE A 483 -35.69 4.52 6.39
N SER A 484 -36.86 3.90 6.36
CA SER A 484 -36.96 2.46 6.41
C SER A 484 -36.76 1.90 5.00
N TYR A 485 -36.68 0.56 4.91
CA TYR A 485 -36.40 -0.06 3.61
C TYR A 485 -37.53 0.20 2.62
N ARG A 486 -38.78 0.17 3.10
CA ARG A 486 -39.90 0.47 2.21
C ARG A 486 -39.86 1.91 1.75
N GLU A 487 -39.70 2.86 2.68
CA GLU A 487 -39.61 4.26 2.32
C GLU A 487 -38.44 4.52 1.37
N MET A 488 -37.28 3.91 1.67
CA MET A 488 -36.11 4.10 0.83
C MET A 488 -36.36 3.58 -0.58
N ARG A 489 -36.94 2.38 -0.69
CA ARG A 489 -37.25 1.84 -2.01
C ARG A 489 -38.28 2.71 -2.74
N GLU A 490 -39.22 3.30 -2.02
CA GLU A 490 -40.15 4.23 -2.63
C GLU A 490 -39.41 5.43 -3.23
N GLN A 491 -38.45 5.99 -2.48
CA GLN A 491 -37.69 7.11 -3.00
C GLN A 491 -36.81 6.71 -4.17
N VAL A 492 -36.25 5.50 -4.13
CA VAL A 492 -35.41 5.03 -5.22
C VAL A 492 -36.22 4.85 -6.49
N VAL A 493 -37.37 4.17 -6.37
CA VAL A 493 -38.24 3.98 -7.53
C VAL A 493 -38.73 5.32 -8.07
N ALA A 494 -39.09 6.24 -7.17
CA ALA A 494 -39.57 7.55 -7.61
C ALA A 494 -38.51 8.29 -8.39
N LEU A 495 -37.31 8.43 -7.81
CA LEU A 495 -36.23 9.12 -8.49
C LEU A 495 -35.85 8.43 -9.78
N ALA A 496 -35.90 7.09 -9.80
CA ALA A 496 -35.62 6.35 -11.02
C ALA A 496 -36.63 6.69 -12.11
N ASN A 497 -37.91 6.77 -11.76
CA ASN A 497 -38.93 7.16 -12.74
C ASN A 497 -38.74 8.59 -13.21
N LEU A 498 -38.26 9.47 -12.33
CA LEU A 498 -37.95 10.84 -12.74
C LEU A 498 -36.79 10.86 -13.73
N LEU A 499 -35.69 10.17 -13.40
CA LEU A 499 -34.58 10.03 -14.34
C LEU A 499 -35.06 9.49 -15.69
N ARG A 500 -35.91 8.47 -15.66
CA ARG A 500 -36.47 7.92 -16.89
C ARG A 500 -37.33 8.95 -17.62
N GLU A 501 -38.03 9.81 -16.89
CA GLU A 501 -38.77 10.90 -17.50
C GLU A 501 -37.85 11.95 -18.12
N ARG A 502 -36.62 12.07 -17.62
CA ARG A 502 -35.62 12.96 -18.21
C ARG A 502 -34.85 12.31 -19.35
N GLY A 503 -35.21 11.08 -19.74
CA GLY A 503 -34.57 10.44 -20.87
C GLY A 503 -33.38 9.58 -20.55
N VAL A 504 -33.31 8.97 -19.37
CA VAL A 504 -32.19 8.13 -18.97
C VAL A 504 -32.59 6.68 -19.29
N LYS A 505 -32.00 6.13 -20.33
CA LYS A 505 -32.33 4.79 -20.79
C LYS A 505 -31.40 3.76 -20.18
N PRO A 506 -31.82 2.50 -20.11
CA PRO A 506 -30.92 1.43 -19.64
C PRO A 506 -29.69 1.31 -20.54
N GLY A 507 -28.52 1.39 -19.93
CA GLY A 507 -27.25 1.39 -20.63
C GLY A 507 -26.57 2.74 -20.66
N ASP A 508 -27.22 3.79 -20.17
CA ASP A 508 -26.67 5.14 -20.18
C ASP A 508 -25.80 5.36 -18.94
N SER A 509 -25.38 6.60 -18.73
CA SER A 509 -24.56 6.99 -17.60
C SER A 509 -25.12 8.28 -17.01
N VAL A 510 -24.99 8.43 -15.69
CA VAL A 510 -25.50 9.59 -14.97
C VAL A 510 -24.37 10.10 -14.08
N ALA A 511 -23.89 11.30 -14.36
CA ALA A 511 -22.89 11.94 -13.51
C ALA A 511 -23.54 12.44 -12.23
N VAL A 512 -22.75 12.47 -11.15
CA VAL A 512 -23.24 12.80 -9.82
C VAL A 512 -22.29 13.78 -9.15
N ALA A 513 -22.81 14.95 -8.77
CA ALA A 513 -22.08 15.95 -7.99
C ALA A 513 -22.97 16.33 -6.80
N LEU A 514 -22.84 15.60 -5.69
CA LEU A 514 -23.70 15.81 -4.53
C LEU A 514 -22.92 15.77 -3.22
N PRO A 515 -23.26 16.65 -2.28
CA PRO A 515 -22.70 16.54 -0.92
C PRO A 515 -23.21 15.29 -0.22
N ARG A 516 -22.51 14.89 0.83
CA ARG A 516 -22.81 13.63 1.51
C ARG A 516 -24.11 13.77 2.31
N SER A 517 -25.16 13.11 1.83
CA SER A 517 -26.43 13.05 2.55
C SER A 517 -27.16 11.79 2.12
N VAL A 518 -28.41 11.63 2.56
CA VAL A 518 -29.20 10.47 2.15
C VAL A 518 -29.47 10.50 0.65
N PHE A 519 -29.48 11.69 0.05
CA PHE A 519 -29.84 11.82 -1.35
C PHE A 519 -28.74 11.38 -2.29
N LEU A 520 -27.50 11.30 -1.81
CA LEU A 520 -26.43 10.69 -2.59
C LEU A 520 -26.66 9.18 -2.74
N THR A 521 -26.88 8.51 -1.60
CA THR A 521 -27.22 7.08 -1.63
C THR A 521 -28.46 6.82 -2.49
N LEU A 522 -29.54 7.55 -2.20
CA LEU A 522 -30.76 7.42 -3.00
C LEU A 522 -30.49 7.65 -4.48
N ALA A 523 -29.62 8.63 -4.80
CA ALA A 523 -29.30 8.89 -6.20
C ALA A 523 -28.67 7.68 -6.86
N LEU A 524 -27.65 7.10 -6.22
CA LEU A 524 -26.96 5.96 -6.80
C LEU A 524 -27.91 4.77 -6.97
N HIS A 525 -28.65 4.43 -5.93
CA HIS A 525 -29.62 3.34 -6.02
C HIS A 525 -30.63 3.59 -7.13
N ALA A 526 -31.07 4.83 -7.30
CA ALA A 526 -32.02 5.14 -8.36
C ALA A 526 -31.37 5.01 -9.74
N ILE A 527 -30.11 5.43 -9.87
CA ILE A 527 -29.40 5.30 -11.14
C ILE A 527 -29.30 3.83 -11.55
N VAL A 528 -28.93 2.97 -10.60
CA VAL A 528 -28.89 1.53 -10.87
C VAL A 528 -30.29 1.02 -11.20
N GLU A 529 -31.30 1.53 -10.50
CA GLU A 529 -32.68 1.06 -10.69
C GLU A 529 -33.16 1.28 -12.11
N ALA A 530 -32.73 2.37 -12.74
CA ALA A 530 -33.12 2.68 -14.11
C ALA A 530 -32.24 2.00 -15.16
N GLY A 531 -31.36 1.09 -14.74
CA GLY A 531 -30.50 0.39 -15.67
C GLY A 531 -29.30 1.17 -16.14
N ALA A 532 -28.93 2.24 -15.45
CA ALA A 532 -27.81 3.08 -15.83
C ALA A 532 -26.64 2.90 -14.88
N ALA A 533 -25.51 3.47 -15.26
CA ALA A 533 -24.31 3.51 -14.45
C ALA A 533 -24.13 4.90 -13.87
N TRP A 534 -23.48 4.98 -12.71
CA TRP A 534 -23.26 6.26 -12.05
C TRP A 534 -21.80 6.67 -12.19
N LEU A 535 -21.60 7.98 -12.42
CA LEU A 535 -20.29 8.58 -12.66
C LEU A 535 -20.03 9.61 -11.57
N PRO A 536 -19.34 9.23 -10.49
CA PRO A 536 -19.11 10.16 -9.38
C PRO A 536 -18.14 11.27 -9.76
N LEU A 537 -18.53 12.51 -9.48
CA LEU A 537 -17.74 13.70 -9.79
C LEU A 537 -17.28 14.36 -8.50
N ASP A 538 -15.99 14.67 -8.42
CA ASP A 538 -15.43 15.42 -7.30
C ASP A 538 -15.40 16.90 -7.68
N THR A 539 -16.23 17.70 -7.03
CA THR A 539 -16.33 19.13 -7.32
C THR A 539 -15.05 19.89 -6.97
N GLY A 540 -14.15 19.30 -6.18
CA GLY A 540 -12.87 19.96 -5.91
C GLY A 540 -11.95 20.00 -7.12
N TYR A 541 -12.20 19.16 -8.12
CA TYR A 541 -11.38 19.17 -9.32
C TYR A 541 -11.63 20.44 -10.13
N PRO A 542 -10.66 20.86 -10.95
CA PRO A 542 -10.88 22.02 -11.83
C PRO A 542 -11.93 21.72 -12.89
N ASP A 543 -12.41 22.79 -13.51
CA ASP A 543 -13.48 22.66 -14.50
C ASP A 543 -12.99 21.97 -15.77
N ASP A 544 -11.73 22.19 -16.15
CA ASP A 544 -11.21 21.57 -17.37
C ASP A 544 -11.25 20.05 -17.28
N ARG A 545 -10.78 19.50 -16.15
CA ARG A 545 -10.74 18.05 -15.99
C ARG A 545 -12.15 17.47 -15.98
N LEU A 546 -13.07 18.11 -15.25
CA LEU A 546 -14.45 17.65 -15.22
C LEU A 546 -15.08 17.66 -16.60
N LYS A 547 -14.85 18.74 -17.35
CA LYS A 547 -15.42 18.84 -18.70
C LYS A 547 -14.81 17.78 -19.62
N MET A 548 -13.52 17.52 -19.47
CA MET A 548 -12.88 16.42 -20.20
C MET A 548 -13.56 15.09 -19.87
N MET A 549 -13.74 14.81 -18.58
CA MET A 549 -14.41 13.58 -18.15
C MET A 549 -15.80 13.47 -18.75
N LEU A 550 -16.56 14.58 -18.73
CA LEU A 550 -17.92 14.53 -19.26
C LEU A 550 -17.94 14.40 -20.77
N GLU A 551 -16.93 14.93 -21.45
CA GLU A 551 -16.82 14.73 -22.90
C GLU A 551 -16.51 13.28 -23.23
N ASP A 552 -15.72 12.60 -22.39
CA ASP A 552 -15.41 11.20 -22.61
C ASP A 552 -16.61 10.30 -22.30
N ALA A 553 -17.25 10.52 -21.15
CA ALA A 553 -18.33 9.64 -20.71
C ALA A 553 -19.63 9.90 -21.44
N ARG A 554 -19.92 11.17 -21.74
CA ARG A 554 -21.18 11.60 -22.37
C ARG A 554 -22.39 11.08 -21.59
N PRO A 555 -22.61 11.56 -20.38
CA PRO A 555 -23.74 11.07 -19.59
C PRO A 555 -25.06 11.64 -20.08
N SER A 556 -26.13 10.90 -19.81
CA SER A 556 -27.46 11.34 -20.22
C SER A 556 -28.00 12.45 -19.31
N LEU A 557 -27.58 12.46 -18.04
CA LEU A 557 -28.10 13.41 -17.07
C LEU A 557 -27.06 13.64 -15.99
N LEU A 558 -27.09 14.83 -15.40
CA LEU A 558 -26.23 15.19 -14.28
C LEU A 558 -27.11 15.49 -13.07
N ILE A 559 -26.86 14.80 -11.96
CA ILE A 559 -27.59 14.99 -10.71
C ILE A 559 -26.71 15.84 -9.80
N THR A 560 -27.17 17.05 -9.49
CA THR A 560 -26.41 17.96 -8.64
C THR A 560 -27.39 18.78 -7.82
N THR A 561 -26.85 19.77 -7.09
CA THR A 561 -27.64 20.73 -6.35
C THR A 561 -27.70 22.06 -7.10
N ASP A 562 -28.56 22.96 -6.61
CA ASP A 562 -28.80 24.22 -7.29
C ASP A 562 -27.57 25.13 -7.28
N ASP A 563 -26.74 25.04 -6.25
CA ASP A 563 -25.58 25.91 -6.12
C ASP A 563 -24.39 25.47 -6.98
N GLN A 564 -24.31 24.19 -7.33
CA GLN A 564 -23.24 23.69 -8.18
C GLN A 564 -23.58 23.74 -9.66
N LEU A 565 -24.85 23.98 -10.00
CA LEU A 565 -25.24 24.09 -11.41
C LEU A 565 -24.56 25.23 -12.16
N PRO A 566 -24.33 26.41 -11.58
CA PRO A 566 -23.57 27.44 -12.32
C PRO A 566 -22.21 26.97 -12.82
N ARG A 567 -21.60 26.01 -12.14
CA ARG A 567 -20.32 25.46 -12.61
C ARG A 567 -20.49 24.73 -13.93
N PHE A 568 -21.57 23.95 -14.06
CA PHE A 568 -21.79 23.10 -15.22
C PHE A 568 -22.72 23.73 -16.25
N SER A 569 -23.07 25.01 -16.09
CA SER A 569 -23.84 25.70 -17.12
C SER A 569 -23.06 25.87 -18.41
N ASP A 570 -21.72 25.75 -18.34
CA ASP A 570 -20.89 25.90 -19.52
C ASP A 570 -20.81 24.60 -20.33
N VAL A 571 -20.96 23.46 -19.69
CA VAL A 571 -20.80 22.16 -20.34
C VAL A 571 -21.87 21.98 -21.42
N PRO A 572 -21.46 21.77 -22.66
CA PRO A 572 -22.43 21.63 -23.75
C PRO A 572 -23.07 20.25 -23.78
N ASN A 573 -24.33 20.23 -24.22
CA ASN A 573 -25.09 18.99 -24.43
C ASN A 573 -25.15 18.15 -23.16
N LEU A 574 -25.58 18.78 -22.06
CA LEU A 574 -25.65 18.09 -20.77
C LEU A 574 -26.92 18.54 -20.05
N THR A 575 -27.89 17.63 -19.93
CA THR A 575 -29.08 17.88 -19.15
C THR A 575 -28.77 17.75 -17.66
N SER A 576 -29.42 18.58 -16.84
CA SER A 576 -29.15 18.64 -15.42
C SER A 576 -30.42 18.33 -14.62
N LEU A 577 -30.24 18.13 -13.31
CA LEU A 577 -31.34 17.80 -12.42
C LEU A 577 -30.91 18.09 -10.98
N CYS A 578 -31.75 18.82 -10.25
CA CYS A 578 -31.47 19.21 -8.87
C CYS A 578 -32.27 18.31 -7.93
N TYR A 579 -31.56 17.50 -7.14
CA TYR A 579 -32.17 16.51 -6.25
C TYR A 579 -31.67 16.77 -4.83
N ASN A 580 -32.48 17.46 -4.04
CA ASN A 580 -32.16 17.77 -2.66
C ASN A 580 -33.29 17.44 -1.68
N ALA A 581 -34.44 17.00 -2.16
CA ALA A 581 -35.60 16.75 -1.32
C ALA A 581 -36.30 15.48 -1.76
N PRO A 582 -36.98 14.79 -0.84
CA PRO A 582 -37.69 13.56 -1.21
C PRO A 582 -38.82 13.83 -2.19
N LEU A 583 -39.30 12.76 -2.81
CA LEU A 583 -40.38 12.81 -3.78
C LEU A 583 -41.59 12.05 -3.26
N THR A 584 -42.74 12.32 -3.87
CA THR A 584 -43.99 11.67 -3.44
C THR A 584 -43.93 10.19 -3.75
N PRO A 585 -44.11 9.31 -2.75
CA PRO A 585 -43.97 7.87 -3.00
C PRO A 585 -45.12 7.31 -3.83
N GLN A 586 -44.78 6.49 -4.84
CA GLN A 586 -45.76 5.82 -5.70
C GLN A 586 -45.28 4.39 -5.97
N GLY A 587 -45.53 3.51 -5.01
CA GLY A 587 -45.12 2.13 -5.13
C GLY A 587 -43.67 1.91 -4.74
N SER A 588 -43.36 0.69 -4.33
CA SER A 588 -42.01 0.27 -4.05
C SER A 588 -41.53 -0.81 -4.99
N ALA A 589 -42.31 -1.13 -6.02
CA ALA A 589 -42.02 -2.30 -6.86
C ALA A 589 -40.77 -2.06 -7.70
N PRO A 590 -39.88 -3.05 -7.82
CA PRO A 590 -38.69 -2.88 -8.65
C PRO A 590 -39.05 -2.74 -10.12
N LEU A 591 -38.29 -1.90 -10.83
CA LEU A 591 -38.54 -1.65 -12.24
C LEU A 591 -38.01 -2.75 -13.15
N GLN A 592 -37.06 -3.57 -12.67
CA GLN A 592 -36.55 -4.72 -13.42
C GLN A 592 -35.95 -4.31 -14.76
N LEU A 593 -35.30 -3.14 -14.79
CA LEU A 593 -34.61 -2.68 -15.98
C LEU A 593 -33.12 -2.97 -15.97
N SER A 594 -32.57 -3.38 -14.83
CA SER A 594 -31.14 -3.61 -14.71
C SER A 594 -30.78 -5.01 -15.17
N GLN A 595 -29.74 -5.12 -16.00
CA GLN A 595 -29.29 -6.40 -16.51
C GLN A 595 -27.85 -6.66 -16.07
N PRO A 596 -27.47 -7.93 -15.92
CA PRO A 596 -26.10 -8.24 -15.44
C PRO A 596 -25.00 -7.73 -16.34
N HIS A 597 -25.27 -7.49 -17.62
CA HIS A 597 -24.26 -7.02 -18.55
C HIS A 597 -24.11 -5.51 -18.58
N HIS A 598 -24.92 -4.79 -17.80
CA HIS A 598 -24.84 -3.34 -17.75
C HIS A 598 -23.66 -2.89 -16.90
N THR A 599 -23.07 -1.76 -17.28
CA THR A 599 -22.09 -1.12 -16.43
C THR A 599 -22.74 -0.62 -15.15
N ALA A 600 -22.10 -0.88 -14.02
CA ALA A 600 -22.63 -0.43 -12.73
C ALA A 600 -22.13 0.97 -12.36
N TYR A 601 -20.81 1.18 -12.38
CA TYR A 601 -20.23 2.47 -12.05
C TYR A 601 -19.01 2.71 -12.91
N ILE A 602 -18.72 3.99 -13.15
CA ILE A 602 -17.59 4.43 -13.96
C ILE A 602 -16.77 5.39 -13.10
N ILE A 603 -15.52 5.03 -12.86
CA ILE A 603 -14.64 5.82 -11.99
C ILE A 603 -13.36 6.12 -12.77
N PHE A 604 -13.06 7.41 -12.90
CA PHE A 604 -11.90 7.86 -13.66
C PHE A 604 -10.66 7.87 -12.78
N THR A 605 -9.56 7.32 -13.30
CA THR A 605 -8.28 7.32 -12.62
C THR A 605 -7.24 8.03 -13.47
N SER A 606 -6.15 8.42 -12.80
CA SER A 606 -5.08 9.12 -13.49
C SER A 606 -4.40 8.22 -14.51
N GLY A 607 -4.23 8.73 -15.72
CA GLY A 607 -3.55 8.01 -16.77
C GLY A 607 -2.09 8.38 -16.85
N SER A 608 -1.25 7.39 -17.19
CA SER A 608 0.18 7.64 -17.30
C SER A 608 0.58 8.24 -18.65
N THR A 609 -0.33 8.24 -19.63
CA THR A 609 -0.01 8.76 -20.96
C THR A 609 -0.78 10.04 -21.25
N GLY A 610 -2.05 9.91 -21.60
CA GLY A 610 -2.88 11.05 -21.98
C GLY A 610 -3.84 11.46 -20.89
N ARG A 611 -5.04 11.85 -21.31
CA ARG A 611 -6.06 12.30 -20.37
C ARG A 611 -6.51 11.14 -19.48
N PRO A 612 -7.12 11.43 -18.33
CA PRO A 612 -7.55 10.38 -17.41
C PRO A 612 -8.50 9.38 -18.08
N LYS A 613 -8.44 8.14 -17.61
CA LYS A 613 -9.19 7.03 -18.17
C LYS A 613 -10.25 6.56 -17.18
N GLY A 614 -11.43 6.22 -17.70
CA GLY A 614 -12.52 5.75 -16.87
C GLY A 614 -12.58 4.23 -16.82
N VAL A 615 -12.87 3.70 -15.64
CA VAL A 615 -12.92 2.27 -15.39
C VAL A 615 -14.38 1.86 -15.35
N MET A 616 -14.81 1.10 -16.36
CA MET A 616 -16.18 0.59 -16.44
C MET A 616 -16.25 -0.75 -15.71
N VAL A 617 -16.95 -0.79 -14.58
CA VAL A 617 -17.09 -1.99 -13.76
C VAL A 617 -18.53 -2.48 -13.90
N GLY A 618 -18.68 -3.71 -14.40
CA GLY A 618 -19.99 -4.26 -14.66
C GLY A 618 -20.76 -4.60 -13.40
N GLN A 619 -22.00 -5.05 -13.62
CA GLN A 619 -22.88 -5.39 -12.51
C GLN A 619 -22.47 -6.70 -11.85
N THR A 620 -22.26 -7.75 -12.65
CA THR A 620 -21.94 -9.07 -12.10
C THR A 620 -20.66 -9.04 -11.27
N ALA A 621 -19.70 -8.21 -11.66
CA ALA A 621 -18.46 -8.10 -10.89
C ALA A 621 -18.73 -7.61 -9.47
N ILE A 622 -19.38 -6.44 -9.36
CA ILE A 622 -19.64 -5.87 -8.03
C ILE A 622 -20.64 -6.73 -7.27
N VAL A 623 -21.50 -7.48 -7.96
CA VAL A 623 -22.37 -8.43 -7.30
C VAL A 623 -21.55 -9.52 -6.62
N ASN A 624 -20.58 -10.09 -7.35
CA ASN A 624 -19.70 -11.08 -6.75
C ASN A 624 -18.92 -10.49 -5.57
N ARG A 625 -18.43 -9.26 -5.74
CA ARG A 625 -17.69 -8.60 -4.67
C ARG A 625 -18.53 -8.45 -3.42
N LEU A 626 -19.76 -7.93 -3.57
CA LEU A 626 -20.59 -7.67 -2.40
C LEU A 626 -21.10 -8.96 -1.77
N LEU A 627 -21.50 -9.93 -2.61
CA LEU A 627 -21.95 -11.21 -2.06
C LEU A 627 -20.84 -11.93 -1.32
N TRP A 628 -19.61 -11.86 -1.84
CA TRP A 628 -18.47 -12.42 -1.12
C TRP A 628 -18.26 -11.71 0.21
N MET A 629 -18.27 -10.37 0.17
CA MET A 629 -18.06 -9.60 1.40
C MET A 629 -19.14 -9.88 2.42
N GLN A 630 -20.34 -10.25 1.96
CA GLN A 630 -21.43 -10.58 2.86
C GLN A 630 -21.30 -12.00 3.41
N ASN A 631 -20.68 -12.91 2.66
CA ASN A 631 -20.46 -14.27 3.15
C ASN A 631 -19.28 -14.29 4.12
N HIS A 632 -18.16 -13.70 3.71
CA HIS A 632 -16.94 -13.77 4.51
C HIS A 632 -17.00 -12.86 5.73
N TYR A 633 -17.76 -11.78 5.66
CA TYR A 633 -17.91 -10.84 6.78
C TYR A 633 -19.40 -10.56 6.99
N PRO A 634 -20.15 -11.55 7.50
CA PRO A 634 -21.61 -11.43 7.55
C PRO A 634 -22.09 -10.22 8.35
N LEU A 635 -23.16 -9.60 7.86
CA LEU A 635 -23.79 -8.46 8.51
C LEU A 635 -25.24 -8.81 8.85
N THR A 636 -25.72 -8.25 9.97
CA THR A 636 -27.09 -8.46 10.44
C THR A 636 -27.80 -7.12 10.55
N GLY A 637 -29.07 -7.19 10.97
CA GLY A 637 -29.86 -5.98 11.16
C GLY A 637 -29.41 -5.11 12.31
N GLU A 638 -28.69 -5.69 13.28
CA GLU A 638 -28.12 -4.91 14.37
C GLU A 638 -26.90 -4.10 13.96
N ASP A 639 -26.34 -4.36 12.77
CA ASP A 639 -25.13 -3.69 12.33
C ASP A 639 -25.43 -2.31 11.75
N VAL A 640 -24.43 -1.44 11.85
CA VAL A 640 -24.53 -0.06 11.37
C VAL A 640 -23.27 0.23 10.56
N VAL A 641 -23.44 0.45 9.26
CA VAL A 641 -22.33 0.75 8.36
C VAL A 641 -22.24 2.27 8.18
N ALA A 642 -21.02 2.77 8.11
CA ALA A 642 -20.75 4.20 8.00
C ALA A 642 -20.45 4.58 6.56
N GLN A 643 -20.86 5.80 6.19
CA GLN A 643 -20.54 6.40 4.90
C GLN A 643 -19.47 7.47 5.14
N LYS A 644 -18.22 7.05 5.06
CA LYS A 644 -17.07 7.94 5.22
C LYS A 644 -16.34 8.21 3.92
N THR A 645 -16.43 7.28 2.97
CA THR A 645 -15.60 7.35 1.77
C THR A 645 -16.23 8.28 0.74
N PRO A 646 -15.48 9.22 0.18
CA PRO A 646 -16.01 10.04 -0.91
C PRO A 646 -16.45 9.19 -2.09
N CYS A 647 -17.48 9.68 -2.80
CA CYS A 647 -18.03 8.93 -3.92
C CYS A 647 -17.00 8.73 -5.04
N SER A 648 -15.98 9.57 -5.11
CA SER A 648 -14.95 9.44 -6.13
C SER A 648 -14.05 8.24 -5.92
N PHE A 649 -14.13 7.58 -4.76
CA PHE A 649 -13.35 6.38 -4.48
C PHE A 649 -14.26 5.16 -4.55
N ASP A 650 -13.73 4.07 -5.14
CA ASP A 650 -14.52 2.87 -5.35
C ASP A 650 -14.81 2.12 -4.05
N VAL A 651 -14.05 2.39 -2.98
CA VAL A 651 -14.35 1.80 -1.68
C VAL A 651 -15.80 2.09 -1.29
N SER A 652 -16.23 3.34 -1.50
CA SER A 652 -17.59 3.75 -1.16
C SER A 652 -18.65 2.87 -1.80
N VAL A 653 -18.31 2.13 -2.86
CA VAL A 653 -19.29 1.28 -3.53
C VAL A 653 -19.85 0.23 -2.58
N TRP A 654 -19.00 -0.36 -1.74
CA TRP A 654 -19.51 -1.31 -0.76
C TRP A 654 -20.06 -0.64 0.49
N GLU A 655 -19.94 0.68 0.60
CA GLU A 655 -20.69 1.41 1.63
C GLU A 655 -22.09 1.77 1.17
N PHE A 656 -22.28 2.01 -0.13
CA PHE A 656 -23.56 2.42 -0.69
C PHE A 656 -24.53 1.26 -0.89
N PHE A 657 -24.06 0.01 -0.89
CA PHE A 657 -24.91 -1.11 -1.27
C PHE A 657 -24.83 -2.30 -0.32
N TRP A 658 -23.64 -2.69 0.10
CA TRP A 658 -23.48 -3.87 0.96
C TRP A 658 -24.38 -3.89 2.19
N PRO A 659 -24.56 -2.80 2.94
CA PRO A 659 -25.51 -2.85 4.07
C PRO A 659 -26.94 -3.12 3.65
N PHE A 660 -27.30 -2.83 2.39
CA PHE A 660 -28.67 -2.98 1.93
C PHE A 660 -28.97 -4.34 1.32
N ILE A 661 -27.98 -5.24 1.25
CA ILE A 661 -28.20 -6.63 0.87
C ILE A 661 -28.16 -7.56 2.05
N ALA A 662 -27.91 -7.04 3.26
CA ALA A 662 -27.89 -7.82 4.48
C ALA A 662 -28.97 -7.42 5.48
N GLY A 663 -29.70 -6.34 5.23
CA GLY A 663 -30.65 -5.82 6.19
C GLY A 663 -30.09 -4.86 7.20
N ALA A 664 -28.83 -4.46 7.05
CA ALA A 664 -28.17 -3.55 7.98
C ALA A 664 -28.58 -2.11 7.70
N LYS A 665 -28.01 -1.19 8.47
CA LYS A 665 -28.36 0.23 8.41
C LYS A 665 -27.13 1.03 8.02
N LEU A 666 -27.33 2.00 7.13
CA LEU A 666 -26.26 2.87 6.63
C LEU A 666 -26.50 4.30 7.11
N VAL A 667 -25.43 4.96 7.55
CA VAL A 667 -25.54 6.30 8.11
C VAL A 667 -24.53 7.22 7.43
N MET A 668 -25.00 8.39 7.01
CA MET A 668 -24.16 9.38 6.35
C MET A 668 -23.36 10.17 7.37
N ALA A 669 -22.09 10.39 7.06
CA ALA A 669 -21.28 11.31 7.83
C ALA A 669 -21.54 12.73 7.36
N GLU A 670 -20.94 13.69 8.06
CA GLU A 670 -21.01 15.06 7.61
C GLU A 670 -20.00 15.28 6.49
N PRO A 671 -20.22 16.29 5.65
CA PRO A 671 -19.24 16.61 4.61
C PRO A 671 -17.86 16.87 5.20
N GLU A 672 -16.84 16.47 4.45
CA GLU A 672 -15.42 16.56 4.83
C GLU A 672 -15.18 16.21 6.29
N ALA A 673 -15.97 15.30 6.85
CA ALA A 673 -15.70 14.76 8.18
C ALA A 673 -14.75 13.57 8.14
N HIS A 674 -14.50 13.01 6.96
CA HIS A 674 -13.54 11.94 6.78
C HIS A 674 -12.10 12.40 6.92
N ARG A 675 -11.85 13.71 6.94
CA ARG A 675 -10.54 14.26 7.19
C ARG A 675 -10.31 14.60 8.66
N ASP A 676 -11.35 14.53 9.49
CA ASP A 676 -11.25 14.93 10.89
C ASP A 676 -11.41 13.72 11.79
N PRO A 677 -10.34 13.26 12.45
CA PRO A 677 -10.47 12.10 13.36
C PRO A 677 -11.45 12.33 14.50
N LEU A 678 -11.45 13.54 15.08
CA LEU A 678 -12.39 13.85 16.15
C LEU A 678 -13.83 13.76 15.66
N ALA A 679 -14.11 14.31 14.47
CA ALA A 679 -15.44 14.19 13.90
C ALA A 679 -15.81 12.75 13.65
N MET A 680 -14.83 11.90 13.30
CA MET A 680 -15.09 10.47 13.16
C MET A 680 -15.42 9.84 14.50
N GLN A 681 -14.76 10.28 15.57
CA GLN A 681 -15.08 9.78 16.91
C GLN A 681 -16.52 10.16 17.29
N GLN A 682 -16.87 11.43 17.13
CA GLN A 682 -18.24 11.87 17.44
C GLN A 682 -19.26 11.15 16.57
N PHE A 683 -18.90 10.87 15.32
CA PHE A 683 -19.80 10.19 14.39
C PHE A 683 -20.02 8.74 14.81
N PHE A 684 -18.94 7.99 14.99
CA PHE A 684 -19.03 6.62 15.49
C PHE A 684 -19.83 6.55 16.77
N ALA A 685 -19.51 7.41 17.73
CA ALA A 685 -20.21 7.40 19.01
C ALA A 685 -21.69 7.75 18.84
N GLU A 686 -21.99 8.63 17.88
CA GLU A 686 -23.36 9.10 17.72
C GLU A 686 -24.26 8.00 17.18
N TYR A 687 -23.84 7.34 16.10
CA TYR A 687 -24.66 6.32 15.45
C TYR A 687 -24.38 4.91 15.93
N GLY A 688 -23.32 4.71 16.72
CA GLY A 688 -22.96 3.36 17.13
C GLY A 688 -22.50 2.53 15.95
N VAL A 689 -21.57 3.07 15.17
CA VAL A 689 -21.13 2.42 13.95
C VAL A 689 -20.48 1.08 14.29
N THR A 690 -20.91 0.03 13.60
CA THR A 690 -20.31 -1.29 13.76
C THR A 690 -19.35 -1.65 12.65
N THR A 691 -19.42 -0.98 11.50
CA THR A 691 -18.63 -1.33 10.32
C THR A 691 -18.18 -0.06 9.62
N THR A 692 -16.87 0.05 9.37
CA THR A 692 -16.32 1.24 8.72
C THR A 692 -15.06 0.84 7.95
N HIS A 693 -14.40 1.84 7.37
CA HIS A 693 -13.23 1.67 6.53
C HIS A 693 -12.16 2.68 6.92
N PHE A 694 -10.91 2.37 6.57
CA PHE A 694 -9.80 3.28 6.84
C PHE A 694 -8.70 3.07 5.81
N VAL A 695 -8.03 4.16 5.46
CA VAL A 695 -6.78 4.09 4.71
C VAL A 695 -5.65 4.06 5.75
N PRO A 696 -4.69 3.14 5.62
CA PRO A 696 -3.63 3.00 6.63
C PRO A 696 -3.04 4.31 7.15
N SER A 697 -2.85 5.29 6.25
CA SER A 697 -2.42 6.61 6.69
C SER A 697 -3.47 7.26 7.58
N MET A 698 -4.72 7.25 7.14
CA MET A 698 -5.81 7.78 7.95
C MET A 698 -6.02 6.97 9.23
N LEU A 699 -5.74 5.66 9.19
CA LEU A 699 -5.79 4.86 10.40
C LEU A 699 -4.73 5.31 11.39
N ALA A 700 -3.52 5.61 10.92
CA ALA A 700 -2.47 6.12 11.79
C ALA A 700 -2.83 7.49 12.35
N ALA A 701 -3.35 8.38 11.49
CA ALA A 701 -3.80 9.68 11.96
C ALA A 701 -5.00 9.58 12.89
N PHE A 702 -5.74 8.47 12.84
CA PHE A 702 -6.89 8.29 13.72
C PHE A 702 -6.48 7.76 15.08
N VAL A 703 -5.62 6.74 15.12
CA VAL A 703 -5.11 6.24 16.39
C VAL A 703 -4.20 7.25 17.06
N ALA A 704 -3.68 8.24 16.32
CA ALA A 704 -2.90 9.30 16.93
C ALA A 704 -3.77 10.23 17.76
N SER A 705 -5.04 10.39 17.39
CA SER A 705 -5.98 11.19 18.15
C SER A 705 -6.61 10.41 19.30
N LEU A 706 -6.33 9.12 19.40
CA LEU A 706 -7.03 8.25 20.34
C LEU A 706 -6.28 8.16 21.66
N THR A 707 -7.02 8.33 22.74
CA THR A 707 -6.63 7.88 24.06
C THR A 707 -7.54 6.74 24.49
N PRO A 708 -7.06 5.80 25.32
CA PRO A 708 -7.86 4.62 25.68
C PRO A 708 -9.30 4.93 26.08
N GLN A 709 -9.52 6.05 26.76
CA GLN A 709 -10.88 6.39 27.16
C GLN A 709 -11.70 6.90 25.97
N THR A 710 -11.07 7.67 25.07
CA THR A 710 -11.76 8.04 23.84
C THR A 710 -12.00 6.83 22.95
N ALA A 711 -11.08 5.86 22.98
CA ALA A 711 -11.28 4.63 22.22
C ALA A 711 -12.44 3.81 22.76
N ARG A 712 -12.57 3.72 24.08
CA ARG A 712 -13.70 3.02 24.68
C ARG A 712 -14.98 3.85 24.69
N GLN A 713 -14.89 5.15 24.35
CA GLN A 713 -16.07 6.00 24.25
C GLN A 713 -16.55 6.17 22.82
N SER A 714 -15.77 5.77 21.83
CA SER A 714 -16.14 5.94 20.42
C SER A 714 -16.06 4.63 19.65
N CYS A 715 -14.90 3.98 19.70
CA CYS A 715 -14.65 2.77 18.92
C CYS A 715 -15.16 1.51 19.60
N ALA A 716 -15.94 1.63 20.67
CA ALA A 716 -16.43 0.46 21.39
C ALA A 716 -17.47 -0.32 20.60
N THR A 717 -18.17 0.32 19.66
CA THR A 717 -19.20 -0.33 18.87
C THR A 717 -18.66 -0.99 17.60
N LEU A 718 -17.42 -0.71 17.23
CA LEU A 718 -16.85 -1.24 16.00
C LEU A 718 -16.65 -2.75 16.11
N LYS A 719 -17.33 -3.50 15.24
CA LYS A 719 -17.12 -4.94 15.16
C LYS A 719 -16.27 -5.38 13.98
N GLN A 720 -16.18 -4.57 12.93
CA GLN A 720 -15.40 -4.92 11.74
C GLN A 720 -14.86 -3.65 11.11
N VAL A 721 -13.53 -3.58 10.95
CA VAL A 721 -12.84 -2.44 10.34
C VAL A 721 -11.97 -2.96 9.21
N PHE A 722 -12.00 -2.25 8.08
CA PHE A 722 -11.29 -2.68 6.87
C PHE A 722 -10.30 -1.60 6.42
N CYS A 723 -9.15 -2.05 5.92
CA CYS A 723 -8.08 -1.17 5.46
C CYS A 723 -7.63 -1.61 4.07
N SER A 724 -7.54 -0.65 3.16
CA SER A 724 -7.13 -0.95 1.79
C SER A 724 -6.66 0.34 1.12
N GLY A 725 -5.88 0.18 0.06
CA GLY A 725 -5.32 1.28 -0.69
C GLY A 725 -3.83 1.49 -0.46
N GLU A 726 -3.30 1.01 0.66
CA GLU A 726 -1.88 1.16 0.97
C GLU A 726 -1.36 -0.12 1.61
N ALA A 727 -0.05 -0.25 1.63
CA ALA A 727 0.59 -1.31 2.41
C ALA A 727 0.28 -1.10 3.88
N LEU A 728 -0.29 -2.12 4.52
CA LEU A 728 -0.83 -1.98 5.87
C LEU A 728 0.24 -2.32 6.90
N PRO A 729 0.73 -1.35 7.68
CA PRO A 729 1.78 -1.66 8.66
C PRO A 729 1.26 -2.59 9.75
N ALA A 730 2.09 -3.56 10.12
CA ALA A 730 1.71 -4.51 11.17
C ALA A 730 1.74 -3.85 12.55
N ASP A 731 2.73 -2.98 12.80
CA ASP A 731 2.80 -2.29 14.08
C ASP A 731 1.55 -1.45 14.32
N LEU A 732 1.05 -0.77 13.29
CA LEU A 732 -0.20 -0.03 13.41
C LEU A 732 -1.36 -0.96 13.74
N CYS A 733 -1.35 -2.17 13.20
CA CYS A 733 -2.42 -3.12 13.45
C CYS A 733 -2.39 -3.63 14.89
N ARG A 734 -1.19 -3.91 15.41
CA ARG A 734 -1.07 -4.32 16.81
C ARG A 734 -1.45 -3.18 17.74
N GLU A 735 -1.07 -1.95 17.40
N GLU A 735 -1.07 -1.95 17.40
CA GLU A 735 -1.47 -0.79 18.19
CA GLU A 735 -1.47 -0.78 18.18
C GLU A 735 -2.98 -0.61 18.17
C GLU A 735 -2.98 -0.61 18.17
N TRP A 736 -3.60 -0.76 17.00
CA TRP A 736 -5.06 -0.68 16.91
C TRP A 736 -5.73 -1.80 17.69
N GLN A 737 -5.13 -2.99 17.68
CA GLN A 737 -5.69 -4.10 18.43
C GLN A 737 -5.64 -3.85 19.92
N GLN A 738 -4.54 -3.30 20.42
CA GLN A 738 -4.41 -3.06 21.84
C GLN A 738 -5.29 -1.89 22.29
N LEU A 739 -5.43 -0.87 21.45
CA LEU A 739 -6.20 0.31 21.82
C LEU A 739 -7.70 0.08 21.70
N THR A 740 -8.14 -0.80 20.81
CA THR A 740 -9.56 -1.04 20.60
C THR A 740 -9.96 -2.49 20.83
N GLY A 741 -9.28 -3.45 20.20
CA GLY A 741 -9.73 -4.82 20.19
C GLY A 741 -10.71 -5.15 19.08
N ALA A 742 -10.99 -4.20 18.18
CA ALA A 742 -11.93 -4.43 17.09
C ALA A 742 -11.24 -5.16 15.94
N PRO A 743 -11.85 -6.21 15.40
CA PRO A 743 -11.22 -6.96 14.31
C PRO A 743 -10.89 -6.10 13.09
N LEU A 744 -9.63 -6.16 12.65
CA LEU A 744 -9.15 -5.40 11.50
C LEU A 744 -8.82 -6.35 10.35
N HIS A 745 -9.14 -5.93 9.13
CA HIS A 745 -8.94 -6.77 7.95
C HIS A 745 -8.25 -5.98 6.86
N ASN A 746 -7.27 -6.61 6.21
CA ASN A 746 -6.53 -6.01 5.11
C ASN A 746 -7.10 -6.50 3.79
N LEU A 747 -7.49 -5.57 2.93
CA LEU A 747 -8.03 -5.87 1.62
C LEU A 747 -7.14 -5.25 0.54
N TYR A 748 -7.16 -5.85 -0.64
CA TYR A 748 -6.34 -5.35 -1.74
C TYR A 748 -7.08 -5.46 -3.05
N GLY A 749 -6.87 -4.47 -3.91
CA GLY A 749 -7.39 -4.47 -5.26
C GLY A 749 -7.26 -3.12 -5.92
N PRO A 750 -7.13 -3.10 -7.24
CA PRO A 750 -7.20 -1.85 -7.99
C PRO A 750 -8.65 -1.51 -8.36
N THR A 751 -8.82 -0.31 -8.89
CA THR A 751 -10.15 0.08 -9.37
C THR A 751 -10.63 -0.81 -10.51
N GLU A 752 -9.69 -1.29 -11.33
CA GLU A 752 -10.02 -2.12 -12.47
C GLU A 752 -10.40 -3.55 -12.09
N ALA A 753 -10.58 -3.84 -10.81
CA ALA A 753 -10.86 -5.18 -10.34
C ALA A 753 -12.08 -5.22 -9.43
N ALA A 754 -12.99 -4.26 -9.61
CA ALA A 754 -14.19 -4.12 -8.78
C ALA A 754 -13.84 -4.09 -7.30
N VAL A 755 -13.37 -2.92 -6.84
CA VAL A 755 -12.96 -2.68 -5.46
C VAL A 755 -11.79 -3.59 -5.08
N ASP A 756 -12.05 -4.67 -4.36
CA ASP A 756 -10.99 -5.46 -3.73
C ASP A 756 -10.97 -6.89 -4.26
N VAL A 757 -9.77 -7.46 -4.31
CA VAL A 757 -9.55 -8.79 -4.86
C VAL A 757 -9.08 -9.79 -3.81
N SER A 758 -8.19 -9.37 -2.91
CA SER A 758 -7.62 -10.27 -1.92
C SER A 758 -7.91 -9.78 -0.51
N TRP A 759 -7.91 -10.72 0.43
CA TRP A 759 -8.26 -10.46 1.82
C TRP A 759 -7.27 -11.15 2.74
N TYR A 760 -7.10 -10.58 3.95
CA TYR A 760 -6.22 -11.19 4.94
C TYR A 760 -6.48 -10.64 6.34
N PRO A 761 -6.56 -11.50 7.35
CA PRO A 761 -6.79 -11.03 8.72
C PRO A 761 -5.65 -10.17 9.22
N ALA A 762 -5.98 -9.01 9.78
CA ALA A 762 -5.01 -8.08 10.33
C ALA A 762 -5.09 -7.97 11.84
N PHE A 763 -5.59 -9.01 12.52
CA PHE A 763 -5.72 -8.98 13.97
C PHE A 763 -5.40 -10.37 14.53
N GLY A 764 -4.99 -10.39 15.79
CA GLY A 764 -4.91 -11.64 16.53
C GLY A 764 -3.80 -12.56 16.05
N GLU A 765 -4.18 -13.81 15.79
CA GLU A 765 -3.19 -14.87 15.56
C GLU A 765 -2.43 -14.64 14.26
N GLU A 766 -3.15 -14.39 13.17
CA GLU A 766 -2.49 -14.15 11.89
C GLU A 766 -1.61 -12.90 11.95
N LEU A 767 -1.99 -11.93 12.78
CA LEU A 767 -1.20 -10.71 12.92
C LEU A 767 0.08 -10.97 13.70
N ALA A 768 0.01 -11.81 14.74
CA ALA A 768 1.18 -12.10 15.55
C ALA A 768 2.22 -12.93 14.82
N GLN A 769 1.83 -13.62 13.73
CA GLN A 769 2.74 -14.44 12.96
C GLN A 769 3.36 -13.70 11.78
N VAL A 770 3.06 -12.42 11.61
CA VAL A 770 3.58 -11.63 10.50
C VAL A 770 5.02 -11.24 10.83
N ARG A 771 5.98 -11.75 10.05
CA ARG A 771 7.37 -11.41 10.25
C ARG A 771 7.73 -10.08 9.58
N GLY A 772 7.14 -9.78 8.43
CA GLY A 772 7.46 -8.58 7.70
C GLY A 772 6.94 -7.33 8.39
N SER A 773 7.17 -6.19 7.73
CA SER A 773 6.69 -4.92 8.23
C SER A 773 5.28 -4.58 7.74
N SER A 774 4.75 -5.29 6.76
CA SER A 774 3.44 -5.02 6.19
C SER A 774 2.57 -6.27 6.25
N VAL A 775 1.29 -6.07 6.51
CA VAL A 775 0.34 -7.19 6.55
C VAL A 775 0.12 -7.70 5.13
N PRO A 776 0.22 -9.01 4.88
CA PRO A 776 0.02 -9.53 3.53
C PRO A 776 -1.34 -9.14 2.97
N ILE A 777 -1.40 -9.02 1.63
CA ILE A 777 -2.69 -8.79 0.98
C ILE A 777 -3.53 -10.06 0.94
N GLY A 778 -2.91 -11.22 1.13
CA GLY A 778 -3.67 -12.42 1.47
C GLY A 778 -4.16 -13.27 0.33
N TYR A 779 -5.38 -13.78 0.46
CA TYR A 779 -5.95 -14.79 -0.42
C TYR A 779 -7.06 -14.21 -1.30
N PRO A 780 -7.29 -14.78 -2.48
CA PRO A 780 -8.26 -14.20 -3.41
C PRO A 780 -9.70 -14.42 -2.97
N VAL A 781 -10.57 -13.53 -3.44
CA VAL A 781 -12.01 -13.60 -3.15
C VAL A 781 -12.68 -14.64 -4.04
N TRP A 782 -14.01 -14.59 -4.10
CA TRP A 782 -14.78 -15.54 -4.89
C TRP A 782 -14.54 -15.37 -6.38
N ASN A 783 -14.38 -16.48 -7.07
CA ASN A 783 -14.29 -16.52 -8.54
C ASN A 783 -13.20 -15.60 -9.06
N THR A 784 -12.11 -15.47 -8.30
CA THR A 784 -11.01 -14.57 -8.63
C THR A 784 -9.70 -15.31 -8.44
N GLY A 785 -8.72 -14.99 -9.26
CA GLY A 785 -7.43 -15.65 -9.22
C GLY A 785 -6.28 -14.66 -9.22
N LEU A 786 -5.25 -14.99 -8.44
CA LEU A 786 -4.02 -14.22 -8.33
C LEU A 786 -2.90 -14.99 -9.02
N ARG A 787 -2.15 -14.30 -9.88
CA ARG A 787 -1.08 -14.92 -10.65
C ARG A 787 0.16 -14.04 -10.62
N ILE A 788 1.18 -14.49 -9.90
CA ILE A 788 2.45 -13.76 -9.78
C ILE A 788 3.42 -14.36 -10.79
N LEU A 789 3.60 -13.66 -11.91
CA LEU A 789 4.47 -14.12 -12.99
C LEU A 789 5.80 -13.40 -12.93
N ASP A 790 6.72 -13.82 -13.80
CA ASP A 790 8.03 -13.20 -13.89
C ASP A 790 8.06 -12.25 -15.09
N ALA A 791 9.26 -11.89 -15.55
CA ALA A 791 9.42 -11.10 -16.76
C ALA A 791 9.11 -11.89 -18.02
N MET A 792 9.05 -13.23 -17.92
CA MET A 792 8.79 -14.10 -19.05
C MET A 792 7.40 -14.72 -18.99
N MET A 793 6.49 -14.13 -18.22
CA MET A 793 5.12 -14.60 -18.06
C MET A 793 5.06 -15.99 -17.44
N HIS A 794 6.13 -16.40 -16.74
CA HIS A 794 6.15 -17.69 -16.07
C HIS A 794 5.94 -17.52 -14.57
N PRO A 795 5.18 -18.41 -13.94
CA PRO A 795 4.90 -18.27 -12.50
C PRO A 795 6.17 -18.43 -11.69
N VAL A 796 6.29 -17.65 -10.62
CA VAL A 796 7.51 -17.60 -9.81
C VAL A 796 7.37 -18.52 -8.60
N PRO A 797 8.47 -19.09 -8.12
CA PRO A 797 8.44 -19.91 -6.90
C PRO A 797 8.25 -19.04 -5.68
N PRO A 798 7.83 -19.62 -4.55
CA PRO A 798 7.50 -18.81 -3.37
C PRO A 798 8.71 -18.06 -2.83
N GLY A 799 8.45 -16.88 -2.28
CA GLY A 799 9.48 -16.00 -1.78
C GLY A 799 10.15 -15.14 -2.82
N VAL A 800 9.82 -15.33 -4.10
CA VAL A 800 10.45 -14.61 -5.20
C VAL A 800 9.49 -13.53 -5.69
N ALA A 801 10.01 -12.31 -5.86
CA ALA A 801 9.19 -11.20 -6.31
C ALA A 801 8.89 -11.31 -7.80
N GLY A 802 7.65 -11.01 -8.16
CA GLY A 802 7.24 -11.01 -9.55
C GLY A 802 6.09 -10.06 -9.78
N ASP A 803 5.75 -9.87 -11.06
CA ASP A 803 4.64 -8.99 -11.42
C ASP A 803 3.31 -9.66 -11.10
N LEU A 804 2.38 -8.88 -10.56
CA LEU A 804 1.09 -9.39 -10.13
C LEU A 804 0.05 -9.22 -11.25
N TYR A 805 -0.75 -10.26 -11.47
CA TYR A 805 -1.79 -10.26 -12.48
C TYR A 805 -3.07 -10.82 -11.87
N LEU A 806 -4.21 -10.27 -12.29
CA LEU A 806 -5.52 -10.61 -11.74
C LEU A 806 -6.40 -11.27 -12.79
N THR A 807 -7.12 -12.30 -12.38
CA THR A 807 -8.01 -13.06 -13.25
C THR A 807 -9.35 -13.24 -12.56
N GLY A 808 -10.38 -13.51 -13.36
CA GLY A 808 -11.65 -13.95 -12.84
C GLY A 808 -12.82 -13.05 -13.24
N ILE A 809 -13.96 -13.29 -12.59
CA ILE A 809 -15.22 -12.63 -12.91
C ILE A 809 -15.26 -11.18 -12.46
N GLN A 810 -14.34 -10.76 -11.60
CA GLN A 810 -14.39 -9.46 -10.96
C GLN A 810 -13.60 -8.40 -11.73
N LEU A 811 -13.05 -8.75 -12.89
CA LEU A 811 -12.31 -7.79 -13.70
C LEU A 811 -13.25 -6.75 -14.31
N ALA A 812 -12.71 -5.56 -14.56
CA ALA A 812 -13.50 -4.50 -15.14
C ALA A 812 -13.79 -4.79 -16.62
N GLN A 813 -14.85 -4.16 -17.13
CA GLN A 813 -15.19 -4.29 -18.54
C GLN A 813 -14.11 -3.70 -19.43
N GLY A 814 -13.37 -2.72 -18.93
CA GLY A 814 -12.31 -2.07 -19.66
C GLY A 814 -12.33 -0.59 -19.42
N TYR A 815 -11.47 0.12 -20.15
CA TYR A 815 -11.40 1.58 -20.09
C TYR A 815 -12.38 2.18 -21.09
N LEU A 816 -13.14 3.18 -20.64
CA LEU A 816 -14.26 3.70 -21.43
C LEU A 816 -13.75 4.38 -22.70
N GLY A 817 -14.17 3.87 -23.84
CA GLY A 817 -13.87 4.51 -25.10
C GLY A 817 -12.41 4.56 -25.49
N ARG A 818 -11.57 3.73 -24.87
CA ARG A 818 -10.14 3.72 -25.14
C ARG A 818 -9.67 2.30 -25.39
N PRO A 819 -9.70 1.85 -26.65
CA PRO A 819 -9.25 0.49 -26.95
C PRO A 819 -7.77 0.27 -26.71
N ASP A 820 -6.95 1.30 -26.91
CA ASP A 820 -5.50 1.14 -26.78
C ASP A 820 -5.10 0.87 -25.33
N LEU A 821 -5.52 1.75 -24.41
CA LEU A 821 -5.19 1.56 -23.01
C LEU A 821 -5.79 0.27 -22.46
N THR A 822 -6.97 -0.11 -22.95
CA THR A 822 -7.59 -1.36 -22.52
C THR A 822 -6.74 -2.56 -22.95
N ALA A 823 -6.45 -2.65 -24.26
CA ALA A 823 -5.65 -3.76 -24.77
C ALA A 823 -4.23 -3.77 -24.20
N SER A 824 -3.72 -2.61 -23.77
CA SER A 824 -2.40 -2.54 -23.18
C SER A 824 -2.41 -3.03 -21.72
N ARG A 825 -3.46 -2.69 -20.98
CA ARG A 825 -3.55 -3.02 -19.57
C ARG A 825 -4.33 -4.30 -19.29
N PHE A 826 -5.23 -4.69 -20.19
CA PHE A 826 -5.96 -5.96 -20.12
C PHE A 826 -5.39 -6.88 -21.21
N ILE A 827 -4.58 -7.86 -20.81
CA ILE A 827 -3.83 -8.66 -21.77
C ILE A 827 -4.36 -10.09 -21.85
N ALA A 828 -3.76 -10.89 -22.72
CA ALA A 828 -4.15 -12.28 -22.90
C ALA A 828 -3.66 -13.12 -21.72
N ASP A 829 -4.42 -14.18 -21.40
CA ASP A 829 -4.11 -15.02 -20.26
C ASP A 829 -3.63 -16.38 -20.72
N PRO A 830 -2.34 -16.71 -20.55
CA PRO A 830 -1.81 -17.97 -21.07
C PRO A 830 -2.27 -19.20 -20.31
N PHE A 831 -2.69 -19.06 -19.06
CA PHE A 831 -3.14 -20.20 -18.27
C PHE A 831 -4.66 -20.35 -18.26
N ALA A 832 -5.39 -19.42 -18.88
CA ALA A 832 -6.84 -19.52 -19.02
C ALA A 832 -7.21 -19.20 -20.45
N PRO A 833 -7.49 -20.21 -21.27
CA PRO A 833 -7.71 -19.99 -22.71
C PRO A 833 -8.91 -19.08 -22.98
N GLY A 834 -8.68 -18.06 -23.81
CA GLY A 834 -9.70 -17.12 -24.20
C GLY A 834 -9.96 -16.00 -23.21
N GLU A 835 -9.66 -16.23 -21.94
CA GLU A 835 -9.90 -15.24 -20.90
C GLU A 835 -8.80 -14.19 -20.88
N ARG A 836 -9.10 -13.05 -20.26
CA ARG A 836 -8.19 -11.93 -20.15
C ARG A 836 -7.54 -11.91 -18.77
N MET A 837 -6.64 -10.95 -18.56
CA MET A 837 -5.82 -10.89 -17.36
C MET A 837 -5.32 -9.45 -17.19
N TYR A 838 -5.46 -8.92 -15.97
CA TYR A 838 -5.19 -7.51 -15.70
C TYR A 838 -3.80 -7.32 -15.11
N ARG A 839 -3.00 -6.44 -15.73
CA ARG A 839 -1.66 -6.15 -15.27
C ARG A 839 -1.71 -5.02 -14.25
N THR A 840 -1.49 -5.35 -12.98
CA THR A 840 -1.60 -4.36 -11.92
C THR A 840 -0.42 -3.38 -11.94
N GLY A 841 0.77 -3.85 -12.31
CA GLY A 841 1.98 -3.11 -12.04
C GLY A 841 2.52 -3.27 -10.63
N ASP A 842 1.80 -4.00 -9.77
CA ASP A 842 2.27 -4.28 -8.43
C ASP A 842 3.27 -5.44 -8.43
N VAL A 843 4.31 -5.32 -7.61
CA VAL A 843 5.30 -6.38 -7.43
C VAL A 843 4.98 -7.06 -6.10
N ALA A 844 4.81 -8.39 -6.15
CA ALA A 844 4.41 -9.14 -4.96
C ALA A 844 5.04 -10.53 -5.01
N ARG A 845 4.73 -11.34 -4.00
CA ARG A 845 5.26 -12.69 -3.86
C ARG A 845 4.38 -13.45 -2.89
N TRP A 846 4.41 -14.78 -2.96
N TRP A 846 4.40 -14.78 -3.02
CA TRP A 846 3.60 -15.61 -2.07
CA TRP A 846 3.73 -15.68 -2.11
C TRP A 846 4.47 -16.35 -1.07
C TRP A 846 4.58 -15.91 -0.87
N LEU A 847 3.95 -16.47 0.15
CA LEU A 847 4.67 -16.93 1.33
C LEU A 847 4.40 -18.42 1.56
N ASP A 848 4.95 -18.93 2.67
CA ASP A 848 4.84 -20.36 2.96
C ASP A 848 3.40 -20.77 3.24
N ASN A 849 2.57 -19.85 3.73
CA ASN A 849 1.16 -20.12 3.96
C ASN A 849 0.29 -19.82 2.75
N GLY A 850 0.90 -19.57 1.59
CA GLY A 850 0.17 -19.22 0.39
C GLY A 850 -0.30 -17.78 0.31
N ALA A 851 -0.07 -16.98 1.36
CA ALA A 851 -0.50 -15.60 1.36
C ALA A 851 0.40 -14.74 0.49
N VAL A 852 -0.20 -13.82 -0.27
CA VAL A 852 0.54 -12.91 -1.12
C VAL A 852 0.93 -11.69 -0.31
N GLU A 853 2.17 -11.22 -0.51
CA GLU A 853 2.71 -10.08 0.22
C GLU A 853 3.03 -8.97 -0.78
N TYR A 854 2.44 -7.81 -0.57
CA TYR A 854 2.73 -6.65 -1.42
C TYR A 854 4.16 -6.16 -1.17
N LEU A 855 4.90 -5.93 -2.25
CA LEU A 855 6.28 -5.47 -2.15
C LEU A 855 6.48 -4.08 -2.73
N GLY A 856 5.94 -3.79 -3.91
CA GLY A 856 6.13 -2.47 -4.49
C GLY A 856 5.46 -2.26 -5.83
N ARG A 857 6.06 -1.39 -6.64
CA ARG A 857 5.55 -1.04 -7.95
C ARG A 857 6.64 -1.22 -8.99
N SER A 858 6.23 -1.60 -10.20
CA SER A 858 7.13 -1.70 -11.34
C SER A 858 7.03 -0.49 -12.26
N ASP A 859 6.22 0.50 -11.90
CA ASP A 859 6.04 1.70 -12.71
C ASP A 859 6.20 2.95 -11.85
N ASP A 860 5.88 4.12 -12.41
CA ASP A 860 5.97 5.38 -11.68
C ASP A 860 4.68 5.74 -10.94
N GLN A 861 3.75 4.80 -10.82
CA GLN A 861 2.51 5.05 -10.10
C GLN A 861 2.74 5.03 -8.60
N LEU A 862 2.12 5.97 -7.90
CA LEU A 862 2.28 6.12 -6.46
C LEU A 862 0.93 6.17 -5.78
N LYS A 863 0.87 5.72 -4.54
CA LYS A 863 -0.32 5.77 -3.69
C LYS A 863 0.01 6.68 -2.51
N ILE A 864 -0.31 7.96 -2.65
CA ILE A 864 -0.01 8.95 -1.63
C ILE A 864 -1.21 9.08 -0.69
N ARG A 865 -1.06 8.57 0.53
CA ARG A 865 -2.12 8.61 1.55
C ARG A 865 -3.41 8.00 1.01
N GLY A 866 -3.27 6.92 0.23
CA GLY A 866 -4.39 6.23 -0.36
C GLY A 866 -4.81 6.71 -1.73
N GLN A 867 -4.22 7.81 -2.22
CA GLN A 867 -4.65 8.42 -3.47
C GLN A 867 -3.78 7.93 -4.63
N ARG A 868 -4.45 7.49 -5.71
CA ARG A 868 -3.77 6.93 -6.87
C ARG A 868 -3.28 8.06 -7.78
N ILE A 869 -1.96 8.14 -7.98
CA ILE A 869 -1.35 9.27 -8.67
C ILE A 869 -0.31 8.73 -9.65
N GLU A 870 -0.45 9.10 -10.93
CA GLU A 870 0.55 8.81 -11.95
C GLU A 870 1.48 10.01 -12.09
N LEU A 871 2.77 9.79 -11.89
CA LEU A 871 3.75 10.87 -12.02
C LEU A 871 3.93 11.29 -13.47
N GLY A 872 3.67 10.39 -14.43
CA GLY A 872 3.83 10.74 -15.83
C GLY A 872 2.87 11.82 -16.27
N GLU A 873 1.63 11.78 -15.79
CA GLU A 873 0.66 12.82 -16.11
C GLU A 873 1.15 14.18 -15.63
N ILE A 874 1.55 14.26 -14.35
CA ILE A 874 2.05 15.52 -13.80
C ILE A 874 3.26 16.01 -14.58
N ASP A 875 4.17 15.09 -14.91
CA ASP A 875 5.35 15.46 -15.68
C ASP A 875 4.96 16.06 -17.02
N ARG A 876 4.06 15.39 -17.75
CA ARG A 876 3.64 15.87 -19.07
C ARG A 876 2.99 17.25 -18.95
N VAL A 877 2.11 17.42 -17.96
CA VAL A 877 1.44 18.70 -17.79
C VAL A 877 2.44 19.80 -17.47
N MET A 878 3.41 19.52 -16.61
CA MET A 878 4.39 20.53 -16.24
C MET A 878 5.33 20.88 -17.39
N GLN A 879 5.72 19.89 -18.20
CA GLN A 879 6.53 20.17 -19.37
C GLN A 879 5.70 20.63 -20.56
N ALA A 880 4.38 20.73 -20.40
CA ALA A 880 3.52 21.44 -21.34
C ALA A 880 3.38 22.92 -20.97
N LEU A 881 4.01 23.35 -19.87
CA LEU A 881 3.92 24.74 -19.44
C LEU A 881 4.81 25.63 -20.32
N PRO A 882 4.48 26.92 -20.42
CA PRO A 882 5.26 27.82 -21.27
C PRO A 882 6.71 27.93 -20.83
N ASP A 883 7.62 27.85 -21.80
CA ASP A 883 9.06 28.05 -21.60
C ASP A 883 9.63 27.04 -20.60
N VAL A 884 9.36 25.75 -20.85
CA VAL A 884 9.85 24.68 -20.00
C VAL A 884 10.51 23.62 -20.89
N GLU A 885 11.83 23.49 -20.77
CA GLU A 885 12.55 22.46 -21.50
C GLU A 885 12.19 21.07 -20.99
N GLN A 886 12.25 20.87 -19.67
CA GLN A 886 11.87 19.59 -19.08
C GLN A 886 11.54 19.81 -17.60
N ALA A 887 10.72 18.91 -17.06
CA ALA A 887 10.26 18.99 -15.68
C ALA A 887 10.11 17.57 -15.12
N VAL A 888 10.42 17.41 -13.84
CA VAL A 888 10.41 16.11 -13.18
C VAL A 888 9.66 16.22 -11.86
N THR A 889 8.69 15.33 -11.65
CA THR A 889 7.97 15.23 -10.39
C THR A 889 8.69 14.25 -9.48
N HIS A 890 8.86 14.63 -8.21
CA HIS A 890 9.50 13.76 -7.22
C HIS A 890 8.71 13.86 -5.92
N ALA A 891 8.22 12.72 -5.45
CA ALA A 891 7.54 12.63 -4.16
C ALA A 891 8.57 12.38 -3.06
N CYS A 892 8.55 13.22 -2.03
CA CYS A 892 9.57 13.14 -0.99
C CYS A 892 9.04 13.75 0.31
N VAL A 893 9.69 13.40 1.40
CA VAL A 893 9.38 13.92 2.72
C VAL A 893 10.12 15.24 2.88
N ILE A 894 9.39 16.36 2.78
CA ILE A 894 10.01 17.67 2.81
C ILE A 894 10.63 17.94 4.18
N ASN A 895 9.90 17.61 5.24
CA ASN A 895 10.38 17.82 6.60
C ASN A 895 10.34 16.48 7.34
N GLN A 896 11.51 15.99 7.75
CA GLN A 896 11.60 14.70 8.41
C GLN A 896 10.99 14.70 9.80
N ALA A 897 10.82 15.88 10.42
CA ALA A 897 10.15 15.99 11.70
C ALA A 897 8.64 15.98 11.59
N ALA A 898 8.09 15.80 10.38
CA ALA A 898 6.66 15.74 10.16
C ALA A 898 6.15 14.32 9.96
N ALA A 899 6.96 13.32 10.28
CA ALA A 899 6.60 11.91 10.09
C ALA A 899 6.20 11.33 11.45
N THR A 900 4.90 11.30 11.71
CA THR A 900 4.35 10.66 12.90
C THR A 900 3.71 9.31 12.58
N GLY A 901 3.85 8.83 11.35
CA GLY A 901 3.16 7.64 10.91
C GLY A 901 2.26 7.95 9.73
N GLY A 902 2.03 6.97 8.85
CA GLY A 902 1.33 7.24 7.62
C GLY A 902 2.27 7.74 6.53
N ASP A 903 1.66 8.10 5.41
CA ASP A 903 2.43 8.56 4.26
C ASP A 903 2.61 10.07 4.35
N ALA A 904 3.83 10.50 4.66
CA ALA A 904 4.16 11.91 4.81
C ALA A 904 4.76 12.50 3.54
N ARG A 905 4.68 11.80 2.41
CA ARG A 905 5.29 12.27 1.18
C ARG A 905 4.48 13.40 0.56
N GLN A 906 5.18 14.37 -0.02
CA GLN A 906 4.58 15.46 -0.78
C GLN A 906 5.17 15.50 -2.18
N LEU A 907 4.42 16.09 -3.11
CA LEU A 907 4.83 16.16 -4.50
C LEU A 907 5.63 17.44 -4.75
N VAL A 908 6.82 17.31 -5.32
CA VAL A 908 7.70 18.44 -5.59
C VAL A 908 8.07 18.41 -7.07
N GLY A 909 7.82 19.52 -7.77
CA GLY A 909 8.15 19.63 -9.18
C GLY A 909 9.45 20.40 -9.38
N TYR A 910 10.29 19.86 -10.26
CA TYR A 910 11.58 20.46 -10.61
C TYR A 910 11.55 20.81 -12.08
N LEU A 911 11.61 22.11 -12.38
CA LEU A 911 11.49 22.63 -13.73
C LEU A 911 12.80 23.27 -14.17
N VAL A 912 13.06 23.20 -15.49
CA VAL A 912 14.14 23.97 -16.10
C VAL A 912 13.56 24.72 -17.30
N SER A 913 14.01 25.95 -17.49
CA SER A 913 13.46 26.84 -18.51
C SER A 913 14.19 26.64 -19.82
N GLN A 914 13.43 26.71 -20.92
CA GLN A 914 14.02 26.63 -22.25
C GLN A 914 14.84 27.87 -22.59
N SER A 915 14.48 29.02 -22.02
CA SER A 915 15.16 30.28 -22.28
C SER A 915 16.28 30.56 -21.28
N GLY A 916 16.32 29.86 -20.15
CA GLY A 916 17.23 30.19 -19.07
C GLY A 916 16.72 31.28 -18.15
N LEU A 917 15.56 31.86 -18.45
CA LEU A 917 14.99 32.93 -17.67
C LEU A 917 14.18 32.38 -16.50
N PRO A 918 14.07 33.15 -15.40
CA PRO A 918 13.25 32.71 -14.27
C PRO A 918 11.82 32.38 -14.72
N LEU A 919 11.23 31.39 -14.07
CA LEU A 919 9.95 30.84 -14.50
C LEU A 919 8.75 31.39 -13.76
N ASP A 920 8.95 32.06 -12.62
CA ASP A 920 7.84 32.48 -11.76
C ASP A 920 7.01 31.27 -11.37
N THR A 921 7.55 30.46 -10.45
CA THR A 921 6.94 29.17 -10.11
C THR A 921 5.57 29.32 -9.45
N SER A 922 5.30 30.47 -8.82
CA SER A 922 4.00 30.66 -8.18
C SER A 922 2.88 30.70 -9.21
N ALA A 923 3.03 31.52 -10.25
CA ALA A 923 2.03 31.57 -11.32
C ALA A 923 1.92 30.23 -12.03
N LEU A 924 3.04 29.50 -12.17
CA LEU A 924 3.01 28.19 -12.81
C LEU A 924 2.24 27.18 -11.97
N GLN A 925 2.39 27.24 -10.65
CA GLN A 925 1.62 26.38 -9.77
C GLN A 925 0.14 26.71 -9.84
N ALA A 926 -0.19 28.01 -9.73
CA ALA A 926 -1.58 28.45 -9.86
C ALA A 926 -2.16 28.08 -11.22
N GLN A 927 -1.30 27.96 -12.24
CA GLN A 927 -1.75 27.50 -13.55
C GLN A 927 -1.95 25.98 -13.56
N LEU A 928 -1.09 25.24 -12.86
CA LEU A 928 -1.29 23.80 -12.72
C LEU A 928 -2.59 23.48 -12.00
N ARG A 929 -3.05 24.35 -11.11
CA ARG A 929 -4.27 24.10 -10.36
C ARG A 929 -5.51 24.08 -11.26
N GLU A 930 -5.41 24.62 -12.47
CA GLU A 930 -6.53 24.66 -13.40
C GLU A 930 -6.61 23.42 -14.28
N THR A 931 -5.64 22.50 -14.18
CA THR A 931 -5.64 21.28 -14.98
C THR A 931 -5.69 20.04 -14.09
N LEU A 932 -4.76 19.91 -13.14
CA LEU A 932 -4.61 18.74 -12.30
C LEU A 932 -5.48 18.83 -11.06
N PRO A 933 -5.88 17.69 -10.52
CA PRO A 933 -6.62 17.67 -9.26
C PRO A 933 -5.79 18.31 -8.15
N PRO A 934 -6.45 18.80 -7.09
CA PRO A 934 -5.71 19.47 -6.01
C PRO A 934 -4.59 18.64 -5.40
N HIS A 935 -4.81 17.35 -5.17
CA HIS A 935 -3.80 16.50 -4.55
C HIS A 935 -2.72 16.05 -5.53
N MET A 936 -2.90 16.31 -6.83
CA MET A 936 -1.89 16.00 -7.82
C MET A 936 -1.06 17.22 -8.22
N VAL A 937 -1.28 18.35 -7.57
CA VAL A 937 -0.53 19.57 -7.86
C VAL A 937 0.66 19.63 -6.90
N PRO A 938 1.89 19.74 -7.41
CA PRO A 938 3.05 19.83 -6.51
C PRO A 938 2.95 21.02 -5.58
N VAL A 939 3.18 20.77 -4.28
CA VAL A 939 3.14 21.86 -3.30
C VAL A 939 4.29 22.84 -3.50
N VAL A 940 5.40 22.41 -4.11
CA VAL A 940 6.57 23.24 -4.29
C VAL A 940 7.11 23.01 -5.71
N LEU A 941 7.39 24.11 -6.41
CA LEU A 941 8.02 24.08 -7.73
C LEU A 941 9.36 24.77 -7.64
N LEU A 942 10.44 24.04 -7.96
CA LEU A 942 11.80 24.54 -7.85
C LEU A 942 12.45 24.59 -9.23
N GLN A 943 13.16 25.69 -9.50
CA GLN A 943 13.81 25.91 -10.78
C GLN A 943 15.30 25.61 -10.64
N LEU A 944 15.83 24.79 -11.55
CA LEU A 944 17.21 24.39 -11.48
C LEU A 944 17.98 24.86 -12.70
N PRO A 945 19.26 25.21 -12.55
CA PRO A 945 20.07 25.57 -13.73
C PRO A 945 20.16 24.43 -14.74
N GLN A 946 20.43 23.22 -14.27
CA GLN A 946 20.49 22.04 -15.12
C GLN A 946 19.97 20.86 -14.32
N LEU A 947 19.17 20.03 -14.96
CA LEU A 947 18.58 18.88 -14.29
C LEU A 947 19.68 17.94 -13.79
N PRO A 948 19.73 17.66 -12.49
CA PRO A 948 20.90 16.95 -11.94
C PRO A 948 21.03 15.50 -12.40
N LEU A 949 21.76 15.29 -13.49
CA LEU A 949 22.15 13.95 -13.89
C LEU A 949 23.39 13.53 -13.11
N SER A 950 23.90 12.33 -13.39
CA SER A 950 25.08 11.84 -12.68
C SER A 950 26.00 11.04 -13.57
N ALA A 951 25.67 9.76 -13.79
CA ALA A 951 26.55 8.86 -14.52
C ALA A 951 26.21 8.80 -15.99
N ASN A 952 25.18 8.04 -16.35
CA ASN A 952 24.76 7.88 -17.73
C ASN A 952 23.66 8.85 -18.14
N GLY A 953 23.41 9.88 -17.34
CA GLY A 953 22.25 10.73 -17.57
C GLY A 953 20.94 10.06 -17.22
N LYS A 954 20.90 9.34 -16.10
CA LYS A 954 19.72 8.60 -15.68
C LYS A 954 18.89 9.36 -14.65
N LEU A 955 19.11 10.67 -14.52
CA LEU A 955 18.37 11.51 -13.59
C LEU A 955 18.52 11.04 -12.15
N ASP A 956 19.56 11.51 -11.47
CA ASP A 956 19.78 11.16 -10.08
C ASP A 956 18.77 11.88 -9.21
N ARG A 957 17.86 11.12 -8.58
CA ARG A 957 16.84 11.70 -7.72
C ARG A 957 17.34 11.97 -6.31
N LYS A 958 18.51 11.44 -5.94
CA LYS A 958 19.14 11.79 -4.67
C LYS A 958 19.88 13.13 -4.75
N ALA A 959 20.18 13.60 -5.97
CA ALA A 959 20.74 14.93 -6.17
C ALA A 959 19.69 16.02 -6.14
N LEU A 960 18.41 15.64 -6.23
CA LEU A 960 17.32 16.61 -6.18
C LEU A 960 17.27 17.28 -4.81
N PRO A 961 17.47 18.59 -4.72
CA PRO A 961 17.48 19.25 -3.41
C PRO A 961 16.09 19.40 -2.83
N LEU A 962 16.03 19.41 -1.50
CA LEU A 962 14.77 19.65 -0.82
C LEU A 962 14.51 21.15 -0.68
N PRO A 963 13.25 21.56 -0.71
CA PRO A 963 12.95 23.00 -0.52
C PRO A 963 13.32 23.45 0.88
N GLU A 964 13.82 24.69 0.96
CA GLU A 964 14.30 25.22 2.23
C GLU A 964 13.18 25.30 3.25
N LEU A 965 13.56 25.14 4.52
CA LEU A 965 12.60 25.21 5.61
C LEU A 965 12.67 26.56 6.32
N ALA A 973 5.88 40.10 7.22
CA ALA A 973 5.79 39.14 8.32
C ALA A 973 5.13 39.76 9.55
N PRO A 974 3.80 39.93 9.50
CA PRO A 974 3.09 40.57 10.62
C PRO A 974 3.25 39.85 11.94
N LYS A 975 2.79 38.60 12.01
CA LYS A 975 2.79 37.81 13.24
C LYS A 975 2.09 38.57 14.38
N ALA A 976 0.79 38.83 14.16
CA ALA A 976 0.00 39.64 15.06
C ALA A 976 -0.29 38.92 16.38
N GLY A 977 -1.29 39.41 17.11
CA GLY A 977 -1.51 38.94 18.47
C GLY A 977 -2.03 37.50 18.52
N SER A 978 -3.00 37.18 17.67
CA SER A 978 -3.63 35.87 17.71
C SER A 978 -2.86 34.84 16.90
N GLU A 979 -2.32 35.21 15.75
CA GLU A 979 -1.61 34.28 14.89
C GLU A 979 -0.22 33.94 15.39
N THR A 980 0.26 34.61 16.45
CA THR A 980 1.52 34.21 17.07
C THR A 980 1.44 32.78 17.60
N ILE A 981 0.29 32.41 18.18
CA ILE A 981 0.09 31.04 18.62
C ILE A 981 0.05 30.08 17.43
N ILE A 982 -0.45 30.55 16.28
CA ILE A 982 -0.44 29.73 15.07
C ILE A 982 1.00 29.45 14.66
N ALA A 983 1.84 30.49 14.64
CA ALA A 983 3.25 30.31 14.33
C ALA A 983 3.92 29.39 15.34
N ALA A 984 3.49 29.46 16.61
CA ALA A 984 4.01 28.55 17.63
C ALA A 984 3.64 27.11 17.32
N ALA A 985 2.39 26.88 16.92
CA ALA A 985 1.96 25.52 16.57
C ALA A 985 2.71 25.01 15.34
N PHE A 986 2.88 25.88 14.33
CA PHE A 986 3.68 25.51 13.16
C PHE A 986 5.09 25.12 13.57
N SER A 987 5.71 25.93 14.42
CA SER A 987 7.07 25.62 14.88
C SER A 987 7.10 24.35 15.72
N SER A 988 6.00 24.00 16.36
CA SER A 988 5.95 22.79 17.17
C SER A 988 5.87 21.54 16.30
N LEU A 989 4.96 21.54 15.32
CA LEU A 989 4.74 20.36 14.49
C LEU A 989 5.79 20.20 13.40
N LEU A 990 6.27 21.30 12.83
CA LEU A 990 7.26 21.22 11.77
C LEU A 990 8.70 21.26 12.27
N GLY A 991 8.92 21.60 13.55
CA GLY A 991 10.26 21.69 14.07
C GLY A 991 11.09 22.82 13.51
N CYS A 992 10.49 23.71 12.72
CA CYS A 992 11.19 24.83 12.10
C CYS A 992 10.64 26.13 12.66
N ASP A 993 11.51 26.92 13.29
CA ASP A 993 11.12 28.19 13.88
C ASP A 993 10.63 29.14 12.79
N VAL A 994 9.37 29.54 12.88
CA VAL A 994 8.73 30.36 11.86
C VAL A 994 8.59 31.77 12.40
N GLN A 995 9.47 32.67 11.96
CA GLN A 995 9.35 34.08 12.29
C GLN A 995 8.49 34.84 11.29
N ASP A 996 8.49 34.41 10.03
CA ASP A 996 7.76 35.09 8.97
C ASP A 996 6.35 34.56 8.87
N ALA A 997 5.37 35.47 8.86
CA ALA A 997 3.99 35.09 8.59
C ALA A 997 3.79 34.93 7.09
N ASP A 998 2.54 34.68 6.68
CA ASP A 998 2.22 34.41 5.28
C ASP A 998 3.04 33.23 4.75
N ALA A 999 3.19 32.21 5.59
CA ALA A 999 4.01 31.05 5.28
C ALA A 999 3.12 29.85 5.03
N ASP A 1000 3.31 29.21 3.87
CA ASP A 1000 2.49 28.06 3.50
C ASP A 1000 2.84 26.87 4.39
N PHE A 1001 1.81 26.29 5.03
CA PHE A 1001 2.01 25.16 5.92
C PHE A 1001 2.45 23.92 5.16
N PHE A 1002 2.04 23.78 3.89
CA PHE A 1002 2.40 22.59 3.11
C PHE A 1002 3.81 22.67 2.57
N ALA A 1003 4.23 23.85 2.11
CA ALA A 1003 5.57 24.01 1.57
C ALA A 1003 6.65 23.87 2.63
N LEU A 1004 6.29 23.97 3.91
CA LEU A 1004 7.23 23.77 5.00
C LEU A 1004 7.32 22.31 5.44
N GLY A 1005 6.62 21.40 4.76
CA GLY A 1005 6.64 20.00 5.10
C GLY A 1005 5.36 19.43 5.66
N GLY A 1006 4.35 20.26 5.91
CA GLY A 1006 3.10 19.76 6.44
C GLY A 1006 2.27 19.05 5.40
N HIS A 1007 1.34 18.23 5.88
CA HIS A 1007 0.46 17.46 5.02
C HIS A 1007 -0.87 17.25 5.74
N SER A 1008 -1.76 16.49 5.10
CA SER A 1008 -3.11 16.28 5.63
C SER A 1008 -3.06 15.72 7.04
N LEU A 1009 -2.36 14.58 7.21
CA LEU A 1009 -2.33 13.89 8.49
C LEU A 1009 -1.82 14.79 9.62
N LEU A 1010 -0.77 15.56 9.35
CA LEU A 1010 -0.27 16.48 10.35
C LEU A 1010 -1.21 17.67 10.56
N ALA A 1011 -1.91 18.08 9.49
CA ALA A 1011 -2.88 19.16 9.62
C ALA A 1011 -4.04 18.77 10.53
N MET A 1012 -4.36 17.47 10.62
CA MET A 1012 -5.38 17.03 11.56
C MET A 1012 -4.95 17.30 13.00
N LYS A 1013 -3.74 16.86 13.37
CA LYS A 1013 -3.23 17.14 14.71
C LYS A 1013 -3.11 18.63 14.97
N LEU A 1014 -2.71 19.39 13.94
CA LEU A 1014 -2.72 20.84 14.05
C LEU A 1014 -4.10 21.36 14.41
N ALA A 1015 -5.14 20.82 13.76
CA ALA A 1015 -6.49 21.27 14.02
C ALA A 1015 -6.92 20.98 15.45
N ALA A 1016 -6.61 19.77 15.95
CA ALA A 1016 -6.88 19.47 17.36
C ALA A 1016 -6.18 20.45 18.27
N GLN A 1017 -4.87 20.65 18.05
CA GLN A 1017 -4.07 21.53 18.89
C GLN A 1017 -4.65 22.93 18.96
N LEU A 1018 -4.90 23.54 17.80
CA LEU A 1018 -5.51 24.87 17.79
C LEU A 1018 -6.91 24.86 18.38
N SER A 1019 -7.65 23.76 18.20
CA SER A 1019 -8.99 23.68 18.76
C SER A 1019 -8.97 23.71 20.29
N ARG A 1020 -7.94 23.13 20.91
CA ARG A 1020 -7.81 23.26 22.35
C ARG A 1020 -7.11 24.54 22.77
N GLN A 1021 -6.39 25.20 21.85
CA GLN A 1021 -5.74 26.47 22.13
C GLN A 1021 -6.59 27.67 21.73
N VAL A 1022 -7.74 27.46 21.11
CA VAL A 1022 -8.64 28.54 20.73
C VAL A 1022 -10.06 28.15 21.10
N ALA A 1023 -10.83 29.12 21.62
CA ALA A 1023 -12.21 28.84 21.99
C ALA A 1023 -13.05 28.41 20.80
N ARG A 1024 -12.73 28.90 19.60
CA ARG A 1024 -13.44 28.49 18.39
C ARG A 1024 -12.98 27.10 17.94
N GLN A 1025 -13.84 26.44 17.18
CA GLN A 1025 -13.58 25.09 16.68
C GLN A 1025 -12.78 25.18 15.39
N VAL A 1026 -11.64 24.48 15.34
CA VAL A 1026 -10.76 24.46 14.18
C VAL A 1026 -10.83 23.09 13.54
N THR A 1027 -11.04 23.07 12.22
CA THR A 1027 -11.12 21.83 11.47
C THR A 1027 -9.96 21.74 10.48
N PRO A 1028 -9.49 20.52 10.17
CA PRO A 1028 -8.42 20.38 9.19
C PRO A 1028 -8.81 20.85 7.80
N GLY A 1029 -10.09 20.81 7.45
CA GLY A 1029 -10.52 21.32 6.15
C GLY A 1029 -10.27 22.80 6.00
N GLN A 1030 -10.32 23.56 7.10
CA GLN A 1030 -9.97 24.97 7.05
C GLN A 1030 -8.48 25.16 6.78
N VAL A 1031 -7.64 24.23 7.27
CA VAL A 1031 -6.23 24.25 6.90
C VAL A 1031 -6.07 23.91 5.42
N MET A 1032 -6.91 23.02 4.90
CA MET A 1032 -6.83 22.64 3.50
C MET A 1032 -7.17 23.81 2.59
N VAL A 1033 -8.34 24.43 2.80
CA VAL A 1033 -8.78 25.50 1.91
C VAL A 1033 -7.94 26.76 2.04
N ALA A 1034 -7.24 26.94 3.17
CA ALA A 1034 -6.43 28.14 3.40
C ALA A 1034 -5.20 27.72 4.18
N SER A 1035 -4.06 27.65 3.49
CA SER A 1035 -2.80 27.15 4.07
C SER A 1035 -1.84 28.33 4.23
N THR A 1036 -1.92 28.99 5.38
CA THR A 1036 -1.03 30.09 5.73
C THR A 1036 -1.24 30.44 7.19
N VAL A 1037 -0.34 31.26 7.74
CA VAL A 1037 -0.56 31.83 9.06
C VAL A 1037 -1.67 32.88 9.00
N ALA A 1038 -1.52 33.85 8.09
CA ALA A 1038 -2.48 34.95 8.01
C ALA A 1038 -3.86 34.47 7.60
N LYS A 1039 -3.93 33.52 6.67
CA LYS A 1039 -5.22 33.02 6.22
C LYS A 1039 -5.92 32.21 7.31
N LEU A 1040 -5.19 31.31 7.96
CA LEU A 1040 -5.78 30.52 9.03
C LEU A 1040 -6.26 31.42 10.17
N ALA A 1041 -5.44 32.41 10.55
CA ALA A 1041 -5.88 33.36 11.56
C ALA A 1041 -7.06 34.19 11.07
N THR A 1042 -7.13 34.45 9.77
CA THR A 1042 -8.23 35.24 9.22
C THR A 1042 -9.56 34.50 9.34
N ILE A 1043 -9.57 33.21 8.98
CA ILE A 1043 -10.81 32.44 9.03
C ILE A 1043 -11.16 32.09 10.47
N ILE A 1044 -10.16 31.72 11.26
CA ILE A 1044 -10.43 31.20 12.61
C ILE A 1044 -10.92 32.33 13.52
N ASP A 1045 -10.13 33.38 13.66
CA ASP A 1045 -10.46 34.48 14.56
C ASP A 1045 -11.70 35.22 14.10
N ARG A 1053 -24.18 29.02 8.67
CA ARG A 1053 -24.82 27.78 8.26
C ARG A 1053 -26.14 28.05 7.54
N MET A 1054 -27.24 27.59 8.13
CA MET A 1054 -28.55 27.77 7.53
C MET A 1054 -28.93 29.25 7.47
N GLY A 1055 -28.83 29.94 8.60
CA GLY A 1055 -29.10 31.36 8.63
C GLY A 1055 -29.57 31.82 9.98
N PHE A 1056 -29.42 33.12 10.22
CA PHE A 1056 -29.94 33.78 11.42
C PHE A 1056 -31.25 34.52 11.15
N GLU A 1057 -31.81 34.36 9.95
CA GLU A 1057 -33.00 35.10 9.56
C GLU A 1057 -34.24 34.55 10.29
N THR A 1058 -35.39 35.14 9.99
CA THR A 1058 -36.64 34.71 10.63
C THR A 1058 -36.96 33.26 10.30
N ILE A 1059 -36.71 32.83 9.06
CA ILE A 1059 -37.02 31.48 8.64
C ILE A 1059 -35.78 30.61 8.85
N LEU A 1060 -35.93 29.54 9.63
CA LEU A 1060 -34.86 28.57 9.81
C LEU A 1060 -35.21 27.29 9.06
N PRO A 1061 -34.62 27.04 7.89
CA PRO A 1061 -34.94 25.83 7.13
C PRO A 1061 -34.34 24.58 7.75
N LEU A 1062 -34.99 24.03 8.79
CA LEU A 1062 -34.48 22.84 9.44
C LEU A 1062 -34.51 21.65 8.49
N ARG A 1063 -35.63 21.45 7.78
CA ARG A 1063 -35.72 20.38 6.79
C ARG A 1063 -36.70 20.79 5.70
N GLU A 1064 -36.20 20.86 4.47
CA GLU A 1064 -37.02 21.25 3.32
C GLU A 1064 -37.52 20.00 2.63
N GLY A 1065 -38.76 19.64 2.90
CA GLY A 1065 -39.42 18.49 2.31
C GLY A 1065 -40.32 18.89 1.16
N ASN A 1066 -41.43 18.16 1.01
CA ASN A 1066 -42.36 18.41 -0.09
C ASN A 1066 -43.78 18.59 0.42
N GLY A 1067 -44.25 17.69 1.28
CA GLY A 1067 -45.62 17.69 1.71
C GLY A 1067 -45.89 18.68 2.83
N PRO A 1068 -46.68 18.25 3.82
CA PRO A 1068 -47.10 19.16 4.90
C PRO A 1068 -45.90 19.66 5.71
N THR A 1069 -46.10 20.82 6.36
CA THR A 1069 -45.02 21.52 7.05
C THR A 1069 -45.38 21.73 8.52
N LEU A 1070 -44.45 21.37 9.40
CA LEU A 1070 -44.58 21.56 10.85
C LEU A 1070 -43.76 22.77 11.26
N PHE A 1071 -44.44 23.81 11.75
CA PHE A 1071 -43.80 25.06 12.14
C PHE A 1071 -43.43 25.02 13.62
N CYS A 1072 -42.16 25.27 13.92
CA CYS A 1072 -41.65 25.28 15.29
C CYS A 1072 -41.33 26.70 15.70
N PHE A 1073 -41.82 27.09 16.89
CA PHE A 1073 -41.71 28.46 17.37
C PHE A 1073 -40.51 28.61 18.30
N HIS A 1074 -39.93 29.81 18.29
CA HIS A 1074 -38.68 30.05 19.01
C HIS A 1074 -38.94 30.16 20.51
N PRO A 1075 -38.07 29.59 21.34
CA PRO A 1075 -38.21 29.78 22.80
C PRO A 1075 -37.75 31.15 23.26
N ALA A 1076 -37.40 31.27 24.55
CA ALA A 1076 -36.90 32.55 25.07
C ALA A 1076 -35.57 32.95 24.46
N SER A 1077 -34.79 31.99 23.94
CA SER A 1077 -33.55 32.33 23.26
C SER A 1077 -33.81 33.09 21.96
N GLY A 1078 -35.00 32.94 21.38
CA GLY A 1078 -35.30 33.55 20.11
C GLY A 1078 -34.77 32.80 18.90
N PHE A 1079 -34.21 31.60 19.10
CA PHE A 1079 -33.67 30.79 18.02
C PHE A 1079 -34.27 29.40 18.11
N ALA A 1080 -34.66 28.85 16.94
CA ALA A 1080 -35.27 27.54 16.86
C ALA A 1080 -34.25 26.44 16.51
N TRP A 1081 -32.99 26.65 16.90
CA TRP A 1081 -31.94 25.69 16.59
C TRP A 1081 -32.18 24.35 17.28
N GLN A 1082 -32.68 24.39 18.52
CA GLN A 1082 -32.81 23.19 19.34
C GLN A 1082 -33.75 22.14 18.76
N PHE A 1083 -34.54 22.48 17.75
CA PHE A 1083 -35.41 21.51 17.09
C PHE A 1083 -34.69 20.69 16.04
N SER A 1084 -33.38 20.88 15.88
CA SER A 1084 -32.61 20.15 14.87
C SER A 1084 -32.76 18.64 15.03
N VAL A 1085 -32.88 18.16 16.27
CA VAL A 1085 -32.90 16.73 16.55
C VAL A 1085 -34.32 16.17 16.47
N LEU A 1086 -35.27 16.99 16.05
CA LEU A 1086 -36.63 16.52 15.85
C LEU A 1086 -36.85 16.01 14.43
N SER A 1087 -36.12 16.56 13.45
CA SER A 1087 -36.35 16.24 12.06
C SER A 1087 -36.12 14.76 11.75
N ARG A 1088 -35.29 14.09 12.56
CA ARG A 1088 -34.97 12.69 12.28
C ARG A 1088 -36.17 11.79 12.55
N TYR A 1089 -36.96 12.11 13.58
CA TYR A 1089 -38.05 11.23 13.99
C TYR A 1089 -39.30 11.41 13.13
N LEU A 1090 -39.42 12.52 12.41
CA LEU A 1090 -40.62 12.78 11.63
C LEU A 1090 -40.57 12.03 10.29
N ASP A 1091 -41.74 11.90 9.68
CA ASP A 1091 -41.85 11.22 8.40
C ASP A 1091 -41.10 12.02 7.33
N PRO A 1092 -40.33 11.36 6.45
CA PRO A 1092 -39.45 12.08 5.52
C PRO A 1092 -40.14 13.09 4.61
N GLN A 1093 -41.45 12.93 4.40
CA GLN A 1093 -42.17 13.85 3.54
C GLN A 1093 -42.46 15.20 4.21
N TRP A 1094 -42.32 15.27 5.53
CA TRP A 1094 -42.62 16.50 6.26
C TRP A 1094 -41.51 17.53 6.09
N SER A 1095 -41.90 18.80 6.22
CA SER A 1095 -40.97 19.92 6.24
C SER A 1095 -40.97 20.55 7.63
N ILE A 1096 -39.81 21.02 8.08
CA ILE A 1096 -39.68 21.68 9.37
C ILE A 1096 -39.08 23.06 9.12
N ILE A 1097 -39.89 24.09 9.34
CA ILE A 1097 -39.46 25.48 9.24
C ILE A 1097 -39.66 26.11 10.60
N GLY A 1098 -38.55 26.47 11.25
CA GLY A 1098 -38.61 27.15 12.54
C GLY A 1098 -38.61 28.65 12.36
N ILE A 1099 -39.50 29.32 13.09
CA ILE A 1099 -39.57 30.78 13.10
C ILE A 1099 -38.80 31.27 14.33
N GLN A 1100 -38.16 32.42 14.20
CA GLN A 1100 -37.27 32.92 15.23
C GLN A 1100 -37.22 34.44 15.16
N SER A 1101 -36.40 35.03 16.04
CA SER A 1101 -36.34 36.49 16.22
C SER A 1101 -34.93 37.00 15.99
N PRO A 1102 -34.59 37.40 14.76
CA PRO A 1102 -33.31 38.07 14.52
C PRO A 1102 -33.27 39.46 15.15
N ARG A 1103 -32.61 39.58 16.30
CA ARG A 1103 -32.61 40.77 17.15
C ARG A 1103 -32.46 42.09 16.39
N PRO A 1104 -31.56 42.21 15.39
CA PRO A 1104 -31.56 43.43 14.57
C PRO A 1104 -32.89 43.62 13.85
N ASN A 1105 -33.75 44.47 14.41
CA ASN A 1105 -35.10 44.71 13.90
C ASN A 1105 -35.95 43.44 13.94
N GLY A 1106 -35.88 42.72 15.06
CA GLY A 1106 -36.65 41.51 15.24
C GLY A 1106 -37.91 41.77 16.04
N PRO A 1107 -38.87 40.83 15.95
CA PRO A 1107 -40.18 41.06 16.57
C PRO A 1107 -40.14 41.13 18.09
N MET A 1108 -39.18 40.45 18.73
CA MET A 1108 -39.21 40.37 20.19
C MET A 1108 -38.82 41.69 20.86
N GLN A 1109 -38.01 42.51 20.20
CA GLN A 1109 -37.60 43.78 20.77
C GLN A 1109 -38.43 44.97 20.29
N THR A 1110 -38.98 44.90 19.08
CA THR A 1110 -39.82 45.97 18.55
C THR A 1110 -41.19 46.01 19.20
N ALA A 1111 -41.52 45.02 20.03
CA ALA A 1111 -42.83 44.91 20.65
C ALA A 1111 -42.69 45.08 22.16
N ALA A 1112 -43.30 46.14 22.69
CA ALA A 1112 -43.53 46.25 24.13
C ALA A 1112 -44.88 45.67 24.51
N ASN A 1113 -45.63 45.16 23.53
CA ASN A 1113 -46.88 44.44 23.72
C ASN A 1113 -46.65 43.03 23.20
N LEU A 1114 -46.91 42.02 24.04
CA LEU A 1114 -46.53 40.64 23.76
C LEU A 1114 -47.54 39.94 22.85
N ASP A 1115 -48.32 40.72 22.11
CA ASP A 1115 -49.11 40.21 21.01
C ASP A 1115 -48.75 40.85 19.67
N GLU A 1116 -48.07 42.00 19.68
CA GLU A 1116 -47.42 42.54 18.49
C GLU A 1116 -46.48 41.54 17.83
N VAL A 1117 -46.00 40.54 18.57
CA VAL A 1117 -45.08 39.53 18.05
C VAL A 1117 -45.84 38.25 17.71
N CYS A 1118 -46.87 37.94 18.50
CA CYS A 1118 -47.72 36.80 18.16
C CYS A 1118 -48.49 37.05 16.88
N GLU A 1119 -48.76 38.31 16.56
CA GLU A 1119 -49.36 38.68 15.29
C GLU A 1119 -48.33 39.07 14.24
N ALA A 1120 -47.09 39.38 14.65
CA ALA A 1120 -46.03 39.62 13.68
C ALA A 1120 -45.61 38.33 12.98
N HIS A 1121 -45.61 37.20 13.69
CA HIS A 1121 -45.25 35.94 13.09
C HIS A 1121 -46.27 35.45 12.06
N LEU A 1122 -47.50 35.99 12.10
CA LEU A 1122 -48.47 35.66 11.07
C LEU A 1122 -48.07 36.25 9.71
N ALA A 1123 -47.31 37.35 9.71
CA ALA A 1123 -46.84 37.93 8.46
C ALA A 1123 -45.90 37.00 7.72
N THR A 1124 -45.10 36.22 8.46
CA THR A 1124 -44.20 35.24 7.86
C THR A 1124 -44.85 33.87 7.72
N LEU A 1125 -45.75 33.51 8.63
CA LEU A 1125 -46.40 32.20 8.58
C LEU A 1125 -47.41 32.11 7.45
N LEU A 1126 -48.17 33.18 7.21
CA LEU A 1126 -49.16 33.20 6.15
C LEU A 1126 -48.55 33.39 4.76
N GLU A 1127 -47.29 33.85 4.67
CA GLU A 1127 -46.58 33.89 3.40
C GLU A 1127 -45.73 32.65 3.18
N GLN A 1128 -45.79 31.67 4.09
CA GLN A 1128 -45.23 30.33 3.86
C GLN A 1128 -46.30 29.45 3.22
N GLN A 1129 -47.35 29.12 3.97
CA GLN A 1129 -48.51 28.43 3.42
C GLN A 1129 -49.77 29.19 3.82
N PRO A 1130 -50.34 29.99 2.91
CA PRO A 1130 -51.51 30.80 3.28
C PRO A 1130 -52.71 29.97 3.68
N HIS A 1131 -53.06 28.96 2.91
CA HIS A 1131 -54.24 28.14 3.14
C HIS A 1131 -53.82 26.77 3.68
N GLY A 1132 -54.82 25.90 3.88
CA GLY A 1132 -54.57 24.57 4.37
C GLY A 1132 -54.47 24.51 5.88
N PRO A 1133 -54.66 23.32 6.44
CA PRO A 1133 -54.51 23.14 7.90
C PRO A 1133 -53.08 23.44 8.34
N TYR A 1134 -52.93 23.68 9.63
CA TYR A 1134 -51.66 24.08 10.21
C TYR A 1134 -51.21 23.10 11.28
N TYR A 1135 -49.90 22.85 11.32
CA TYR A 1135 -49.27 21.97 12.29
C TYR A 1135 -48.19 22.75 13.02
N LEU A 1136 -48.36 22.94 14.32
CA LEU A 1136 -47.53 23.84 15.11
C LEU A 1136 -46.91 23.13 16.31
N LEU A 1137 -45.76 23.63 16.74
CA LEU A 1137 -45.03 23.11 17.89
C LEU A 1137 -44.25 24.24 18.53
N GLY A 1138 -44.22 24.24 19.86
CA GLY A 1138 -43.51 25.29 20.59
C GLY A 1138 -42.93 24.77 21.88
N TYR A 1139 -41.95 25.51 22.38
CA TYR A 1139 -41.28 25.22 23.65
C TYR A 1139 -41.18 26.49 24.47
N SER A 1140 -41.63 26.42 25.73
CA SER A 1140 -41.59 27.53 26.68
C SER A 1140 -42.33 28.74 26.14
N LEU A 1141 -41.60 29.84 25.94
CA LEU A 1141 -42.18 31.01 25.29
C LEU A 1141 -42.77 30.66 23.92
N GLY A 1142 -42.11 29.74 23.19
CA GLY A 1142 -42.65 29.34 21.90
C GLY A 1142 -44.02 28.70 21.99
N GLY A 1143 -44.32 28.07 23.13
CA GLY A 1143 -45.63 27.47 23.33
C GLY A 1143 -46.71 28.49 23.58
N THR A 1144 -46.41 29.51 24.39
CA THR A 1144 -47.27 30.69 24.48
C THR A 1144 -47.59 31.20 23.08
N LEU A 1145 -46.55 31.47 22.30
CA LEU A 1145 -46.72 31.86 20.90
C LEU A 1145 -47.40 30.78 20.06
N ALA A 1146 -47.51 29.55 20.57
CA ALA A 1146 -48.21 28.51 19.83
C ALA A 1146 -49.72 28.61 20.03
N GLN A 1147 -50.16 28.57 21.29
CA GLN A 1147 -51.59 28.74 21.56
C GLN A 1147 -52.09 30.11 21.10
N GLY A 1148 -51.32 31.17 21.37
CA GLY A 1148 -51.76 32.50 21.01
C GLY A 1148 -52.02 32.65 19.52
N ILE A 1149 -51.28 31.91 18.71
CA ILE A 1149 -51.55 31.86 17.28
C ILE A 1149 -52.61 30.82 16.94
N ALA A 1150 -52.71 29.75 17.74
CA ALA A 1150 -53.70 28.70 17.49
C ALA A 1150 -55.12 29.28 17.44
N ALA A 1151 -55.50 30.02 18.49
CA ALA A 1151 -56.82 30.65 18.47
C ALA A 1151 -56.92 31.72 17.40
N ARG A 1152 -55.83 32.42 17.11
CA ARG A 1152 -55.83 33.46 16.08
C ARG A 1152 -56.05 32.88 14.69
N LEU A 1153 -55.70 31.62 14.47
CA LEU A 1153 -56.02 30.93 13.22
C LEU A 1153 -57.37 30.25 13.26
N ARG A 1154 -57.81 29.82 14.46
CA ARG A 1154 -59.14 29.27 14.64
C ARG A 1154 -60.23 30.32 14.52
N ALA A 1155 -59.89 31.61 14.62
CA ALA A 1155 -60.81 32.70 14.38
C ALA A 1155 -60.79 33.17 12.94
N ARG A 1156 -59.97 32.55 12.09
CA ARG A 1156 -59.90 32.90 10.67
C ARG A 1156 -60.69 31.89 9.84
N GLU A 1158 -58.25 29.11 8.92
CA GLU A 1158 -58.28 27.66 8.70
C GLU A 1158 -58.26 26.91 10.02
N GLN A 1159 -57.78 25.67 10.00
CA GLN A 1159 -57.78 24.79 11.16
C GLN A 1159 -56.36 24.42 11.55
N VAL A 1160 -56.20 23.99 12.80
CA VAL A 1160 -54.92 23.56 13.34
C VAL A 1160 -55.07 22.13 13.81
N ALA A 1161 -54.54 21.18 13.03
CA ALA A 1161 -54.72 19.77 13.36
C ALA A 1161 -53.84 19.35 14.54
N PHE A 1162 -52.64 19.93 14.66
CA PHE A 1162 -51.72 19.56 15.72
C PHE A 1162 -51.06 20.80 16.29
N LEU A 1163 -51.08 20.94 17.61
CA LEU A 1163 -50.35 21.99 18.31
C LEU A 1163 -49.68 21.35 19.53
N GLY A 1164 -48.37 21.11 19.45
CA GLY A 1164 -47.63 20.51 20.53
C GLY A 1164 -47.02 21.55 21.45
N LEU A 1165 -46.99 21.23 22.75
CA LEU A 1165 -46.44 22.09 23.78
C LEU A 1165 -45.49 21.28 24.65
N LEU A 1166 -44.27 21.79 24.83
CA LEU A 1166 -43.22 21.10 25.56
C LEU A 1166 -43.04 21.77 26.92
N ASP A 1167 -43.71 21.21 27.94
CA ASP A 1167 -43.66 21.73 29.31
C ASP A 1167 -44.01 23.22 29.34
N THR A 1168 -45.01 23.59 28.55
CA THR A 1168 -45.45 24.98 28.44
C THR A 1168 -46.49 25.29 29.51
N TRP A 1169 -46.38 26.47 30.10
CA TRP A 1169 -47.29 26.88 31.16
C TRP A 1169 -47.97 28.20 30.82
N PRO A 1170 -49.17 28.44 31.34
CA PRO A 1170 -49.82 29.73 31.12
C PRO A 1170 -49.08 30.84 31.86
N PRO A 1171 -49.09 32.06 31.32
CA PRO A 1171 -48.39 33.17 32.00
C PRO A 1171 -48.96 33.53 33.36
N GLU A 1172 -50.14 33.03 33.71
CA GLU A 1172 -50.78 33.33 34.99
C GLU A 1172 -50.28 32.44 36.12
N THR A 1173 -49.32 31.55 35.84
CA THR A 1173 -48.77 30.67 36.86
C THR A 1173 -47.32 31.04 37.17
N LEU A 1184 -44.51 38.55 37.17
CA LEU A 1184 -43.11 38.57 37.62
C LEU A 1184 -42.91 37.65 38.81
N ASP A 1185 -42.83 36.35 38.55
CA ASP A 1185 -42.63 35.37 39.60
C ASP A 1185 -41.13 35.20 39.88
N PRO A 1186 -40.78 34.74 41.10
CA PRO A 1186 -39.36 34.61 41.45
C PRO A 1186 -38.68 33.37 40.87
N GLU A 1187 -39.43 32.28 40.76
CA GLU A 1187 -38.84 31.02 40.29
C GLU A 1187 -38.72 30.96 38.77
N VAL A 1188 -39.65 31.60 38.06
CA VAL A 1188 -39.62 31.57 36.59
C VAL A 1188 -38.35 32.22 36.07
N LEU A 1189 -37.77 33.15 36.81
CA LEU A 1189 -36.50 33.76 36.40
C LEU A 1189 -35.35 32.77 36.54
N ALA A 1190 -35.39 31.92 37.57
CA ALA A 1190 -34.42 30.84 37.68
C ALA A 1190 -34.58 29.85 36.53
N GLU A 1191 -35.82 29.53 36.17
CA GLU A 1191 -36.07 28.63 35.05
C GLU A 1191 -35.56 29.22 33.74
N ILE A 1192 -35.88 30.49 33.49
CA ILE A 1192 -35.39 31.16 32.28
C ILE A 1192 -33.88 31.20 32.26
N ASN A 1193 -33.27 31.48 33.41
CA ASN A 1193 -31.81 31.47 33.51
C ASN A 1193 -31.24 30.08 33.18
N ARG A 1194 -31.96 29.02 33.57
CA ARG A 1194 -31.55 27.67 33.22
C ARG A 1194 -31.65 27.43 31.72
N GLU A 1195 -32.74 27.93 31.10
CA GLU A 1195 -32.87 27.80 29.65
C GLU A 1195 -31.73 28.51 28.93
N ARG A 1196 -31.41 29.72 29.36
CA ARG A 1196 -30.31 30.46 28.75
C ARG A 1196 -28.98 29.75 28.96
N GLU A 1197 -28.69 29.39 30.21
CA GLU A 1197 -27.44 28.70 30.52
C GLU A 1197 -27.27 27.44 29.68
N ALA A 1198 -28.29 26.59 29.65
CA ALA A 1198 -28.18 25.34 28.90
C ALA A 1198 -28.18 25.58 27.39
N PHE A 1199 -28.77 26.69 26.94
CA PHE A 1199 -28.76 26.98 25.51
C PHE A 1199 -27.37 27.39 25.03
N LEU A 1200 -26.72 28.28 25.77
CA LEU A 1200 -25.41 28.78 25.34
C LEU A 1200 -24.28 27.82 25.72
N ALA A 1201 -24.43 27.06 26.81
CA ALA A 1201 -23.41 26.10 27.20
C ALA A 1201 -23.42 24.84 26.33
N ALA A 1202 -24.49 24.59 25.59
CA ALA A 1202 -24.52 23.51 24.61
C ALA A 1202 -23.87 23.89 23.29
N GLN A 1203 -23.28 25.09 23.20
CA GLN A 1203 -22.67 25.57 21.97
C GLN A 1203 -21.36 26.26 22.33
N GLN A 1204 -20.24 25.65 21.97
CA GLN A 1204 -18.91 26.17 22.26
C GLN A 1204 -18.36 26.85 21.01
N GLY A 1205 -18.22 28.18 21.07
CA GLY A 1205 -17.69 28.94 19.97
C GLY A 1205 -16.89 30.16 20.42
N GLU A 1210 -18.55 36.98 21.21
CA GLU A 1210 -18.69 37.35 19.81
C GLU A 1210 -19.88 38.28 19.61
N LEU A 1211 -20.47 38.24 18.42
CA LEU A 1211 -21.65 39.03 18.09
C LEU A 1211 -22.95 38.30 18.39
N PHE A 1212 -22.88 37.15 19.07
CA PHE A 1212 -24.05 36.39 19.46
C PHE A 1212 -24.68 36.90 20.76
N THR A 1213 -24.20 38.03 21.28
CA THR A 1213 -24.81 38.63 22.47
C THR A 1213 -26.29 38.95 22.27
N THR A 1214 -26.77 38.96 21.02
CA THR A 1214 -28.20 39.08 20.77
C THR A 1214 -29.01 38.04 21.53
N ILE A 1215 -28.43 36.86 21.76
CA ILE A 1215 -29.05 35.85 22.61
C ILE A 1215 -29.43 36.47 23.96
N GLU A 1216 -28.44 37.05 24.64
CA GLU A 1216 -28.69 37.72 25.92
C GLU A 1216 -29.74 38.81 25.79
N GLY A 1217 -29.89 39.40 24.61
CA GLY A 1217 -30.96 40.35 24.39
C GLY A 1217 -32.32 39.69 24.31
N ASN A 1218 -32.43 38.62 23.51
CA ASN A 1218 -33.70 37.95 23.31
C ASN A 1218 -34.24 37.32 24.59
N TYR A 1219 -33.38 37.06 25.57
CA TYR A 1219 -33.87 36.62 26.88
C TYR A 1219 -34.40 37.79 27.70
N ALA A 1220 -33.67 38.91 27.71
CA ALA A 1220 -34.20 40.14 28.31
C ALA A 1220 -35.56 40.48 27.72
N ASP A 1221 -35.61 40.73 26.40
CA ASP A 1221 -36.88 40.97 25.72
C ASP A 1221 -37.92 39.89 26.00
N ALA A 1222 -37.49 38.68 26.37
CA ALA A 1222 -38.45 37.62 26.70
C ALA A 1222 -39.17 37.92 28.01
N VAL A 1223 -38.43 38.08 29.10
CA VAL A 1223 -39.06 38.30 30.41
C VAL A 1223 -39.85 39.61 30.42
N ARG A 1224 -39.32 40.66 29.79
CA ARG A 1224 -40.06 41.91 29.67
C ARG A 1224 -41.41 41.70 29.01
N LEU A 1225 -41.50 40.76 28.06
CA LEU A 1225 -42.76 40.41 27.43
C LEU A 1225 -43.54 39.36 28.20
N LEU A 1226 -42.84 38.52 28.98
CA LEU A 1226 -43.52 37.46 29.72
C LEU A 1226 -44.26 37.99 30.95
N THR A 1227 -43.83 39.12 31.51
CA THR A 1227 -44.51 39.67 32.67
C THR A 1227 -45.85 40.29 32.31
N THR A 1228 -46.09 40.59 31.04
CA THR A 1228 -47.39 41.07 30.56
C THR A 1228 -48.21 39.86 30.13
N ALA A 1229 -49.18 39.48 30.96
CA ALA A 1229 -49.93 38.25 30.74
C ALA A 1229 -50.78 38.35 29.48
N HIS A 1230 -50.85 37.23 28.74
CA HIS A 1230 -51.63 37.18 27.51
C HIS A 1230 -52.01 35.73 27.23
N SER A 1231 -53.31 35.46 27.09
CA SER A 1231 -53.78 34.10 26.84
C SER A 1231 -55.15 34.15 26.19
N VAL A 1232 -55.45 33.12 25.39
CA VAL A 1232 -56.75 32.98 24.75
C VAL A 1232 -57.30 31.57 24.98
N PRO A 1233 -58.58 31.43 25.35
CA PRO A 1233 -59.15 30.10 25.65
C PRO A 1233 -58.91 28.99 24.62
N PHE A 1234 -58.55 29.35 23.38
CA PHE A 1234 -58.20 28.37 22.35
C PHE A 1234 -59.25 27.27 22.20
N ASP A 1235 -60.29 27.54 21.41
CA ASP A 1235 -61.45 26.64 21.34
C ASP A 1235 -61.08 25.23 20.91
N GLY A 1236 -60.05 25.07 20.09
CA GLY A 1236 -59.66 23.76 19.60
C GLY A 1236 -58.98 22.92 20.66
N LYS A 1237 -58.34 21.85 20.19
CA LYS A 1237 -57.62 20.90 21.04
C LYS A 1237 -56.15 20.84 20.61
N ALA A 1238 -55.32 20.37 21.54
CA ALA A 1238 -53.87 20.37 21.34
C ALA A 1238 -53.25 19.18 22.06
N THR A 1239 -51.94 19.00 21.87
CA THR A 1239 -51.17 17.92 22.47
C THR A 1239 -50.09 18.50 23.36
N LEU A 1240 -49.95 17.94 24.57
CA LEU A 1240 -49.10 18.50 25.60
C LEU A 1240 -48.15 17.44 26.16
N PHE A 1241 -46.89 17.81 26.32
CA PHE A 1241 -45.86 16.96 26.92
C PHE A 1241 -45.35 17.65 28.19
N VAL A 1242 -45.37 16.94 29.31
CA VAL A 1242 -45.13 17.53 30.62
C VAL A 1242 -43.89 16.88 31.23
N ALA A 1243 -43.01 17.72 31.78
CA ALA A 1243 -41.86 17.25 32.54
C ALA A 1243 -42.30 16.90 33.95
N GLU A 1244 -42.08 15.64 34.36
CA GLU A 1244 -42.60 15.16 35.63
C GLU A 1244 -41.81 15.70 36.82
N ARG A 1245 -40.50 15.92 36.65
CA ARG A 1245 -39.64 16.37 37.74
C ARG A 1245 -39.67 17.87 37.95
N THR A 1246 -40.72 18.55 37.49
CA THR A 1246 -40.84 20.00 37.65
C THR A 1246 -41.58 20.32 38.94
N LEU A 1247 -42.24 21.49 38.97
CA LEU A 1247 -42.77 22.07 40.19
C LEU A 1247 -43.96 21.27 40.71
N GLN A 1248 -44.49 21.73 41.85
CA GLN A 1248 -45.59 21.07 42.53
C GLN A 1248 -46.94 21.53 41.99
N GLU A 1249 -47.88 21.80 42.90
CA GLU A 1249 -49.25 22.20 42.58
C GLU A 1249 -49.95 21.13 41.77
N GLY A 1250 -50.74 20.28 42.44
CA GLY A 1250 -51.47 19.21 41.79
C GLY A 1250 -52.48 19.66 40.75
N MET A 1251 -52.72 20.98 40.63
CA MET A 1251 -53.50 21.54 39.54
C MET A 1251 -52.69 21.62 38.24
N SER A 1252 -51.67 20.77 38.11
CA SER A 1252 -50.78 20.61 36.97
C SER A 1252 -51.56 20.57 35.66
N PRO A 1253 -50.91 20.84 34.49
CA PRO A 1253 -51.64 21.27 33.28
C PRO A 1253 -53.06 20.79 33.06
N GLU A 1254 -53.39 19.57 33.51
CA GLU A 1254 -54.75 19.06 33.32
C GLU A 1254 -55.79 20.02 33.89
N ARG A 1255 -55.48 20.67 35.01
CA ARG A 1255 -56.34 21.69 35.57
C ARG A 1255 -55.84 23.11 35.28
N ALA A 1256 -54.53 23.27 35.03
CA ALA A 1256 -53.98 24.59 34.76
C ALA A 1256 -54.33 25.08 33.37
N TRP A 1257 -54.38 24.19 32.38
CA TRP A 1257 -54.78 24.53 31.03
C TRP A 1257 -56.26 24.27 30.77
N SER A 1258 -57.03 23.88 31.78
CA SER A 1258 -58.43 23.53 31.57
C SER A 1258 -59.27 24.66 30.98
N PRO A 1259 -59.19 25.92 31.47
CA PRO A 1259 -59.93 26.99 30.79
C PRO A 1259 -59.19 27.52 29.57
N TRP A 1260 -58.43 26.65 28.92
CA TRP A 1260 -57.73 26.98 27.68
C TRP A 1260 -57.67 25.78 26.74
N GLU A 1263 -59.84 20.50 25.80
CA GLU A 1263 -59.47 19.16 25.36
C GLU A 1263 -57.97 19.07 25.04
N LEU A 1264 -57.27 18.18 25.74
CA LEU A 1264 -55.84 18.00 25.52
C LEU A 1264 -55.43 16.65 26.09
N ASP A 1265 -54.27 16.16 25.64
CA ASP A 1265 -53.70 14.90 26.09
C ASP A 1265 -52.26 15.13 26.54
N ILE A 1266 -51.89 14.49 27.65
CA ILE A 1266 -50.62 14.76 28.31
C ILE A 1266 -49.77 13.49 28.34
N TYR A 1267 -48.48 13.66 28.07
CA TYR A 1267 -47.48 12.61 28.17
C TYR A 1267 -46.43 13.02 29.19
N ARG A 1268 -46.03 12.09 30.06
CA ARG A 1268 -45.19 12.38 31.21
C ARG A 1268 -43.87 11.63 31.08
N GLN A 1269 -42.77 12.39 30.99
CA GLN A 1269 -41.42 11.86 31.04
C GLN A 1269 -40.70 12.47 32.23
N ASP A 1270 -39.64 11.79 32.70
CA ASP A 1270 -38.87 12.24 33.85
C ASP A 1270 -37.75 13.15 33.37
N CYS A 1271 -37.98 14.46 33.47
CA CYS A 1271 -36.99 15.44 33.05
C CYS A 1271 -37.33 16.79 33.68
N ALA A 1272 -36.38 17.70 33.60
CA ALA A 1272 -36.60 19.07 34.03
C ALA A 1272 -37.27 19.86 32.91
N HIS A 1273 -37.58 21.14 33.20
CA HIS A 1273 -38.09 22.01 32.15
C HIS A 1273 -37.07 22.26 31.05
N VAL A 1274 -35.79 22.09 31.35
CA VAL A 1274 -34.74 22.27 30.36
C VAL A 1274 -34.52 21.00 29.53
N ASP A 1275 -34.65 19.83 30.13
CA ASP A 1275 -34.36 18.56 29.46
C ASP A 1275 -35.49 18.08 28.56
N ILE A 1276 -36.69 18.67 28.68
CA ILE A 1276 -37.82 18.23 27.85
C ILE A 1276 -37.57 18.46 26.37
N ILE A 1277 -36.67 19.39 26.04
CA ILE A 1277 -36.31 19.64 24.64
C ILE A 1277 -34.99 18.97 24.27
N SER A 1278 -34.29 18.36 25.23
CA SER A 1278 -33.02 17.70 24.95
C SER A 1278 -33.23 16.50 24.04
N PRO A 1279 -32.19 16.07 23.33
CA PRO A 1279 -32.32 14.87 22.48
C PRO A 1279 -32.78 13.64 23.23
N GLY A 1280 -32.37 13.47 24.49
CA GLY A 1280 -32.74 12.27 25.23
C GLY A 1280 -34.25 12.14 25.41
N THR A 1281 -34.94 13.27 25.58
CA THR A 1281 -36.39 13.23 25.65
C THR A 1281 -37.03 13.11 24.28
N PHE A 1282 -36.44 13.74 23.26
CA PHE A 1282 -36.94 13.60 21.89
C PHE A 1282 -36.82 12.18 21.38
N GLU A 1283 -35.97 11.35 22.01
CA GLU A 1283 -35.96 9.91 21.73
C GLU A 1283 -37.29 9.25 22.02
N LYS A 1284 -38.17 9.90 22.77
CA LYS A 1284 -39.54 9.46 23.00
C LYS A 1284 -40.58 10.41 22.42
N ILE A 1285 -40.37 11.71 22.58
CA ILE A 1285 -41.33 12.71 22.09
C ILE A 1285 -41.44 12.65 20.57
N GLY A 1286 -40.30 12.49 19.89
CA GLY A 1286 -40.26 12.44 18.45
C GLY A 1286 -41.21 11.42 17.84
N PRO A 1287 -41.04 10.15 18.21
CA PRO A 1287 -41.99 9.12 17.74
C PRO A 1287 -43.44 9.44 18.09
N ILE A 1288 -43.70 10.00 19.27
CA ILE A 1288 -45.05 10.37 19.64
C ILE A 1288 -45.58 11.45 18.70
N ILE A 1289 -44.76 12.47 18.42
CA ILE A 1289 -45.18 13.55 17.54
C ILE A 1289 -45.50 13.01 16.15
N ARG A 1290 -44.59 12.19 15.59
CA ARG A 1290 -44.84 11.62 14.27
C ARG A 1290 -46.11 10.78 14.25
N ALA A 1291 -46.30 9.94 15.29
CA ALA A 1291 -47.51 9.13 15.37
C ALA A 1291 -48.76 9.99 15.48
N THR A 1292 -48.63 11.20 16.04
CA THR A 1292 -49.76 12.11 16.12
C THR A 1292 -50.01 12.81 14.78
N LEU A 1293 -48.97 13.04 14.00
CA LEU A 1293 -49.07 13.74 12.73
C LEU A 1293 -49.47 12.86 11.56
N ASN A 1294 -49.66 11.56 11.79
CA ASN A 1294 -49.96 10.62 10.71
C ASN A 1294 -51.27 10.94 10.01
N HIS B 2 11.70 -2.72 -8.92
CA HIS B 2 12.44 -2.26 -10.09
C HIS B 2 12.36 -3.29 -11.21
N MET B 3 11.15 -3.75 -11.50
CA MET B 3 10.96 -4.79 -12.51
C MET B 3 11.05 -4.22 -13.92
N THR B 4 10.39 -3.09 -14.16
CA THR B 4 10.24 -2.51 -15.50
C THR B 4 9.65 -3.55 -16.44
N SER B 5 8.33 -3.73 -16.40
CA SER B 5 7.67 -4.80 -17.13
C SER B 5 7.88 -4.64 -18.64
N VAL B 6 7.79 -5.78 -19.35
CA VAL B 6 7.99 -5.79 -20.79
C VAL B 6 6.94 -4.93 -21.49
N PHE B 7 5.69 -5.01 -21.02
CA PHE B 7 4.61 -4.24 -21.61
C PHE B 7 4.80 -2.74 -21.45
N ASP B 8 5.57 -2.31 -20.45
CA ASP B 8 5.89 -0.91 -20.27
C ASP B 8 7.07 -0.47 -21.13
N ARG B 9 7.82 -1.41 -21.68
CA ARG B 9 9.00 -1.10 -22.49
C ARG B 9 8.60 -0.93 -23.94
N ASP B 10 9.04 0.17 -24.55
CA ASP B 10 8.87 0.41 -25.97
C ASP B 10 10.05 -0.10 -26.79
N ASP B 11 11.15 -0.46 -26.15
CA ASP B 11 12.32 -1.01 -26.85
C ASP B 11 12.06 -2.38 -27.46
N ILE B 12 10.96 -3.05 -27.09
CA ILE B 12 10.65 -4.38 -27.58
C ILE B 12 9.48 -4.29 -28.56
N GLN B 13 9.32 -5.32 -29.37
CA GLN B 13 8.31 -5.37 -30.42
C GLN B 13 7.23 -6.38 -30.03
N PHE B 14 5.97 -5.96 -30.08
CA PHE B 14 4.84 -6.80 -29.74
C PHE B 14 4.07 -7.21 -31.00
N GLN B 15 2.92 -7.85 -30.79
CA GLN B 15 2.03 -8.27 -31.86
C GLN B 15 0.61 -8.27 -31.31
N VAL B 16 -0.36 -8.05 -32.20
CA VAL B 16 -1.77 -7.92 -31.81
C VAL B 16 -2.44 -9.29 -31.86
N VAL B 17 -3.12 -9.65 -30.78
CA VAL B 17 -3.80 -10.94 -30.65
C VAL B 17 -5.27 -10.71 -30.34
N VAL B 18 -6.11 -11.66 -30.76
CA VAL B 18 -7.56 -11.56 -30.66
C VAL B 18 -8.12 -12.87 -30.13
N ASN B 19 -9.11 -12.78 -29.25
CA ASN B 19 -9.77 -13.95 -28.68
C ASN B 19 -11.03 -14.27 -29.49
N HIS B 20 -11.94 -15.05 -28.90
CA HIS B 20 -13.20 -15.39 -29.56
C HIS B 20 -14.23 -14.28 -29.41
N GLU B 21 -14.17 -13.51 -28.34
CA GLU B 21 -15.02 -12.34 -28.15
C GLU B 21 -14.53 -11.13 -28.94
N GLU B 22 -13.56 -11.32 -29.82
CA GLU B 22 -12.98 -10.24 -30.64
C GLU B 22 -12.39 -9.13 -29.79
N GLN B 23 -11.89 -9.48 -28.61
CA GLN B 23 -11.21 -8.53 -27.74
C GLN B 23 -9.71 -8.53 -28.06
N TYR B 24 -9.18 -7.34 -28.33
CA TYR B 24 -7.80 -7.20 -28.78
C TYR B 24 -6.85 -7.03 -27.61
N SER B 25 -5.59 -7.41 -27.84
CA SER B 25 -4.55 -7.31 -26.82
C SER B 25 -3.19 -7.33 -27.51
N ILE B 26 -2.16 -6.93 -26.76
CA ILE B 26 -0.78 -6.96 -27.23
C ILE B 26 -0.06 -8.11 -26.55
N TRP B 27 0.97 -8.63 -27.24
CA TRP B 27 1.70 -9.78 -26.71
C TRP B 27 3.12 -9.77 -27.24
N PRO B 28 4.10 -10.17 -26.41
CA PRO B 28 5.49 -10.23 -26.88
C PRO B 28 5.64 -11.12 -28.10
N GLU B 29 6.43 -10.63 -29.07
CA GLU B 29 6.59 -11.36 -30.33
C GLU B 29 7.39 -12.64 -30.15
N TYR B 30 8.39 -12.63 -29.27
CA TYR B 30 9.22 -13.82 -29.07
C TYR B 30 8.51 -14.91 -28.28
N LYS B 31 7.29 -14.67 -27.81
CA LYS B 31 6.55 -15.64 -27.03
C LYS B 31 5.41 -16.24 -27.86
N GLU B 32 5.05 -17.47 -27.51
CA GLU B 32 4.00 -18.20 -28.22
C GLU B 32 2.64 -17.60 -27.87
N ILE B 33 1.79 -17.46 -28.88
CA ILE B 33 0.46 -16.87 -28.70
C ILE B 33 -0.37 -17.76 -27.79
N PRO B 34 -0.92 -17.21 -26.70
CA PRO B 34 -1.66 -18.04 -25.74
C PRO B 34 -2.85 -18.76 -26.36
N GLN B 35 -3.16 -19.93 -25.82
CA GLN B 35 -4.28 -20.72 -26.30
C GLN B 35 -5.58 -19.94 -26.19
N GLY B 36 -6.43 -20.06 -27.21
CA GLY B 36 -7.64 -19.27 -27.29
C GLY B 36 -7.45 -17.89 -27.89
N TRP B 37 -6.27 -17.58 -28.42
CA TRP B 37 -5.97 -16.29 -28.99
C TRP B 37 -5.35 -16.48 -30.37
N ARG B 38 -5.54 -15.49 -31.25
CA ARG B 38 -5.04 -15.55 -32.61
C ARG B 38 -4.52 -14.18 -33.02
N ALA B 39 -3.53 -14.19 -33.90
CA ALA B 39 -2.95 -12.94 -34.38
C ALA B 39 -3.90 -12.25 -35.34
N ALA B 40 -4.01 -10.93 -35.20
CA ALA B 40 -4.88 -10.13 -36.05
C ALA B 40 -4.18 -9.58 -37.29
N GLY B 41 -2.91 -9.89 -37.48
CA GLY B 41 -2.18 -9.38 -38.63
C GLY B 41 -1.39 -8.10 -38.39
N LYS B 42 -0.93 -7.87 -37.16
CA LYS B 42 -0.18 -6.67 -36.84
C LYS B 42 0.89 -6.99 -35.82
N SER B 43 2.09 -6.46 -36.05
CA SER B 43 3.22 -6.66 -35.14
C SER B 43 4.07 -5.39 -35.17
N GLY B 44 5.28 -5.50 -34.63
CA GLY B 44 6.19 -4.38 -34.62
C GLY B 44 6.23 -3.64 -33.29
N LEU B 45 6.64 -2.38 -33.38
CA LEU B 45 6.85 -1.55 -32.19
C LEU B 45 5.58 -1.48 -31.34
N LYS B 46 5.77 -1.24 -30.05
CA LYS B 46 4.66 -1.26 -29.10
C LYS B 46 3.62 -0.20 -29.44
N LYS B 47 4.05 1.06 -29.52
CA LYS B 47 3.13 2.14 -29.84
C LYS B 47 2.47 1.94 -31.19
N ASP B 48 3.15 1.30 -32.13
CA ASP B 48 2.56 1.01 -33.43
C ASP B 48 1.41 0.02 -33.29
N CYS B 49 1.64 -1.10 -32.61
CA CYS B 49 0.58 -2.08 -32.39
C CYS B 49 -0.59 -1.45 -31.65
N LEU B 50 -0.31 -0.62 -30.65
CA LEU B 50 -1.37 0.04 -29.90
C LEU B 50 -2.17 0.98 -30.79
N ALA B 51 -1.49 1.75 -31.64
CA ALA B 51 -2.18 2.63 -32.58
C ALA B 51 -3.02 1.84 -33.57
N TYR B 52 -2.56 0.66 -33.96
CA TYR B 52 -3.38 -0.23 -34.78
C TYR B 52 -4.66 -0.62 -34.06
N ILE B 53 -4.52 -1.16 -32.83
CA ILE B 53 -5.67 -1.55 -32.02
C ILE B 53 -6.65 -0.39 -31.89
N GLU B 54 -6.13 0.84 -31.81
CA GLU B 54 -6.99 2.01 -31.64
C GLU B 54 -8.02 2.11 -32.74
N GLU B 55 -7.60 1.94 -34.00
CA GLU B 55 -8.52 2.10 -35.11
C GLU B 55 -9.28 0.81 -35.42
N VAL B 56 -8.69 -0.36 -35.16
CA VAL B 56 -9.37 -1.60 -35.49
C VAL B 56 -10.47 -1.90 -34.48
N TRP B 57 -10.17 -1.78 -33.19
CA TRP B 57 -11.15 -2.07 -32.14
C TRP B 57 -12.09 -0.88 -32.04
N THR B 58 -13.30 -1.04 -32.60
CA THR B 58 -14.30 0.01 -32.61
C THR B 58 -15.46 -0.23 -31.66
N ASP B 59 -15.96 -1.46 -31.60
CA ASP B 59 -17.09 -1.80 -30.74
C ASP B 59 -16.54 -2.54 -29.52
N MET B 60 -16.49 -1.83 -28.39
CA MET B 60 -15.89 -2.39 -27.18
C MET B 60 -16.69 -3.56 -26.62
N ARG B 61 -17.90 -3.77 -27.09
CA ARG B 61 -18.73 -4.84 -26.53
C ARG B 61 -18.13 -6.20 -26.87
N PRO B 62 -18.21 -7.16 -25.96
CA PRO B 62 -17.83 -8.54 -26.31
C PRO B 62 -18.75 -9.10 -27.38
N LEU B 63 -18.20 -10.01 -28.19
CA LEU B 63 -18.95 -10.53 -29.34
C LEU B 63 -20.27 -11.16 -28.92
N SER B 64 -20.25 -11.94 -27.83
CA SER B 64 -21.45 -12.66 -27.40
C SER B 64 -22.56 -11.74 -26.94
N LEU B 65 -22.25 -10.48 -26.61
CA LEU B 65 -23.23 -9.51 -26.19
C LEU B 65 -23.67 -8.57 -27.31
N ARG B 66 -23.10 -8.74 -28.51
CA ARG B 66 -23.45 -7.89 -29.64
C ARG B 66 -24.78 -8.29 -30.26
N GLN B 67 -24.98 -9.59 -30.49
CA GLN B 67 -26.23 -10.06 -31.09
C GLN B 67 -27.42 -9.80 -30.16
N HIS B 68 -27.22 -9.91 -28.85
CA HIS B 68 -28.28 -9.58 -27.91
C HIS B 68 -28.59 -8.09 -27.89
N MET B 69 -27.66 -7.26 -28.36
CA MET B 69 -27.87 -5.81 -28.44
C MET B 69 -28.54 -5.43 -29.74
O1 75C C . -3.21 13.72 1.33
C1 75C C . -2.38 -1.75 -1.91
C2 75C C . -2.79 -3.14 -0.02
C3 75C C . -4.39 -1.37 -2.65
O2 75C C . -2.56 -0.75 -7.47
C4 75C C . -8.77 1.67 -4.40
N1 75C C . -5.70 1.96 -5.60
S1 75C C . -7.04 2.34 -6.38
C5 75C C . -8.29 1.38 -5.84
N2 75C C . -1.46 -3.19 0.20
C6 75C C . -0.61 -2.54 -0.61
N3 75C C . -9.66 -0.59 -4.79
O3 75C C . -0.86 -0.84 -5.58
C7 75C C . -5.24 0.65 -6.07
N4 75C C . -1.05 -1.82 -1.65
C8 75C C . -3.28 -2.41 -1.09
N5 75C C . -3.64 -3.80 0.80
N6 75C C . -4.51 -2.17 -1.56
N7 75C C . -3.09 -1.11 -2.85
C9 75C C . -9.33 0.40 -3.73
C10 75C C . -8.47 -0.26 -2.65
S2 75C C . -7.50 2.42 -3.43
P1 75C C . -4.43 14.79 2.18
C11 75C C . -8.19 3.38 -2.12
O4 75C C . -7.31 3.75 -6.23
C12 75C C . -9.03 4.54 -2.64
O5 75C C . -6.82 2.07 -7.78
O6 75C C . -5.40 16.00 1.19
N8 75C C . -8.46 5.73 -2.01
C13 75C C . -8.80 6.29 -0.93
O7 75C C . -9.72 5.91 -0.22
O8 75C C . -5.54 13.77 3.03
C14 75C C . -8.00 7.52 -0.53
C15 75C C . -8.60 8.15 0.72
N9 75C C . -7.78 9.33 0.99
C16 75C C . -8.13 10.36 1.63
O9 75C C . -9.23 10.50 2.12
C17 75C C . -7.08 11.43 1.76
O10 75C C . -5.96 11.07 0.95
C18 75C C . -6.60 11.61 3.20
C19 75C C . -5.28 12.38 3.19
C20 75C C . -7.62 12.39 4.01
C21 75C C . -6.38 10.26 3.85
O11 75C C . -9.34 -1.17 -1.98
C22 75C C . -2.51 -0.28 -3.94
C23 75C C . -2.17 -1.17 -5.12
C24 75C C . -3.19 -0.84 -6.19
C25 75C C . -3.74 0.52 -5.78
O12 75C C . -3.49 0.66 -4.38
C03 BU9 D . -1.98 1.58 -19.72
C04 BU9 D . -0.59 1.87 -20.23
O06 BU9 D . -0.09 0.70 -20.83
C05 BU9 D . 0.36 2.25 -19.12
C01 BU9 D . 1.75 2.60 -19.63
O6 BU9 D . -0.17 3.38 -18.47
C03 BU9 E . 49.93 -20.22 18.96
C04 BU9 E . 48.95 -20.81 17.99
O06 BU9 E . 47.75 -21.07 18.69
C05 BU9 E . 49.44 -22.12 17.38
C01 BU9 E . 48.57 -22.60 16.23
O6 BU9 E . 50.74 -21.91 16.89
#